data_6VPC
#
_entry.id   6VPC
#
_cell.length_a   1.00
_cell.length_b   1.00
_cell.length_c   1.00
_cell.angle_alpha   90.00
_cell.angle_beta   90.00
_cell.angle_gamma   90.00
#
_symmetry.space_group_name_H-M   'P 1'
#
loop_
_entity.id
_entity.type
_entity.pdbx_description
1 polymer 'Cas9 (SpCas9) single-guide RNA (sgRNA)'
2 polymer 'CRISPR-associated endonuclease Cas9'
3 polymer 'DNA target strand (TS)'
4 polymer 'DNA non-target strand (NTS)'
5 polymer 't-RNA adenine deaminase A v8e (TadA-8e)'
6 non-polymer 'MAGNESIUM ION'
7 non-polymer 'ZINC ION'
#
loop_
_entity_poly.entity_id
_entity_poly.type
_entity_poly.pdbx_seq_one_letter_code
_entity_poly.pdbx_strand_id
1 'polyribonucleotide'
;GGUUCCACUUUCUUAGACUGAGUUUUAGAGCUAGAAAUAGCAAGUUAAAAUAAGGCUAGUCCGUUAUCAACUUGAAAAAG
UG
;
A
2 'polypeptide(L)'
;KYSIGLAIGTNSVGWAVITDEYKVPSKKFKVLGNTDRHSIKKNLIGALLFDSGETAEATRLKRTARRRYTRRKNRICYLQ
EIFSNEMAKVDDSFFHRLEESFLVEEDKKHERHPIFGNIVDEVAYHEKYPTIYHLRKKLVDSTDKADLRLIYLALAHMIK
FRGHFLIEGDLNPDNSDVDKLFIQLVQTYNQLFEENPINASGVDAKAILSARLSKSRRLENLIAQLPGEKKNGLFGNLIA
LSLGLTPNFKSNFDLAEDAKLQLSKDTYDDDLDNLLAQIGDQYADLFLAAKNLSDAILLSDILRVNTEITKAPLSASMIK
RYDEHHQDLTLLKALVRQQLPEKYKEIFFDQSKNGYAGYIDGGASQEEFYKFIKPILEKMDGTEELLVKLNREDLLRKQR
TFDNGSIPHQIHLGELHAILRRQEDFYPFLKDNREKIEKILTFRIPYYVGPLARGNSRFAWMTRKSEETITPWNFEEVVD
KGASAQSFIERMTNFDKNLPNEKVLPKHSLLYEYFTVYNELTKVKYVTEGMRKPAFLSGEQKKAIVDLLFKTNRKVTVKQ
LKEDYFKKIECFDSVEISGVEDRFNASLGTYHDLLKIIKDKDFLDNEENEDILEDIVLTLTLFEDREMIEERLKTYAHLF
DDKVMKQLKRRRYTGWGRLSRKLINGIRDKQSGKTILDFLKSDGFANRNFMQLIHDDSLTFKEDIQKAQVSGQGDSLHEH
IANLAGSPAIKKGILQTVKVVDELVKVMGRHKPENIVIEMARENQTTQKGQKNSRERMKRIEEGIKELGSQILKEHPVEN
TQLQNEKLYLYYLQNGRDMYVDQELDINRLSDYDVDAIVPQSFLKDDSIDNKVLTRSDKNRGKSDNVPSEEVVKKMKNYW
RQLLNAKLITQRKFDNLTKAERGGLSELDKAGFIKRQLVETRQITKHVAQILDSRMNTKYDENDKLIREVKVITLKSKLV
SDFRKDFQFYKVREINNYHHAHDAYLNAVVGTALIKKYPKLESEFVYGDYKVYDVRKMIAKSEQEIGKATAKYFFYSNIM
NFFKTEITLANGEIRKRPLIETNGETGEIVWDKGRDFATVRKVLSMPQVNIVKKTEVQTGGFSKESILPKRNSDKLIARK
KDWDPKKYGGFDSPTVAYSVLVVAKVEKGKSKKLKSVKELLGITIMERSSFEKNPIDFLEAKGYKEVKKDLIIKLPKYSL
FELENGRKRMLASAGELQKGNELALPSKYVNFLYLASHYEKLKGSPEDNEQKQLFVEQHKHYLDEIIEQISEFSKRVILA
DANLDKVLSAYNKHRDKPIREQAENIIHLFTLTNLGAPAAFKYFDTTIDRKRYTSTKEVLDATLIHQSITGLYETRIDLS
Q
;
B
3 'polydeoxyribonucleotide'
;(DC)(DT)(DA)(DA)(DT)(DC)(DG)(DC)(DC)(DC)(DT)(DC)(DA)(DG)(DT)(DC)(DT)(DA)(DA)(DG)
(DA)(DA)(DA)(DG)(DT)(DG)(DG)(DA)(DA)(DC)(DA)(DC)(DG)(DG)(DT)(DC)(DG)(DG)(DA)(DG)
(DC)(DC)(DA)(DC)(DC)(DG)(DA)(DT)(DC)(DG)
;
C
4 'polydeoxyribonucleotide'
;(DC)(DG)(DA)(DT)(DC)(DG)(DG)(DT)(DG)(DG)(DC)(DT)(DC)(DC)(DG)(DA)(DC)(DC)(DG)(DT)
(DG)(DT)(DT)(DC)(DC)(8AZ)(DC)(DT)(DT)(DT)(DC)(DT)(DT)(DA)(DG)(DA)(DC)(DT)(DG)
(DA)(DG)(DG)(DG)(DC)(DG)(DA)(DT)(DT)(DA)(DG)
;
D
5 'polypeptide(L)'
;MGSSHHHHHHMKRTADGSEFESPKKKRKVSEVEFSHEYWMRHALTLAKRARDEREVPVGAVLVLNNRVIGEGWNRAIGLH
DPTAHAEIMALRQGGLVMQNYRLIDATLYVTFEPCVMCAGAMIHSRIGRVVFGVRNSKRGAAGSLMNVLNYPGMNHRVEI
TEGILADECAALLCDFYRMPRQVFNAQKKAQSSINSGGSSGGSSGSETPGTSESATPESSGGSSGGS
;
E,F
#
# COMPACT_ATOMS: atom_id res chain seq x y z
N LYS B 1 27.02 -2.64 -22.47
CA LYS B 1 27.14 -4.06 -22.76
C LYS B 1 26.01 -4.86 -22.10
N TYR B 2 25.80 -4.64 -20.81
CA TYR B 2 24.86 -5.44 -20.03
C TYR B 2 23.99 -4.56 -19.15
N SER B 3 22.77 -5.02 -18.92
CA SER B 3 21.84 -4.41 -17.99
C SER B 3 21.43 -5.43 -16.93
N ILE B 4 20.98 -4.92 -15.78
CA ILE B 4 20.55 -5.75 -14.66
C ILE B 4 19.07 -5.55 -14.43
N GLY B 5 18.34 -6.67 -14.30
CA GLY B 5 16.94 -6.69 -13.96
C GLY B 5 16.75 -7.13 -12.52
N LEU B 6 15.89 -6.42 -11.79
CA LEU B 6 15.67 -6.67 -10.38
C LEU B 6 14.18 -6.67 -10.07
N ALA B 7 13.77 -7.61 -9.21
CA ALA B 7 12.39 -7.71 -8.75
C ALA B 7 12.42 -7.74 -7.23
N ILE B 8 11.97 -6.64 -6.60
CA ILE B 8 12.11 -6.41 -5.18
C ILE B 8 10.79 -6.74 -4.48
N GLY B 9 10.83 -7.73 -3.58
CA GLY B 9 9.64 -8.14 -2.85
C GLY B 9 9.92 -8.17 -1.36
N THR B 10 8.87 -8.52 -0.61
CA THR B 10 8.99 -8.54 0.85
C THR B 10 9.74 -9.78 1.35
N ASN B 11 9.73 -10.87 0.59
CA ASN B 11 10.40 -12.10 1.01
C ASN B 11 11.36 -12.62 -0.05
N SER B 12 11.62 -11.86 -1.11
CA SER B 12 12.41 -12.34 -2.23
C SER B 12 12.96 -11.15 -3.00
N VAL B 13 14.16 -11.29 -3.53
CA VAL B 13 14.74 -10.34 -4.47
C VAL B 13 15.27 -11.12 -5.66
N GLY B 14 14.52 -11.10 -6.77
CA GLY B 14 14.98 -11.74 -7.99
C GLY B 14 15.96 -10.84 -8.74
N TRP B 15 16.96 -11.47 -9.36
CA TRP B 15 17.96 -10.71 -10.11
C TRP B 15 18.36 -11.48 -11.36
N ALA B 16 18.67 -10.72 -12.41
CA ALA B 16 19.13 -11.28 -13.67
C ALA B 16 20.01 -10.27 -14.37
N VAL B 17 20.92 -10.77 -15.21
CA VAL B 17 21.80 -9.93 -16.02
C VAL B 17 21.60 -10.31 -17.48
N ILE B 18 21.32 -9.31 -18.32
CA ILE B 18 21.08 -9.56 -19.74
C ILE B 18 22.03 -8.70 -20.56
N THR B 19 22.26 -9.15 -21.79
CA THR B 19 23.13 -8.46 -22.74
C THR B 19 22.30 -7.71 -23.78
N ASP B 20 23.01 -7.10 -24.74
CA ASP B 20 22.37 -6.32 -25.79
C ASP B 20 21.33 -7.13 -26.57
N GLU B 21 21.54 -8.44 -26.71
CA GLU B 21 20.62 -9.30 -27.44
C GLU B 21 19.76 -10.17 -26.51
N TYR B 22 19.50 -9.67 -25.31
CA TYR B 22 18.59 -10.32 -24.35
C TYR B 22 19.06 -11.72 -23.95
N LYS B 23 20.37 -11.96 -24.05
CA LYS B 23 20.97 -13.21 -23.60
C LYS B 23 21.49 -13.02 -22.18
N VAL B 24 21.40 -14.07 -21.38
CA VAL B 24 21.97 -14.08 -20.04
C VAL B 24 23.32 -14.80 -20.10
N PRO B 25 24.42 -14.11 -19.79
CA PRO B 25 25.75 -14.75 -19.89
C PRO B 25 25.87 -15.97 -18.99
N SER B 26 26.69 -16.91 -19.42
CA SER B 26 27.03 -18.08 -18.61
C SER B 26 28.54 -18.05 -18.39
N LYS B 27 28.96 -18.06 -17.12
CA LYS B 27 30.37 -17.89 -16.80
C LYS B 27 30.87 -19.06 -15.95
N LYS B 28 32.16 -19.34 -16.05
CA LYS B 28 32.78 -20.38 -15.23
C LYS B 28 33.39 -19.72 -13.99
N PHE B 29 32.89 -20.10 -12.81
CA PHE B 29 33.38 -19.54 -11.56
C PHE B 29 34.22 -20.57 -10.83
N LYS B 30 35.30 -20.10 -10.20
CA LYS B 30 36.17 -20.95 -9.42
C LYS B 30 35.46 -21.41 -8.16
N VAL B 31 35.64 -22.69 -7.82
CA VAL B 31 35.09 -23.26 -6.59
C VAL B 31 36.24 -23.48 -5.62
N LEU B 32 36.13 -22.90 -4.43
CA LEU B 32 37.15 -23.05 -3.41
C LEU B 32 36.82 -24.22 -2.49
N GLY B 33 37.80 -24.57 -1.65
CA GLY B 33 37.65 -25.60 -0.65
C GLY B 33 38.58 -26.77 -0.89
N ASN B 34 38.34 -27.85 -0.14
CA ASN B 34 39.15 -29.05 -0.20
C ASN B 34 38.50 -30.16 -1.02
N THR B 35 37.60 -29.81 -1.93
CA THR B 35 36.77 -30.80 -2.61
C THR B 35 37.36 -31.16 -3.97
N ASP B 36 36.63 -32.02 -4.69
CA ASP B 36 37.05 -32.45 -6.02
C ASP B 36 36.91 -31.35 -7.06
N ARG B 37 35.72 -30.73 -7.13
CA ARG B 37 35.46 -29.74 -8.16
C ARG B 37 36.33 -28.51 -7.97
N HIS B 38 36.83 -27.98 -9.09
CA HIS B 38 37.62 -26.76 -9.11
C HIS B 38 36.89 -25.57 -9.72
N SER B 39 35.75 -25.80 -10.38
CA SER B 39 35.01 -24.74 -11.04
C SER B 39 33.62 -25.25 -11.38
N ILE B 40 32.71 -24.32 -11.63
CA ILE B 40 31.35 -24.65 -12.05
C ILE B 40 30.85 -23.56 -12.99
N LYS B 41 30.17 -23.97 -14.07
CA LYS B 41 29.54 -22.99 -14.94
C LYS B 41 28.20 -22.58 -14.34
N LYS B 42 27.93 -21.28 -14.32
CA LYS B 42 26.70 -20.74 -13.77
C LYS B 42 26.09 -19.68 -14.69
N ASN B 43 24.77 -19.76 -14.87
CA ASN B 43 24.04 -18.68 -15.51
C ASN B 43 23.89 -17.52 -14.53
N LEU B 44 23.93 -16.30 -15.05
CA LEU B 44 23.83 -15.09 -14.22
C LEU B 44 22.37 -14.71 -13.96
N ILE B 45 21.62 -15.64 -13.38
CA ILE B 45 20.25 -15.38 -12.97
C ILE B 45 19.97 -16.12 -11.66
N GLY B 46 19.15 -15.51 -10.79
CA GLY B 46 18.85 -16.14 -9.53
C GLY B 46 17.91 -15.29 -8.69
N ALA B 47 17.74 -15.69 -7.43
CA ALA B 47 16.86 -14.96 -6.52
C ALA B 47 17.25 -15.24 -5.08
N LEU B 48 17.36 -14.18 -4.28
CA LEU B 48 17.63 -14.28 -2.85
C LEU B 48 16.33 -14.39 -2.07
N LEU B 49 16.25 -15.37 -1.16
CA LEU B 49 15.10 -15.52 -0.29
C LEU B 49 15.48 -15.26 1.17
N PHE B 50 14.53 -14.70 1.93
CA PHE B 50 14.78 -14.39 3.33
C PHE B 50 13.45 -14.25 4.07
N ASP B 51 13.46 -14.64 5.35
CA ASP B 51 12.30 -14.46 6.20
C ASP B 51 11.94 -12.98 6.40
N SER B 52 10.65 -12.74 6.60
CA SER B 52 10.12 -11.38 6.77
C SER B 52 10.77 -10.65 7.94
N GLY B 53 10.99 -9.35 7.77
CA GLY B 53 11.37 -8.48 8.88
C GLY B 53 10.18 -8.13 9.76
N GLU B 54 10.43 -8.09 11.08
CA GLU B 54 9.37 -7.89 12.06
C GLU B 54 9.45 -6.49 12.67
N THR B 55 8.29 -5.96 13.03
CA THR B 55 8.19 -4.68 13.73
C THR B 55 8.71 -4.76 15.16
N ALA B 56 8.94 -3.58 15.75
CA ALA B 56 9.43 -3.43 17.12
C ALA B 56 8.33 -3.42 18.17
N GLU B 57 7.08 -3.69 17.76
CA GLU B 57 5.93 -3.55 18.66
C GLU B 57 6.03 -4.46 19.89
N ALA B 58 6.12 -5.76 19.66
CA ALA B 58 6.19 -6.73 20.75
C ALA B 58 7.29 -6.43 21.75
N THR B 59 8.47 -6.01 21.26
CA THR B 59 9.53 -5.62 22.19
C THR B 59 9.09 -4.48 23.08
N ARG B 60 8.41 -3.48 22.51
CA ARG B 60 7.92 -2.34 23.29
C ARG B 60 6.94 -2.79 24.36
N LEU B 61 5.95 -3.61 23.97
CA LEU B 61 4.99 -4.16 24.91
C LEU B 61 5.68 -4.89 26.06
N LYS B 62 6.59 -5.81 25.74
CA LYS B 62 7.34 -6.54 26.75
C LYS B 62 8.05 -5.59 27.71
N ARG B 63 8.74 -4.60 27.15
CA ARG B 63 9.51 -3.65 27.96
C ARG B 63 8.61 -2.89 28.92
N THR B 64 7.53 -2.30 28.42
CA THR B 64 6.60 -1.57 29.26
C THR B 64 6.01 -2.47 30.36
N ALA B 65 5.63 -3.71 30.01
CA ALA B 65 5.14 -4.64 31.03
C ALA B 65 6.19 -4.87 32.12
N ARG B 66 7.45 -5.08 31.72
CA ARG B 66 8.54 -5.22 32.68
C ARG B 66 8.57 -4.04 33.64
N ARG B 67 8.65 -2.83 33.09
CA ARG B 67 8.66 -1.62 33.91
C ARG B 67 7.49 -1.58 34.89
N ARG B 68 6.29 -1.93 34.42
CA ARG B 68 5.12 -1.98 35.29
C ARG B 68 5.35 -2.93 36.46
N TYR B 69 5.81 -4.14 36.17
CA TYR B 69 6.07 -5.13 37.21
C TYR B 69 7.04 -4.59 38.26
N THR B 70 8.18 -4.06 37.80
CA THR B 70 9.17 -3.56 38.74
C THR B 70 8.62 -2.42 39.59
N ARG B 71 7.84 -1.52 39.00
CA ARG B 71 7.28 -0.41 39.75
C ARG B 71 6.27 -0.89 40.80
N ARG B 72 5.45 -1.88 40.45
CA ARG B 72 4.55 -2.47 41.44
C ARG B 72 5.32 -3.08 42.61
N LYS B 73 6.37 -3.86 42.29
CA LYS B 73 7.23 -4.40 43.31
C LYS B 73 7.76 -3.30 44.23
N ASN B 74 8.25 -2.21 43.65
CA ASN B 74 8.74 -1.08 44.45
C ASN B 74 7.65 -0.49 45.33
N ARG B 75 6.41 -0.42 44.84
CA ARG B 75 5.29 -0.01 45.69
C ARG B 75 5.20 -0.88 46.93
N ILE B 76 5.12 -2.20 46.73
CA ILE B 76 5.04 -3.13 47.84
C ILE B 76 6.22 -2.93 48.81
N CYS B 77 7.42 -2.73 48.26
CA CYS B 77 8.59 -2.51 49.10
C CYS B 77 8.46 -1.24 49.93
N TYR B 78 7.93 -0.17 49.34
CA TYR B 78 7.65 1.05 50.10
C TYR B 78 6.73 0.75 51.28
N LEU B 79 5.61 0.07 50.99
CA LEU B 79 4.67 -0.28 52.05
C LEU B 79 5.35 -1.05 53.18
N GLN B 80 6.13 -2.08 52.82
CA GLN B 80 6.78 -2.89 53.85
C GLN B 80 7.79 -2.06 54.63
N GLU B 81 8.47 -1.13 53.98
CA GLU B 81 9.44 -0.31 54.70
C GLU B 81 8.74 0.63 55.66
N ILE B 82 7.54 1.09 55.30
CA ILE B 82 6.75 1.90 56.22
C ILE B 82 6.30 1.08 57.42
N PHE B 83 5.89 -0.16 57.19
CA PHE B 83 5.34 -0.99 58.26
C PHE B 83 6.40 -1.70 59.10
N SER B 84 7.66 -1.65 58.69
CA SER B 84 8.70 -2.53 59.22
C SER B 84 8.83 -2.46 60.74
N ASN B 85 9.11 -1.27 61.26
CA ASN B 85 9.32 -1.09 62.70
C ASN B 85 8.12 -1.56 63.52
N GLU B 86 6.91 -1.14 63.14
CA GLU B 86 5.74 -1.53 63.93
C GLU B 86 5.41 -3.01 63.77
N MET B 87 5.82 -3.64 62.66
CA MET B 87 5.61 -5.07 62.49
C MET B 87 6.58 -5.89 63.31
N ALA B 88 7.82 -5.39 63.45
CA ALA B 88 8.84 -6.13 64.21
C ALA B 88 8.40 -6.39 65.65
N LYS B 89 7.58 -5.50 66.21
CA LYS B 89 7.12 -5.67 67.58
C LYS B 89 5.99 -6.70 67.67
N VAL B 90 5.09 -6.70 66.68
CA VAL B 90 3.98 -7.65 66.67
C VAL B 90 4.44 -9.04 66.25
N ASP B 91 5.12 -9.14 65.10
CA ASP B 91 5.55 -10.44 64.58
C ASP B 91 6.94 -10.29 63.97
N ASP B 92 7.89 -11.05 64.53
CA ASP B 92 9.28 -10.93 64.14
C ASP B 92 9.51 -11.31 62.69
N SER B 93 8.79 -12.33 62.19
CA SER B 93 9.12 -12.93 60.91
C SER B 93 7.93 -12.95 59.94
N PHE B 94 6.91 -12.13 60.20
CA PHE B 94 5.73 -12.10 59.34
C PHE B 94 6.10 -11.88 57.87
N PHE B 95 6.81 -10.78 57.60
CA PHE B 95 7.22 -10.49 56.23
C PHE B 95 8.12 -11.57 55.66
N HIS B 96 8.97 -12.17 56.50
CA HIS B 96 9.81 -13.29 56.03
C HIS B 96 8.94 -14.45 55.55
N ARG B 97 7.98 -14.88 56.37
CA ARG B 97 7.08 -15.94 55.95
C ARG B 97 6.31 -15.55 54.69
N LEU B 98 5.97 -14.27 54.56
CA LEU B 98 5.27 -13.78 53.39
C LEU B 98 6.12 -13.93 52.13
N GLU B 99 7.40 -13.54 52.20
CA GLU B 99 8.28 -13.59 51.04
C GLU B 99 8.71 -15.00 50.66
N GLU B 100 8.67 -15.96 51.59
CA GLU B 100 9.04 -17.34 51.29
C GLU B 100 7.82 -18.24 51.07
N SER B 101 6.65 -17.67 50.80
CA SER B 101 5.45 -18.47 50.67
C SER B 101 5.50 -19.42 49.48
N PHE B 102 6.32 -19.12 48.48
CA PHE B 102 6.38 -19.96 47.28
C PHE B 102 7.17 -21.23 47.51
N LEU B 103 8.12 -21.21 48.45
CA LEU B 103 8.99 -22.34 48.72
C LEU B 103 8.19 -23.51 49.29
N VAL B 104 8.62 -24.73 48.96
CA VAL B 104 8.04 -25.91 49.57
C VAL B 104 8.43 -25.98 51.05
N GLU B 105 7.58 -26.62 51.85
CA GLU B 105 7.81 -26.73 53.29
C GLU B 105 9.21 -27.24 53.61
N GLU B 106 9.71 -28.20 52.84
CA GLU B 106 11.07 -28.71 53.05
C GLU B 106 12.10 -27.59 52.94
N ASP B 107 11.86 -26.62 52.07
CA ASP B 107 12.79 -25.52 51.83
C ASP B 107 12.55 -24.31 52.72
N LYS B 108 11.38 -24.23 53.37
CA LYS B 108 11.05 -23.05 54.15
C LYS B 108 11.92 -22.91 55.39
N LYS B 109 12.24 -21.67 55.73
CA LYS B 109 12.99 -21.36 56.95
C LYS B 109 12.07 -21.29 58.16
N HIS B 110 10.83 -20.85 57.97
CA HIS B 110 9.85 -20.68 59.03
C HIS B 110 8.64 -21.57 58.75
N GLU B 111 7.63 -21.47 59.61
CA GLU B 111 6.50 -22.38 59.52
C GLU B 111 5.60 -22.03 58.34
N ARG B 112 4.85 -23.05 57.90
CA ARG B 112 4.18 -23.03 56.60
C ARG B 112 2.99 -22.10 56.55
N HIS B 113 2.36 -21.76 57.69
CA HIS B 113 1.21 -20.88 57.68
C HIS B 113 1.66 -19.42 57.71
N PRO B 114 1.47 -18.67 56.62
CA PRO B 114 2.11 -17.34 56.51
C PRO B 114 1.63 -16.32 57.53
N ILE B 115 0.32 -16.16 57.67
CA ILE B 115 -0.24 -15.03 58.43
C ILE B 115 0.05 -15.17 59.91
N PHE B 116 -0.34 -16.29 60.53
CA PHE B 116 -0.22 -16.40 61.98
C PHE B 116 0.80 -17.42 62.45
N GLY B 117 1.16 -18.41 61.65
CA GLY B 117 2.18 -19.35 62.03
C GLY B 117 1.70 -20.64 62.66
N ASN B 118 0.39 -20.83 62.84
CA ASN B 118 -0.10 -22.13 63.29
C ASN B 118 -1.42 -22.48 62.61
N ILE B 119 -1.76 -23.76 62.72
CA ILE B 119 -3.00 -24.29 62.14
C ILE B 119 -4.23 -23.62 62.72
N VAL B 120 -4.37 -23.64 64.05
CA VAL B 120 -5.58 -23.16 64.70
C VAL B 120 -5.90 -21.72 64.31
N ASP B 121 -4.92 -20.82 64.39
CA ASP B 121 -5.18 -19.42 64.03
C ASP B 121 -5.48 -19.26 62.55
N GLU B 122 -4.82 -20.04 61.69
CA GLU B 122 -5.05 -19.92 60.25
C GLU B 122 -6.46 -20.37 59.88
N VAL B 123 -6.84 -21.57 60.32
CA VAL B 123 -8.21 -22.05 60.13
C VAL B 123 -9.22 -21.07 60.70
N ALA B 124 -8.94 -20.49 61.88
CA ALA B 124 -9.87 -19.51 62.44
C ALA B 124 -10.01 -18.30 61.53
N TYR B 125 -8.90 -17.77 61.04
CA TYR B 125 -8.94 -16.66 60.11
C TYR B 125 -9.78 -16.99 58.88
N HIS B 126 -9.46 -18.08 58.19
CA HIS B 126 -10.19 -18.43 56.99
C HIS B 126 -11.66 -18.73 57.27
N GLU B 127 -11.98 -19.18 58.48
CA GLU B 127 -13.37 -19.43 58.85
C GLU B 127 -14.14 -18.13 59.05
N LYS B 128 -13.48 -17.12 59.65
CA LYS B 128 -14.15 -15.85 59.88
C LYS B 128 -14.18 -14.98 58.63
N TYR B 129 -13.12 -15.00 57.81
CA TYR B 129 -13.04 -14.18 56.61
C TYR B 129 -12.73 -15.07 55.40
N PRO B 130 -13.75 -15.67 54.80
CA PRO B 130 -13.49 -16.55 53.63
C PRO B 130 -12.84 -15.83 52.46
N THR B 131 -13.17 -14.56 52.24
CA THR B 131 -12.51 -13.74 51.23
C THR B 131 -11.91 -12.49 51.85
N ILE B 132 -10.99 -11.86 51.10
CA ILE B 132 -10.34 -10.63 51.54
C ILE B 132 -11.36 -9.51 51.70
N TYR B 133 -12.43 -9.52 50.90
CA TYR B 133 -13.41 -8.43 50.95
C TYR B 133 -14.19 -8.44 52.26
N HIS B 134 -14.39 -9.62 52.85
CA HIS B 134 -14.95 -9.68 54.20
C HIS B 134 -14.10 -8.87 55.17
N LEU B 135 -12.78 -9.09 55.14
CA LEU B 135 -11.88 -8.35 56.02
C LEU B 135 -11.91 -6.86 55.70
N ARG B 136 -11.99 -6.51 54.41
CA ARG B 136 -12.07 -5.11 54.01
C ARG B 136 -13.30 -4.44 54.64
N LYS B 137 -14.47 -5.03 54.44
CA LYS B 137 -15.70 -4.45 54.96
C LYS B 137 -15.67 -4.38 56.48
N LYS B 138 -15.24 -5.45 57.15
CA LYS B 138 -15.16 -5.42 58.59
C LYS B 138 -14.22 -4.33 59.07
N LEU B 139 -13.09 -4.13 58.38
CA LEU B 139 -12.14 -3.12 58.80
C LEU B 139 -12.60 -1.71 58.49
N VAL B 140 -13.52 -1.55 57.53
CA VAL B 140 -14.01 -0.21 57.24
C VAL B 140 -15.15 0.18 58.18
N ASP B 141 -16.09 -0.73 58.42
CA ASP B 141 -17.27 -0.35 59.19
C ASP B 141 -17.09 -0.50 60.70
N SER B 142 -16.42 -1.55 61.16
CA SER B 142 -16.29 -1.78 62.58
C SER B 142 -15.44 -0.70 63.25
N THR B 143 -15.45 -0.69 64.58
CA THR B 143 -14.70 0.28 65.36
C THR B 143 -13.66 -0.36 66.28
N ASP B 144 -13.71 -1.68 66.47
CA ASP B 144 -12.77 -2.36 67.36
C ASP B 144 -11.35 -2.26 66.84
N LYS B 145 -10.39 -2.19 67.76
CA LYS B 145 -8.99 -2.24 67.37
C LYS B 145 -8.69 -3.57 66.70
N ALA B 146 -7.97 -3.51 65.58
CA ALA B 146 -7.68 -4.68 64.77
C ALA B 146 -6.21 -5.06 64.83
N ASP B 147 -5.96 -6.33 64.54
CA ASP B 147 -4.58 -6.84 64.45
C ASP B 147 -3.84 -6.15 63.30
N LEU B 148 -2.60 -5.74 63.59
CA LEU B 148 -1.83 -4.98 62.60
C LEU B 148 -1.58 -5.78 61.32
N ARG B 149 -1.50 -7.12 61.44
CA ARG B 149 -1.28 -7.94 60.25
C ARG B 149 -2.49 -7.90 59.33
N LEU B 150 -3.70 -7.91 59.88
CA LEU B 150 -4.89 -7.82 59.03
C LEU B 150 -4.97 -6.47 58.34
N ILE B 151 -4.67 -5.39 59.08
CA ILE B 151 -4.65 -4.05 58.50
C ILE B 151 -3.66 -4.01 57.33
N TYR B 152 -2.45 -4.49 57.57
CA TYR B 152 -1.45 -4.55 56.48
C TYR B 152 -1.97 -5.35 55.30
N LEU B 153 -2.58 -6.51 55.55
CA LEU B 153 -3.08 -7.32 54.45
C LEU B 153 -4.09 -6.55 53.61
N ALA B 154 -5.01 -5.84 54.27
CA ALA B 154 -6.00 -5.03 53.57
C ALA B 154 -5.33 -3.93 52.74
N LEU B 155 -4.50 -3.11 53.39
CA LEU B 155 -3.84 -2.02 52.68
C LEU B 155 -3.02 -2.52 51.50
N ALA B 156 -2.26 -3.59 51.69
CA ALA B 156 -1.48 -4.15 50.60
C ALA B 156 -2.36 -4.66 49.47
N HIS B 157 -3.50 -5.28 49.80
CA HIS B 157 -4.38 -5.76 48.74
C HIS B 157 -4.96 -4.60 47.94
N MET B 158 -5.29 -3.50 48.60
CA MET B 158 -5.80 -2.34 47.88
C MET B 158 -4.72 -1.65 47.06
N ILE B 159 -3.48 -1.66 47.55
CA ILE B 159 -2.39 -0.97 46.88
C ILE B 159 -1.85 -1.78 45.69
N LYS B 160 -1.84 -3.11 45.81
CA LYS B 160 -1.30 -3.95 44.74
C LYS B 160 -2.18 -3.91 43.50
N PHE B 161 -3.49 -3.70 43.66
CA PHE B 161 -4.40 -3.62 42.52
C PHE B 161 -5.24 -2.37 42.71
N ARG B 162 -4.66 -1.23 42.30
CA ARG B 162 -5.22 0.08 42.63
C ARG B 162 -6.38 0.47 41.75
N GLY B 163 -6.52 -0.13 40.57
CA GLY B 163 -7.53 0.24 39.62
C GLY B 163 -7.02 1.29 38.64
N HIS B 164 -7.86 1.61 37.67
CA HIS B 164 -7.41 2.47 36.59
C HIS B 164 -7.39 3.94 37.00
N PHE B 165 -6.88 4.77 36.10
CA PHE B 165 -6.73 6.21 36.32
C PHE B 165 -7.34 7.00 35.18
N LEU B 166 -8.53 6.60 34.72
CA LEU B 166 -9.11 7.25 33.55
C LEU B 166 -9.98 8.45 33.91
N ILE B 167 -10.47 8.53 35.14
CA ILE B 167 -11.24 9.68 35.60
C ILE B 167 -10.37 10.53 36.52
N GLU B 168 -10.35 11.83 36.25
CA GLU B 168 -9.59 12.82 37.01
C GLU B 168 -10.45 13.42 38.11
N GLY B 169 -9.79 14.05 39.07
CA GLY B 169 -10.51 14.56 40.23
C GLY B 169 -10.93 13.48 41.22
N ASP B 170 -11.88 13.86 42.07
CA ASP B 170 -12.43 12.99 43.11
C ASP B 170 -13.92 12.77 42.87
N LEU B 171 -14.42 11.63 43.35
CA LEU B 171 -15.84 11.33 43.28
C LEU B 171 -16.51 11.41 44.65
N ASN B 172 -17.77 11.82 44.63
CA ASN B 172 -18.69 11.85 45.77
C ASN B 172 -19.69 10.71 45.64
N PRO B 173 -19.39 9.53 46.18
CA PRO B 173 -20.27 8.36 45.96
C PRO B 173 -21.33 8.15 47.02
N ASP B 174 -21.48 9.07 47.97
CA ASP B 174 -22.55 8.97 48.97
C ASP B 174 -23.92 9.01 48.31
N ASN B 175 -24.09 9.87 47.30
CA ASN B 175 -25.36 9.99 46.59
C ASN B 175 -25.49 8.84 45.60
N SER B 176 -26.40 7.91 45.90
CA SER B 176 -26.56 6.68 45.13
C SER B 176 -27.87 6.59 44.36
N ASP B 177 -28.70 7.63 44.39
CA ASP B 177 -30.08 7.54 43.92
C ASP B 177 -30.20 8.29 42.59
N VAL B 178 -30.76 7.62 41.59
CA VAL B 178 -30.91 8.21 40.27
C VAL B 178 -32.28 8.85 40.08
N ASP B 179 -33.33 8.21 40.59
CA ASP B 179 -34.68 8.76 40.46
C ASP B 179 -34.83 10.07 41.21
N LYS B 180 -34.40 10.11 42.49
CA LYS B 180 -34.54 11.34 43.25
C LYS B 180 -33.71 12.47 42.66
N LEU B 181 -32.52 12.17 42.15
CA LEU B 181 -31.70 13.21 41.56
C LEU B 181 -32.30 13.74 40.27
N PHE B 182 -32.75 12.84 39.39
CA PHE B 182 -33.40 13.28 38.16
C PHE B 182 -34.64 14.12 38.46
N ILE B 183 -35.49 13.65 39.38
CA ILE B 183 -36.65 14.44 39.79
C ILE B 183 -36.24 15.79 40.36
N GLN B 184 -35.09 15.86 41.03
CA GLN B 184 -34.63 17.14 41.58
C GLN B 184 -34.15 18.07 40.47
N LEU B 185 -33.44 17.51 39.49
CA LEU B 185 -33.01 18.30 38.34
C LEU B 185 -34.21 18.88 37.61
N VAL B 186 -35.16 18.02 37.21
CA VAL B 186 -36.39 18.48 36.59
C VAL B 186 -37.09 19.54 37.44
N GLN B 187 -37.07 19.35 38.76
CA GLN B 187 -37.71 20.30 39.67
C GLN B 187 -37.07 21.67 39.58
N THR B 188 -35.76 21.74 39.83
CA THR B 188 -35.06 23.01 39.79
C THR B 188 -35.14 23.66 38.42
N TYR B 189 -35.07 22.87 37.35
CA TYR B 189 -35.24 23.42 36.01
C TYR B 189 -36.62 24.07 35.85
N ASN B 190 -37.67 23.37 36.28
CA ASN B 190 -39.01 23.94 36.17
C ASN B 190 -39.17 25.18 37.05
N GLN B 191 -38.42 25.23 38.14
CA GLN B 191 -38.40 26.43 38.98
C GLN B 191 -37.76 27.59 38.23
N LEU B 192 -36.57 27.36 37.66
CA LEU B 192 -35.82 28.42 36.99
C LEU B 192 -36.51 28.91 35.73
N PHE B 193 -37.34 28.09 35.09
CA PHE B 193 -38.07 28.50 33.89
C PHE B 193 -39.56 28.30 34.16
N GLU B 194 -40.16 29.29 34.84
CA GLU B 194 -41.57 29.24 35.20
C GLU B 194 -42.46 29.13 33.97
N GLU B 195 -42.06 29.79 32.88
CA GLU B 195 -42.87 29.81 31.66
C GLU B 195 -43.16 28.41 31.13
N ASN B 196 -42.15 27.56 31.02
CA ASN B 196 -42.35 26.20 30.50
C ASN B 196 -41.77 25.13 31.41
N PRO B 197 -42.61 24.34 32.08
CA PRO B 197 -42.11 23.26 32.93
C PRO B 197 -42.10 21.93 32.19
N ILE B 198 -41.11 21.10 32.51
CA ILE B 198 -41.09 19.73 32.01
C ILE B 198 -41.89 18.85 32.94
N ASN B 199 -42.66 17.93 32.34
CA ASN B 199 -43.46 16.96 33.08
C ASN B 199 -42.62 15.72 33.35
N ALA B 200 -42.60 15.26 34.61
CA ALA B 200 -41.89 14.03 34.92
C ALA B 200 -42.40 12.86 34.09
N SER B 201 -43.70 12.81 33.83
CA SER B 201 -44.34 12.02 32.78
C SER B 201 -44.18 10.51 32.98
N GLY B 202 -43.65 10.07 34.11
CA GLY B 202 -43.38 8.65 34.31
C GLY B 202 -42.34 8.08 33.38
N VAL B 203 -41.32 8.86 33.03
CA VAL B 203 -40.21 8.39 32.20
C VAL B 203 -39.25 7.58 33.06
N ASP B 204 -39.16 6.28 32.78
CA ASP B 204 -38.24 5.39 33.49
C ASP B 204 -36.84 5.73 33.01
N ALA B 205 -36.29 6.80 33.59
CA ALA B 205 -34.95 7.27 33.24
C ALA B 205 -33.89 6.22 33.54
N LYS B 206 -33.99 5.52 34.66
CA LYS B 206 -33.02 4.49 35.00
C LYS B 206 -32.79 3.50 33.86
N ALA B 207 -33.86 2.94 33.31
CA ALA B 207 -33.71 1.92 32.27
C ALA B 207 -33.14 2.49 30.98
N ILE B 208 -33.69 3.63 30.52
CA ILE B 208 -33.25 4.20 29.25
C ILE B 208 -31.79 4.66 29.34
N LEU B 209 -31.43 5.32 30.45
CA LEU B 209 -30.11 5.91 30.60
C LEU B 209 -29.04 4.89 30.94
N SER B 210 -29.41 3.80 31.62
CA SER B 210 -28.43 2.78 31.99
C SER B 210 -28.44 1.59 31.03
N ALA B 211 -29.26 1.64 29.97
CA ALA B 211 -29.28 0.57 28.99
C ALA B 211 -27.93 0.45 28.30
N ARG B 212 -27.67 -0.72 27.72
CA ARG B 212 -26.39 -0.98 27.08
C ARG B 212 -26.35 -0.46 25.66
N LEU B 213 -26.76 0.79 25.45
CA LEU B 213 -26.67 1.43 24.15
C LEU B 213 -25.56 2.48 24.15
N SER B 214 -25.30 3.03 22.97
CA SER B 214 -24.30 4.09 22.86
C SER B 214 -24.84 5.39 23.45
N LYS B 215 -23.91 6.25 23.89
CA LYS B 215 -24.27 7.54 24.46
C LYS B 215 -25.30 8.28 23.61
N SER B 216 -25.00 8.44 22.32
CA SER B 216 -25.89 9.15 21.41
C SER B 216 -27.28 8.53 21.37
N ARG B 217 -27.35 7.22 21.22
CA ARG B 217 -28.65 6.54 21.20
C ARG B 217 -29.44 6.80 22.48
N ARG B 218 -28.78 6.65 23.63
CA ARG B 218 -29.45 6.92 24.91
C ARG B 218 -29.96 8.36 24.98
N LEU B 219 -29.17 9.31 24.47
CA LEU B 219 -29.63 10.70 24.39
C LEU B 219 -30.89 10.81 23.53
N GLU B 220 -30.85 10.24 22.33
CA GLU B 220 -31.99 10.28 21.42
C GLU B 220 -33.24 9.72 22.09
N ASN B 221 -33.10 8.56 22.75
CA ASN B 221 -34.24 7.97 23.45
C ASN B 221 -34.73 8.88 24.58
N LEU B 222 -33.81 9.42 25.37
CA LEU B 222 -34.18 10.32 26.46
C LEU B 222 -35.02 11.48 25.96
N ILE B 223 -34.52 12.19 24.94
CA ILE B 223 -35.26 13.35 24.41
C ILE B 223 -36.46 12.96 23.56
N ALA B 224 -36.59 11.69 23.17
CA ALA B 224 -37.80 11.26 22.49
C ALA B 224 -38.99 11.17 23.44
N GLN B 225 -38.71 10.88 24.71
CA GLN B 225 -39.73 10.90 25.76
C GLN B 225 -40.09 12.31 26.23
N LEU B 226 -39.42 13.34 25.74
CA LEU B 226 -39.71 14.69 26.19
C LEU B 226 -40.32 15.52 25.07
N PRO B 227 -41.49 16.11 25.28
CA PRO B 227 -42.17 16.86 24.20
C PRO B 227 -41.62 18.27 24.10
N GLY B 228 -41.24 18.67 22.90
CA GLY B 228 -40.76 20.02 22.70
C GLY B 228 -39.39 20.32 23.27
N GLU B 229 -38.63 19.31 23.66
CA GLU B 229 -37.29 19.50 24.21
C GLU B 229 -36.27 18.96 23.21
N LYS B 230 -35.36 19.83 22.77
CA LYS B 230 -34.36 19.50 21.78
C LYS B 230 -33.02 19.18 22.45
N LYS B 231 -32.24 18.34 21.78
CA LYS B 231 -30.96 17.90 22.34
C LYS B 231 -29.96 19.05 22.43
N ASN B 232 -30.12 20.07 21.58
CA ASN B 232 -29.25 21.24 21.64
C ASN B 232 -29.65 22.20 22.76
N GLY B 233 -30.86 22.08 23.28
CA GLY B 233 -31.32 22.97 24.33
C GLY B 233 -30.52 22.80 25.62
N LEU B 234 -30.89 23.61 26.61
CA LEU B 234 -30.20 23.58 27.90
C LEU B 234 -30.29 22.20 28.53
N PHE B 235 -31.50 21.68 28.70
CA PHE B 235 -31.67 20.38 29.35
C PHE B 235 -31.01 19.28 28.52
N GLY B 236 -31.10 19.37 27.19
CA GLY B 236 -30.43 18.40 26.35
C GLY B 236 -28.92 18.42 26.56
N ASN B 237 -28.33 19.61 26.57
CA ASN B 237 -26.90 19.73 26.84
C ASN B 237 -26.53 19.17 28.20
N LEU B 238 -27.39 19.38 29.21
CA LEU B 238 -27.12 18.82 30.54
C LEU B 238 -27.14 17.30 30.51
N ILE B 239 -28.14 16.71 29.82
CA ILE B 239 -28.18 15.26 29.69
C ILE B 239 -26.94 14.74 28.98
N ALA B 240 -26.52 15.45 27.92
CA ALA B 240 -25.29 15.08 27.21
C ALA B 240 -24.10 15.12 28.16
N LEU B 241 -24.04 16.14 29.02
CA LEU B 241 -22.95 16.25 29.98
C LEU B 241 -22.95 15.06 30.94
N SER B 242 -24.13 14.69 31.45
CA SER B 242 -24.19 13.56 32.37
C SER B 242 -23.88 12.23 31.70
N LEU B 243 -24.01 12.15 30.39
CA LEU B 243 -23.77 10.92 29.65
C LEU B 243 -22.30 10.72 29.27
N GLY B 244 -21.45 11.70 29.53
CA GLY B 244 -20.05 11.61 29.17
C GLY B 244 -19.71 12.15 27.80
N LEU B 245 -20.64 12.85 27.15
CA LEU B 245 -20.41 13.46 25.86
C LEU B 245 -19.80 14.85 26.04
N THR B 246 -19.41 15.45 24.91
CA THR B 246 -18.92 16.83 24.93
C THR B 246 -19.92 17.74 24.22
N PRO B 247 -20.78 18.44 24.96
CA PRO B 247 -21.70 19.40 24.34
C PRO B 247 -21.14 20.81 24.35
N ASN B 248 -21.67 21.63 23.46
CA ASN B 248 -21.32 23.04 23.36
C ASN B 248 -22.46 23.90 23.90
N PHE B 249 -22.12 24.84 24.77
CA PHE B 249 -23.10 25.64 25.49
C PHE B 249 -23.22 27.07 24.96
N LYS B 250 -22.54 27.37 23.84
CA LYS B 250 -22.47 28.76 23.39
C LYS B 250 -23.80 29.25 22.83
N SER B 251 -24.52 28.38 22.11
CA SER B 251 -25.77 28.80 21.50
C SER B 251 -26.88 29.03 22.52
N ASN B 252 -26.81 28.38 23.68
CA ASN B 252 -27.83 28.61 24.71
C ASN B 252 -27.68 29.93 25.44
N PHE B 253 -26.45 30.43 25.61
CA PHE B 253 -26.22 31.61 26.42
C PHE B 253 -25.79 32.83 25.61
N ASP B 254 -25.96 32.79 24.29
CA ASP B 254 -25.61 33.90 23.40
C ASP B 254 -24.13 34.28 23.54
N LEU B 255 -23.29 33.31 23.91
CA LEU B 255 -21.87 33.54 24.09
C LEU B 255 -21.16 33.41 22.76
N ALA B 256 -20.31 34.39 22.45
CA ALA B 256 -19.52 34.30 21.22
C ALA B 256 -18.41 33.26 21.35
N GLU B 257 -17.96 32.98 22.56
CA GLU B 257 -16.85 32.06 22.79
C GLU B 257 -17.38 30.65 23.04
N ASP B 258 -16.61 29.66 22.59
CA ASP B 258 -16.96 28.27 22.81
C ASP B 258 -16.88 27.94 24.30
N ALA B 259 -17.91 27.25 24.80
CA ALA B 259 -17.96 26.82 26.21
C ALA B 259 -18.25 25.31 26.26
N LYS B 260 -17.20 24.51 26.13
CA LYS B 260 -17.29 23.06 26.09
C LYS B 260 -16.81 22.50 27.42
N LEU B 261 -17.64 21.67 28.06
CA LEU B 261 -17.35 21.12 29.37
C LEU B 261 -17.27 19.60 29.28
N GLN B 262 -16.23 19.02 29.88
CA GLN B 262 -16.08 17.58 29.99
C GLN B 262 -15.73 17.24 31.44
N LEU B 263 -16.62 16.50 32.11
CA LEU B 263 -16.42 16.20 33.53
C LEU B 263 -15.10 15.48 33.78
N SER B 264 -14.62 14.69 32.82
CA SER B 264 -13.36 13.97 33.00
C SER B 264 -12.15 14.88 32.89
N LYS B 265 -12.21 15.91 32.04
CA LYS B 265 -11.06 16.80 31.87
C LYS B 265 -10.75 17.57 33.14
N ASP B 266 -9.46 17.63 33.48
CA ASP B 266 -9.01 18.27 34.70
C ASP B 266 -9.29 19.76 34.72
N THR B 267 -9.60 20.36 33.57
CA THR B 267 -9.86 21.79 33.49
C THR B 267 -11.32 22.13 33.72
N TYR B 268 -12.13 21.15 34.15
CA TYR B 268 -13.58 21.35 34.24
C TYR B 268 -13.90 22.51 35.19
N ASP B 269 -13.28 22.50 36.37
CA ASP B 269 -13.54 23.53 37.38
C ASP B 269 -13.24 24.93 36.84
N ASP B 270 -12.17 25.08 36.06
CA ASP B 270 -11.82 26.39 35.54
C ASP B 270 -12.75 26.81 34.41
N ASP B 271 -13.05 25.90 33.50
CA ASP B 271 -13.99 26.21 32.42
C ASP B 271 -15.35 26.62 33.00
N LEU B 272 -15.84 25.85 33.97
CA LEU B 272 -17.09 26.20 34.64
C LEU B 272 -16.99 27.54 35.38
N ASP B 273 -15.83 27.81 35.98
CA ASP B 273 -15.62 29.11 36.62
C ASP B 273 -15.79 30.25 35.62
N ASN B 274 -15.13 30.13 34.47
CA ASN B 274 -15.25 31.15 33.42
C ASN B 274 -16.70 31.28 32.94
N LEU B 275 -17.35 30.14 32.66
CA LEU B 275 -18.75 30.17 32.25
C LEU B 275 -19.63 30.88 33.27
N LEU B 276 -19.45 30.58 34.55
CA LEU B 276 -20.30 31.21 35.57
C LEU B 276 -19.96 32.69 35.73
N ALA B 277 -18.70 33.07 35.55
CA ALA B 277 -18.34 34.48 35.57
C ALA B 277 -18.99 35.22 34.41
N GLN B 278 -19.09 34.57 33.25
CA GLN B 278 -19.74 35.20 32.10
C GLN B 278 -21.25 35.31 32.30
N ILE B 279 -21.89 34.25 32.80
CA ILE B 279 -23.35 34.17 32.82
C ILE B 279 -23.93 34.40 34.21
N GLY B 280 -23.12 34.45 35.25
CA GLY B 280 -23.57 34.63 36.61
C GLY B 280 -23.53 33.31 37.37
N ASP B 281 -23.05 33.35 38.61
CA ASP B 281 -22.85 32.12 39.39
C ASP B 281 -24.13 31.56 40.00
N GLN B 282 -25.29 32.15 39.72
CA GLN B 282 -26.49 31.53 40.25
C GLN B 282 -26.86 30.24 39.54
N TYR B 283 -26.14 29.90 38.48
CA TYR B 283 -26.39 28.66 37.77
C TYR B 283 -25.39 27.59 38.19
N ALA B 284 -24.47 27.92 39.11
CA ALA B 284 -23.43 26.97 39.47
C ALA B 284 -24.01 25.73 40.11
N ASP B 285 -24.90 25.91 41.08
CA ASP B 285 -25.50 24.76 41.74
C ASP B 285 -26.22 23.88 40.74
N LEU B 286 -26.76 24.48 39.66
CA LEU B 286 -27.41 23.69 38.63
C LEU B 286 -26.43 22.68 38.04
N PHE B 287 -25.26 23.17 37.60
CA PHE B 287 -24.28 22.24 37.06
C PHE B 287 -23.77 21.31 38.14
N LEU B 288 -23.69 21.81 39.39
CA LEU B 288 -23.35 20.94 40.50
C LEU B 288 -24.32 19.79 40.60
N ALA B 289 -25.62 20.06 40.45
CA ALA B 289 -26.58 18.98 40.52
C ALA B 289 -26.36 18.00 39.38
N ALA B 290 -26.10 18.51 38.17
CA ALA B 290 -25.79 17.63 37.06
C ALA B 290 -24.60 16.76 37.40
N LYS B 291 -23.59 17.36 38.04
CA LYS B 291 -22.40 16.59 38.40
C LYS B 291 -22.77 15.57 39.45
N ASN B 292 -23.55 15.99 40.45
CA ASN B 292 -23.98 15.05 41.46
C ASN B 292 -24.78 13.91 40.83
N LEU B 293 -25.63 14.23 39.85
CA LEU B 293 -26.35 13.14 39.21
C LEU B 293 -25.41 12.25 38.41
N SER B 294 -24.38 12.84 37.80
CA SER B 294 -23.46 12.01 37.02
C SER B 294 -22.74 11.09 37.97
N ASP B 295 -22.46 11.60 39.17
CA ASP B 295 -21.73 10.83 40.16
C ASP B 295 -22.58 9.66 40.61
N ALA B 296 -23.88 9.89 40.79
CA ALA B 296 -24.70 8.80 41.30
C ALA B 296 -24.84 7.70 40.27
N ILE B 297 -24.51 7.96 39.01
CA ILE B 297 -24.75 6.98 37.97
C ILE B 297 -23.44 6.51 37.37
N LEU B 298 -22.32 7.18 37.70
CA LEU B 298 -21.04 6.82 37.10
C LEU B 298 -20.78 5.31 37.18
N LEU B 299 -20.96 4.76 38.39
CA LEU B 299 -20.62 3.38 38.70
C LEU B 299 -21.84 2.49 38.92
N SER B 300 -22.98 2.79 38.27
CA SER B 300 -24.17 2.00 38.56
C SER B 300 -24.02 0.54 38.10
N ASP B 301 -23.24 0.30 37.04
CA ASP B 301 -23.07 -1.07 36.57
C ASP B 301 -22.32 -1.95 37.56
N ILE B 302 -21.40 -1.40 38.35
CA ILE B 302 -20.57 -2.21 39.23
C ILE B 302 -21.14 -2.33 40.63
N LEU B 303 -21.63 -1.23 41.22
CA LEU B 303 -21.92 -1.25 42.66
C LEU B 303 -23.24 -1.94 42.98
N ARG B 304 -24.29 -1.64 42.22
CA ARG B 304 -25.57 -2.35 42.27
C ARG B 304 -26.21 -2.35 43.66
N VAL B 305 -25.69 -1.56 44.61
CA VAL B 305 -26.17 -1.57 45.98
C VAL B 305 -26.20 -0.13 46.49
N ASN B 306 -27.29 0.24 47.16
CA ASN B 306 -27.42 1.56 47.77
C ASN B 306 -26.30 1.85 48.76
N THR B 307 -25.67 3.01 48.61
CA THR B 307 -24.52 3.43 49.41
C THR B 307 -24.90 3.84 50.82
N GLU B 308 -26.19 3.80 51.17
CA GLU B 308 -26.64 4.11 52.51
C GLU B 308 -26.22 3.03 53.51
N ILE B 309 -26.47 1.76 53.17
CA ILE B 309 -26.22 0.68 54.13
C ILE B 309 -24.77 0.68 54.58
N THR B 310 -23.83 0.88 53.66
CA THR B 310 -22.41 0.71 53.96
C THR B 310 -21.61 1.81 53.27
N LYS B 311 -20.40 2.04 53.80
CA LYS B 311 -19.43 2.91 53.16
C LYS B 311 -18.44 2.16 52.29
N ALA B 312 -18.70 0.88 52.01
CA ALA B 312 -17.84 0.06 51.17
C ALA B 312 -18.70 -0.70 50.17
N PRO B 313 -19.27 0.02 49.19
CA PRO B 313 -20.17 -0.65 48.23
C PRO B 313 -19.50 -1.70 47.38
N LEU B 314 -18.20 -1.56 47.10
CA LEU B 314 -17.49 -2.57 46.34
C LEU B 314 -17.38 -3.88 47.12
N SER B 315 -16.74 -3.83 48.29
CA SER B 315 -16.61 -5.03 49.12
C SER B 315 -17.97 -5.64 49.42
N ALA B 316 -18.99 -4.81 49.60
CA ALA B 316 -20.34 -5.32 49.85
C ALA B 316 -20.89 -6.03 48.62
N SER B 317 -20.62 -5.51 47.43
CA SER B 317 -21.07 -6.18 46.21
C SER B 317 -20.35 -7.50 46.03
N MET B 318 -19.08 -7.57 46.41
CA MET B 318 -18.35 -8.82 46.34
C MET B 318 -18.91 -9.84 47.32
N ILE B 319 -19.18 -9.41 48.56
CA ILE B 319 -19.81 -10.30 49.54
C ILE B 319 -21.17 -10.79 49.03
N LYS B 320 -21.90 -9.91 48.35
CA LYS B 320 -23.15 -10.30 47.71
C LYS B 320 -22.93 -11.43 46.72
N ARG B 321 -22.07 -11.18 45.72
CA ARG B 321 -21.69 -12.21 44.76
C ARG B 321 -21.37 -13.54 45.43
N TYR B 322 -20.58 -13.48 46.50
CA TYR B 322 -20.22 -14.67 47.26
C TYR B 322 -21.44 -15.39 47.79
N ASP B 323 -22.33 -14.66 48.47
CA ASP B 323 -23.51 -15.28 49.07
C ASP B 323 -24.40 -15.92 48.01
N GLU B 324 -24.64 -15.20 46.91
CA GLU B 324 -25.48 -15.76 45.85
C GLU B 324 -24.84 -16.99 45.23
N HIS B 325 -23.52 -16.96 45.00
CA HIS B 325 -22.80 -18.15 44.54
C HIS B 325 -23.05 -19.33 45.48
N HIS B 326 -22.89 -19.11 46.78
CA HIS B 326 -23.09 -20.15 47.77
C HIS B 326 -24.50 -20.74 47.69
N GLN B 327 -25.51 -19.89 47.86
CA GLN B 327 -26.90 -20.33 47.79
C GLN B 327 -27.21 -21.09 46.51
N ASP B 328 -26.86 -20.51 45.34
CA ASP B 328 -27.18 -21.18 44.09
C ASP B 328 -26.39 -22.46 43.90
N LEU B 329 -25.24 -22.61 44.58
CA LEU B 329 -24.50 -23.86 44.49
C LEU B 329 -25.20 -24.94 45.30
N THR B 330 -25.60 -24.59 46.52
CA THR B 330 -26.39 -25.51 47.33
C THR B 330 -27.64 -25.96 46.58
N LEU B 331 -28.36 -25.00 46.00
CA LEU B 331 -29.58 -25.32 45.25
C LEU B 331 -29.28 -26.24 44.08
N LEU B 332 -28.27 -25.91 43.27
CA LEU B 332 -27.93 -26.74 42.11
C LEU B 332 -27.56 -28.15 42.53
N LYS B 333 -26.72 -28.29 43.56
CA LYS B 333 -26.37 -29.61 44.07
C LYS B 333 -27.62 -30.39 44.47
N ALA B 334 -28.52 -29.76 45.25
CA ALA B 334 -29.76 -30.43 45.62
C ALA B 334 -30.53 -30.91 44.40
N LEU B 335 -30.70 -30.02 43.41
CA LEU B 335 -31.44 -30.36 42.20
C LEU B 335 -30.81 -31.56 41.48
N VAL B 336 -29.50 -31.51 41.23
CA VAL B 336 -28.85 -32.61 40.51
C VAL B 336 -28.94 -33.91 41.31
N ARG B 337 -28.87 -33.83 42.65
CA ARG B 337 -29.09 -35.01 43.48
C ARG B 337 -30.47 -35.59 43.23
N GLN B 338 -31.51 -34.75 43.34
CA GLN B 338 -32.88 -35.23 43.17
C GLN B 338 -33.12 -35.82 41.79
N GLN B 339 -32.69 -35.12 40.74
CA GLN B 339 -33.21 -35.44 39.40
C GLN B 339 -32.22 -36.12 38.46
N LEU B 340 -30.91 -35.86 38.57
CA LEU B 340 -29.93 -36.52 37.70
C LEU B 340 -28.65 -36.85 38.46
N PRO B 341 -28.73 -37.70 39.50
CA PRO B 341 -27.52 -38.01 40.27
C PRO B 341 -26.48 -38.78 39.49
N GLU B 342 -26.86 -39.37 38.35
CA GLU B 342 -25.91 -40.11 37.52
C GLU B 342 -24.87 -39.18 36.92
N LYS B 343 -25.21 -37.92 36.72
CA LYS B 343 -24.30 -36.96 36.14
C LYS B 343 -23.61 -36.14 37.21
N TYR B 344 -23.87 -36.44 38.49
CA TYR B 344 -23.26 -35.65 39.56
C TYR B 344 -21.75 -35.79 39.53
N LYS B 345 -21.26 -37.01 39.28
CA LYS B 345 -19.83 -37.24 39.25
C LYS B 345 -19.21 -36.44 38.11
N GLU B 346 -19.93 -36.35 37.00
CA GLU B 346 -19.40 -35.62 35.86
C GLU B 346 -19.40 -34.12 36.13
N ILE B 347 -20.37 -33.62 36.90
CA ILE B 347 -20.47 -32.18 37.09
C ILE B 347 -19.45 -31.68 38.11
N PHE B 348 -19.36 -32.36 39.26
CA PHE B 348 -18.58 -31.83 40.38
C PHE B 348 -17.27 -32.56 40.62
N PHE B 349 -16.89 -33.51 39.77
CA PHE B 349 -15.63 -34.19 40.05
C PHE B 349 -14.66 -34.19 38.88
N ASP B 350 -15.14 -34.35 37.65
CA ASP B 350 -14.26 -34.43 36.49
C ASP B 350 -13.76 -33.04 36.10
N GLN B 351 -12.44 -32.83 36.23
CA GLN B 351 -11.83 -31.55 35.91
C GLN B 351 -11.80 -31.26 34.42
N SER B 352 -12.02 -32.27 33.57
CA SER B 352 -11.79 -32.16 32.13
C SER B 352 -13.07 -31.89 31.34
N LYS B 353 -14.22 -31.72 32.01
CA LYS B 353 -15.51 -31.70 31.34
C LYS B 353 -16.06 -30.30 31.09
N ASN B 354 -15.52 -29.27 31.76
CA ASN B 354 -16.05 -27.90 31.77
C ASN B 354 -17.26 -27.76 32.69
N GLY B 355 -17.46 -28.71 33.61
CA GLY B 355 -18.48 -28.60 34.62
C GLY B 355 -18.08 -27.62 35.69
N TYR B 356 -18.68 -27.78 36.87
CA TYR B 356 -18.30 -26.93 38.00
C TYR B 356 -16.89 -27.26 38.47
N ALA B 357 -16.49 -28.54 38.38
CA ALA B 357 -15.13 -28.89 38.77
C ALA B 357 -14.13 -28.31 37.79
N GLY B 358 -14.43 -28.40 36.48
CA GLY B 358 -13.57 -27.77 35.49
C GLY B 358 -13.59 -26.26 35.61
N TYR B 359 -14.69 -25.71 36.10
CA TYR B 359 -14.79 -24.26 36.27
C TYR B 359 -13.89 -23.78 37.40
N ILE B 360 -13.98 -24.43 38.56
CA ILE B 360 -13.23 -23.99 39.73
C ILE B 360 -11.79 -24.47 39.67
N ASP B 361 -11.58 -25.75 39.38
CA ASP B 361 -10.25 -26.34 39.44
C ASP B 361 -9.55 -26.48 38.09
N GLY B 362 -10.31 -26.56 36.99
CA GLY B 362 -9.73 -26.68 35.67
C GLY B 362 -9.67 -25.35 34.94
N GLY B 363 -9.12 -25.41 33.73
CA GLY B 363 -8.96 -24.23 32.90
C GLY B 363 -10.15 -23.94 32.01
N ALA B 364 -11.36 -24.01 32.57
CA ALA B 364 -12.58 -23.68 31.85
C ALA B 364 -13.05 -22.28 32.21
N SER B 365 -13.45 -21.52 31.20
CA SER B 365 -13.87 -20.15 31.40
C SER B 365 -15.34 -20.08 31.81
N GLN B 366 -15.75 -18.90 32.28
CA GLN B 366 -17.14 -18.66 32.63
C GLN B 366 -18.07 -18.89 31.45
N GLU B 367 -17.63 -18.51 30.25
CA GLU B 367 -18.42 -18.72 29.05
C GLU B 367 -18.56 -20.22 28.74
N GLU B 368 -17.44 -20.94 28.75
CA GLU B 368 -17.47 -22.37 28.48
C GLU B 368 -18.31 -23.11 29.51
N PHE B 369 -18.17 -22.74 30.79
CA PHE B 369 -18.99 -23.36 31.84
C PHE B 369 -20.47 -23.08 31.64
N TYR B 370 -20.82 -21.82 31.36
CA TYR B 370 -22.22 -21.48 31.09
C TYR B 370 -22.77 -22.31 29.93
N LYS B 371 -22.05 -22.32 28.81
CA LYS B 371 -22.50 -23.11 27.65
C LYS B 371 -22.62 -24.58 28.01
N PHE B 372 -21.74 -25.08 28.88
CA PHE B 372 -21.79 -26.47 29.32
C PHE B 372 -23.08 -26.77 30.07
N ILE B 373 -23.46 -25.90 31.02
CA ILE B 373 -24.60 -26.22 31.88
C ILE B 373 -25.92 -25.67 31.37
N LYS B 374 -25.91 -24.90 30.29
CA LYS B 374 -27.14 -24.45 29.64
C LYS B 374 -28.09 -25.63 29.38
N PRO B 375 -27.66 -26.68 28.67
CA PRO B 375 -28.59 -27.79 28.42
C PRO B 375 -29.02 -28.51 29.69
N ILE B 376 -28.09 -28.81 30.60
CA ILE B 376 -28.46 -29.45 31.87
C ILE B 376 -29.57 -28.66 32.55
N LEU B 377 -29.39 -27.35 32.65
CA LEU B 377 -30.41 -26.47 33.24
C LEU B 377 -31.74 -26.58 32.51
N GLU B 378 -31.76 -26.29 31.21
CA GLU B 378 -33.04 -26.23 30.50
C GLU B 378 -33.76 -27.58 30.45
N LYS B 379 -33.02 -28.69 30.46
CA LYS B 379 -33.68 -30.00 30.46
C LYS B 379 -34.39 -30.28 31.77
N MET B 380 -33.99 -29.62 32.85
CA MET B 380 -34.57 -29.86 34.17
C MET B 380 -35.71 -28.87 34.41
N ASP B 381 -36.47 -29.11 35.47
CA ASP B 381 -37.48 -28.18 35.96
C ASP B 381 -37.21 -27.83 37.41
N GLY B 382 -37.73 -26.67 37.81
CA GLY B 382 -37.42 -26.09 39.10
C GLY B 382 -36.27 -25.10 39.07
N THR B 383 -35.77 -24.75 37.90
CA THR B 383 -34.63 -23.83 37.76
C THR B 383 -35.03 -22.54 37.06
N GLU B 384 -36.27 -22.09 37.27
CA GLU B 384 -36.77 -20.91 36.57
C GLU B 384 -35.92 -19.68 36.83
N GLU B 385 -35.37 -19.57 38.04
CA GLU B 385 -34.57 -18.40 38.39
C GLU B 385 -33.12 -18.54 37.93
N LEU B 386 -32.60 -19.77 37.91
CA LEU B 386 -31.22 -19.99 37.48
C LEU B 386 -31.01 -19.50 36.05
N LEU B 387 -31.99 -19.67 35.18
CA LEU B 387 -31.88 -19.12 33.83
C LEU B 387 -31.84 -17.60 33.84
N VAL B 388 -32.67 -16.97 34.68
CA VAL B 388 -32.64 -15.52 34.81
C VAL B 388 -31.25 -15.06 35.20
N LYS B 389 -30.67 -15.72 36.21
CA LYS B 389 -29.30 -15.39 36.61
C LYS B 389 -28.31 -15.62 35.48
N LEU B 390 -28.54 -16.66 34.67
CA LEU B 390 -27.63 -16.97 33.57
C LEU B 390 -27.65 -15.86 32.52
N ASN B 391 -28.84 -15.41 32.12
CA ASN B 391 -28.91 -14.32 31.15
C ASN B 391 -28.35 -13.03 31.70
N ARG B 392 -28.47 -12.81 33.02
CA ARG B 392 -27.82 -11.63 33.62
C ARG B 392 -26.31 -11.80 33.73
N GLU B 393 -25.78 -12.97 33.39
CA GLU B 393 -24.38 -13.34 33.65
C GLU B 393 -24.02 -13.18 35.12
N ASP B 394 -24.89 -13.71 35.99
CA ASP B 394 -24.77 -13.49 37.43
C ASP B 394 -25.10 -14.77 38.20
N LEU B 395 -24.80 -15.92 37.62
CA LEU B 395 -25.19 -17.20 38.22
C LEU B 395 -24.24 -17.66 39.32
N LEU B 396 -22.99 -17.94 38.96
CA LEU B 396 -21.97 -18.46 39.86
C LEU B 396 -20.69 -17.63 39.75
N ARG B 397 -20.81 -16.32 39.87
CA ARG B 397 -19.71 -15.42 39.56
C ARG B 397 -18.68 -15.42 40.68
N LYS B 398 -17.41 -15.38 40.29
CA LYS B 398 -16.29 -15.18 41.19
C LYS B 398 -16.04 -13.68 41.39
N GLN B 399 -15.07 -13.36 42.25
CA GLN B 399 -14.79 -11.96 42.57
C GLN B 399 -13.65 -11.39 41.76
N ARG B 400 -12.68 -12.19 41.36
CA ARG B 400 -11.58 -11.77 40.51
C ARG B 400 -11.91 -12.17 39.08
N THR B 401 -12.46 -11.23 38.30
CA THR B 401 -12.96 -11.54 36.97
C THR B 401 -12.34 -10.60 35.95
N PHE B 402 -12.60 -10.91 34.67
CA PHE B 402 -12.05 -10.14 33.55
C PHE B 402 -12.65 -8.75 33.45
N ASP B 403 -13.86 -8.55 33.97
CA ASP B 403 -14.60 -7.30 33.81
C ASP B 403 -14.41 -6.34 34.98
N ASN B 404 -13.44 -6.60 35.86
CA ASN B 404 -13.21 -5.71 36.99
C ASN B 404 -12.35 -4.50 36.63
N GLY B 405 -12.05 -4.30 35.35
CA GLY B 405 -11.26 -3.15 34.93
C GLY B 405 -12.02 -1.84 34.93
N SER B 406 -13.34 -1.89 35.14
CA SER B 406 -14.15 -0.68 35.20
C SER B 406 -13.91 0.11 36.48
N ILE B 407 -13.52 -0.58 37.54
CA ILE B 407 -13.40 0.01 38.88
C ILE B 407 -12.34 1.11 38.90
N PRO B 408 -12.74 2.37 39.12
CA PRO B 408 -11.76 3.45 39.24
C PRO B 408 -11.05 3.43 40.58
N HIS B 409 -9.84 4.00 40.58
CA HIS B 409 -9.00 4.01 41.77
C HIS B 409 -9.59 4.87 42.90
N GLN B 410 -10.52 5.78 42.58
CA GLN B 410 -11.06 6.67 43.59
C GLN B 410 -11.79 5.91 44.69
N ILE B 411 -12.40 4.78 44.36
CA ILE B 411 -13.15 4.03 45.38
C ILE B 411 -12.20 3.26 46.29
N HIS B 412 -11.15 2.65 45.72
CA HIS B 412 -10.13 2.02 46.55
C HIS B 412 -9.46 3.06 47.44
N LEU B 413 -9.27 4.28 46.92
CA LEU B 413 -8.74 5.36 47.76
C LEU B 413 -9.71 5.69 48.89
N GLY B 414 -11.01 5.68 48.58
CA GLY B 414 -12.01 5.98 49.60
C GLY B 414 -11.95 4.98 50.73
N GLU B 415 -11.95 3.69 50.38
CA GLU B 415 -11.89 2.63 51.39
C GLU B 415 -10.59 2.71 52.18
N LEU B 416 -9.47 2.97 51.49
CA LEU B 416 -8.19 3.12 52.17
C LEU B 416 -8.26 4.23 53.22
N HIS B 417 -8.78 5.39 52.83
CA HIS B 417 -8.87 6.52 53.75
C HIS B 417 -9.81 6.21 54.90
N ALA B 418 -10.93 5.54 54.62
CA ALA B 418 -11.86 5.16 55.69
C ALA B 418 -11.17 4.27 56.72
N ILE B 419 -10.52 3.20 56.25
CA ILE B 419 -9.79 2.30 57.14
C ILE B 419 -8.73 3.05 57.93
N LEU B 420 -8.03 3.97 57.27
CA LEU B 420 -7.00 4.76 57.96
C LEU B 420 -7.60 5.61 59.07
N ARG B 421 -8.74 6.25 58.80
CA ARG B 421 -9.39 7.05 59.84
C ARG B 421 -9.84 6.15 60.98
N ARG B 422 -10.36 4.97 60.64
CA ARG B 422 -10.86 4.05 61.66
C ARG B 422 -9.76 3.62 62.60
N GLN B 423 -8.58 3.29 62.07
CA GLN B 423 -7.52 2.67 62.85
C GLN B 423 -6.41 3.65 63.25
N GLU B 424 -6.51 4.92 62.89
CA GLU B 424 -5.52 5.89 63.34
C GLU B 424 -5.70 6.28 64.80
N ASP B 425 -6.87 5.98 65.39
CA ASP B 425 -7.09 6.26 66.80
C ASP B 425 -6.28 5.35 67.71
N PHE B 426 -5.96 4.15 67.22
CA PHE B 426 -5.24 3.15 68.01
C PHE B 426 -3.76 3.05 67.68
N TYR B 427 -3.37 3.34 66.44
CA TYR B 427 -1.96 3.29 66.06
C TYR B 427 -1.47 4.67 65.60
N PRO B 428 -0.59 5.32 66.36
CA PRO B 428 -0.13 6.66 65.98
C PRO B 428 0.58 6.71 64.63
N PHE B 429 1.35 5.67 64.30
CA PHE B 429 2.12 5.70 63.05
C PHE B 429 1.22 5.67 61.82
N LEU B 430 0.02 5.10 61.92
CA LEU B 430 -0.91 5.18 60.79
C LEU B 430 -1.40 6.60 60.60
N LYS B 431 -1.61 7.32 61.70
CA LYS B 431 -1.99 8.73 61.63
C LYS B 431 -0.87 9.57 61.02
N ASP B 432 0.34 9.42 61.55
CA ASP B 432 1.48 10.19 61.06
C ASP B 432 1.84 9.86 59.62
N ASN B 433 1.50 8.67 59.13
CA ASN B 433 1.90 8.25 57.80
C ASN B 433 0.71 8.09 56.85
N ARG B 434 -0.45 8.63 57.22
CA ARG B 434 -1.64 8.50 56.37
C ARG B 434 -1.41 9.11 55.00
N GLU B 435 -0.84 10.32 54.98
CA GLU B 435 -0.62 11.05 53.74
C GLU B 435 0.38 10.32 52.85
N LYS B 436 1.46 9.79 53.43
CA LYS B 436 2.42 9.01 52.65
C LYS B 436 1.74 7.86 51.93
N ILE B 437 1.00 7.03 52.67
CA ILE B 437 0.31 5.88 52.07
C ILE B 437 -0.65 6.32 50.98
N GLU B 438 -1.43 7.38 51.25
CA GLU B 438 -2.33 7.88 50.22
C GLU B 438 -1.55 8.33 48.99
N LYS B 439 -0.37 8.92 49.17
CA LYS B 439 0.37 9.37 48.01
C LYS B 439 1.00 8.19 47.28
N ILE B 440 1.22 7.09 47.99
CA ILE B 440 1.71 5.87 47.36
C ILE B 440 0.66 5.34 46.39
N LEU B 441 -0.60 5.27 46.85
CA LEU B 441 -1.66 4.80 45.95
C LEU B 441 -1.97 5.81 44.84
N THR B 442 -1.96 7.10 45.16
CA THR B 442 -2.39 8.13 44.21
C THR B 442 -1.37 8.35 43.10
N PHE B 443 -0.10 8.48 43.46
CA PHE B 443 0.93 8.94 42.52
C PHE B 443 1.06 8.03 41.30
N ARG B 444 1.38 8.68 40.18
CA ARG B 444 1.52 8.05 38.86
C ARG B 444 2.50 8.91 38.07
N ILE B 445 3.57 8.30 37.58
CA ILE B 445 4.56 9.01 36.77
C ILE B 445 3.93 9.56 35.49
N PRO B 446 4.02 10.86 35.25
CA PRO B 446 3.42 11.44 34.03
C PRO B 446 4.09 10.92 32.77
N TYR B 447 3.28 10.67 31.74
CA TYR B 447 3.78 10.14 30.48
C TYR B 447 4.82 11.06 29.84
N TYR B 448 4.74 12.36 30.11
CA TYR B 448 5.68 13.30 29.50
C TYR B 448 7.02 13.36 30.22
N VAL B 449 7.21 12.60 31.30
CA VAL B 449 8.49 12.52 31.99
C VAL B 449 9.30 11.31 31.54
N GLY B 450 8.66 10.15 31.44
CA GLY B 450 9.33 8.95 30.98
C GLY B 450 10.14 8.24 32.04
N PRO B 451 10.93 7.25 31.58
CA PRO B 451 11.78 6.49 32.50
C PRO B 451 12.68 7.37 33.35
N LEU B 452 12.75 7.05 34.64
CA LEU B 452 13.52 7.81 35.63
C LEU B 452 14.99 7.38 35.61
N ALA B 453 15.61 7.55 34.44
CA ALA B 453 16.93 7.00 34.20
C ALA B 453 18.02 7.91 34.75
N ARG B 454 19.26 7.44 34.66
CA ARG B 454 20.44 8.20 35.06
C ARG B 454 21.56 8.03 34.03
N GLY B 455 21.23 8.29 32.76
CA GLY B 455 22.26 8.31 31.74
C GLY B 455 22.63 6.98 31.14
N ASN B 456 21.86 5.92 31.41
CA ASN B 456 22.15 4.59 30.89
C ASN B 456 20.94 3.95 30.20
N SER B 457 19.93 4.76 29.85
CA SER B 457 18.75 4.29 29.15
C SER B 457 18.69 4.97 27.79
N ARG B 458 18.79 4.17 26.73
CA ARG B 458 18.65 4.69 25.38
C ARG B 458 17.30 5.38 25.15
N PHE B 459 16.26 4.99 25.87
CA PHE B 459 14.92 5.50 25.60
C PHE B 459 14.57 6.74 26.41
N ALA B 460 15.27 7.00 27.51
CA ALA B 460 14.89 8.05 28.44
C ALA B 460 15.44 9.42 28.03
N TRP B 461 14.74 10.46 28.47
CA TRP B 461 15.09 11.83 28.16
C TRP B 461 14.99 12.77 29.35
N MET B 462 14.43 12.32 30.47
CA MET B 462 14.16 13.18 31.61
C MET B 462 15.44 13.76 32.18
N THR B 463 15.32 14.97 32.74
CA THR B 463 16.46 15.68 33.30
C THR B 463 16.23 15.88 34.78
N ARG B 464 17.30 15.83 35.56
CA ARG B 464 17.23 15.88 37.02
C ARG B 464 17.56 17.27 37.53
N LYS B 465 16.62 17.87 38.27
CA LYS B 465 16.87 19.15 38.91
C LYS B 465 17.88 19.02 40.03
N SER B 466 17.99 17.82 40.62
CA SER B 466 18.96 17.53 41.66
C SER B 466 19.32 16.05 41.57
N GLU B 467 20.33 15.66 42.34
CA GLU B 467 20.90 14.32 42.27
C GLU B 467 20.39 13.41 43.38
N GLU B 468 19.18 13.64 43.88
CA GLU B 468 18.61 12.76 44.88
C GLU B 468 18.04 11.50 44.21
N THR B 469 17.82 10.48 45.03
CA THR B 469 16.99 9.35 44.60
C THR B 469 15.52 9.76 44.57
N ILE B 470 14.84 9.38 43.49
CA ILE B 470 13.47 9.83 43.24
C ILE B 470 12.48 8.89 43.90
N THR B 471 11.56 9.46 44.67
CA THR B 471 10.50 8.74 45.35
C THR B 471 9.17 9.36 44.94
N PRO B 472 8.05 8.71 45.27
CA PRO B 472 6.75 9.33 44.96
C PRO B 472 6.50 10.63 45.72
N TRP B 473 7.16 10.85 46.85
CA TRP B 473 6.86 11.98 47.70
C TRP B 473 7.66 13.22 47.34
N ASN B 474 8.85 13.05 46.75
CA ASN B 474 9.72 14.15 46.37
C ASN B 474 9.80 14.33 44.86
N PHE B 475 8.91 13.69 44.11
CA PHE B 475 8.98 13.70 42.64
C PHE B 475 8.91 15.13 42.09
N GLU B 476 7.92 15.90 42.51
CA GLU B 476 7.75 17.26 42.02
C GLU B 476 8.97 18.13 42.28
N GLU B 477 9.67 17.90 43.38
CA GLU B 477 10.81 18.74 43.75
C GLU B 477 12.09 18.29 43.06
N VAL B 478 12.25 16.99 42.81
CA VAL B 478 13.49 16.45 42.26
C VAL B 478 13.48 16.46 40.73
N VAL B 479 12.37 16.13 40.09
CA VAL B 479 12.30 16.09 38.63
C VAL B 479 11.85 17.45 38.10
N ASP B 480 12.60 17.96 37.12
CA ASP B 480 12.28 19.17 36.37
C ASP B 480 11.22 18.83 35.33
N LYS B 481 9.95 18.94 35.72
CA LYS B 481 8.86 18.55 34.83
C LYS B 481 8.85 19.37 33.54
N GLY B 482 9.10 20.67 33.64
CA GLY B 482 9.06 21.53 32.47
C GLY B 482 10.07 21.15 31.39
N ALA B 483 11.35 21.10 31.76
CA ALA B 483 12.38 20.72 30.81
C ALA B 483 12.16 19.29 30.32
N SER B 484 11.48 18.46 31.11
CA SER B 484 11.22 17.09 30.69
C SER B 484 10.16 17.05 29.60
N ALA B 485 9.09 17.83 29.77
CA ALA B 485 8.09 17.92 28.72
C ALA B 485 8.70 18.53 27.46
N GLN B 486 9.50 19.59 27.63
CA GLN B 486 10.15 20.21 26.48
C GLN B 486 10.98 19.19 25.70
N SER B 487 11.78 18.38 26.40
CA SER B 487 12.53 17.33 25.71
C SER B 487 11.60 16.31 25.08
N PHE B 488 10.53 15.93 25.79
CA PHE B 488 9.54 14.97 25.29
C PHE B 488 9.00 15.37 23.93
N ILE B 489 8.72 16.65 23.74
CA ILE B 489 8.19 17.11 22.46
C ILE B 489 9.32 17.38 21.46
N GLU B 490 10.43 17.98 21.89
CA GLU B 490 11.46 18.39 20.94
C GLU B 490 12.24 17.20 20.37
N ARG B 491 12.26 16.07 21.07
CA ARG B 491 12.96 14.88 20.56
C ARG B 491 12.25 14.24 19.37
N MET B 492 10.99 14.59 19.13
CA MET B 492 10.19 14.00 18.06
C MET B 492 9.90 14.94 16.91
N THR B 493 9.91 16.24 17.12
CA THR B 493 9.52 17.17 16.08
C THR B 493 10.54 17.18 14.94
N ASN B 494 10.04 17.39 13.72
CA ASN B 494 10.89 17.45 12.55
C ASN B 494 11.73 18.72 12.55
N PHE B 495 12.96 18.60 12.04
CA PHE B 495 13.79 19.75 11.71
C PHE B 495 13.55 20.19 10.27
N ASP B 496 13.83 21.47 10.03
CA ASP B 496 13.75 22.03 8.69
C ASP B 496 14.73 21.31 7.76
N LYS B 497 14.21 20.81 6.64
CA LYS B 497 15.08 20.11 5.70
C LYS B 497 16.09 21.05 5.05
N ASN B 498 15.67 22.29 4.76
CA ASN B 498 16.58 23.26 4.13
C ASN B 498 17.70 23.66 5.09
N LEU B 499 17.41 23.77 6.39
CA LEU B 499 18.40 24.08 7.41
C LEU B 499 18.35 23.00 8.48
N PRO B 500 18.94 21.82 8.21
CA PRO B 500 18.78 20.65 9.10
C PRO B 500 19.07 20.88 10.58
N ASN B 501 19.83 21.91 10.93
CA ASN B 501 20.13 22.18 12.33
C ASN B 501 19.13 23.12 13.01
N GLU B 502 18.08 23.55 12.33
CA GLU B 502 17.15 24.53 12.88
C GLU B 502 15.78 23.92 13.11
N LYS B 503 15.20 24.20 14.28
CA LYS B 503 13.89 23.69 14.65
C LYS B 503 12.79 24.36 13.82
N VAL B 504 11.74 23.59 13.53
CA VAL B 504 10.61 24.10 12.76
C VAL B 504 9.74 24.98 13.67
N LEU B 505 9.28 26.10 13.12
CA LEU B 505 8.41 27.02 13.85
C LEU B 505 7.05 26.40 14.15
N PRO B 506 6.40 26.86 15.22
CA PRO B 506 5.00 26.47 15.47
C PRO B 506 4.09 26.88 14.31
N LYS B 507 3.09 26.03 14.04
CA LYS B 507 2.17 26.30 12.93
C LYS B 507 1.40 27.60 13.14
N HIS B 508 1.10 27.97 14.39
CA HIS B 508 0.36 29.18 14.70
C HIS B 508 1.27 30.34 15.11
N SER B 509 2.55 30.24 14.77
CA SER B 509 3.46 31.36 14.96
C SER B 509 3.02 32.57 14.14
N LEU B 510 3.10 33.76 14.77
CA LEU B 510 2.75 35.00 14.09
C LEU B 510 3.63 35.22 12.87
N LEU B 511 4.93 34.95 12.99
CA LEU B 511 5.82 35.09 11.85
C LEU B 511 5.42 34.18 10.71
N TYR B 512 5.04 32.93 11.02
CA TYR B 512 4.68 31.98 9.99
C TYR B 512 3.42 32.44 9.23
N GLU B 513 2.49 33.07 9.94
CA GLU B 513 1.28 33.55 9.27
C GLU B 513 1.54 34.84 8.50
N TYR B 514 2.46 35.67 8.97
CA TYR B 514 2.90 36.81 8.16
C TYR B 514 3.54 36.32 6.87
N PHE B 515 4.43 35.34 6.98
CA PHE B 515 5.07 34.76 5.81
C PHE B 515 4.04 34.22 4.84
N THR B 516 3.02 33.50 5.33
CA THR B 516 2.05 32.90 4.41
C THR B 516 1.16 33.95 3.76
N VAL B 517 0.66 34.93 4.54
CA VAL B 517 -0.17 35.98 3.95
C VAL B 517 0.60 36.76 2.90
N TYR B 518 1.84 37.15 3.21
CA TYR B 518 2.64 37.87 2.22
C TYR B 518 2.96 36.99 1.01
N ASN B 519 3.27 35.72 1.22
CA ASN B 519 3.55 34.82 0.10
C ASN B 519 2.35 34.67 -0.80
N GLU B 520 1.14 34.79 -0.26
CA GLU B 520 -0.05 34.73 -1.11
C GLU B 520 -0.28 36.06 -1.81
N LEU B 521 -0.18 37.17 -1.07
CA LEU B 521 -0.39 38.50 -1.64
C LEU B 521 0.58 38.79 -2.77
N THR B 522 1.84 38.35 -2.64
CA THR B 522 2.89 38.69 -3.60
C THR B 522 2.53 38.33 -5.04
N LYS B 523 1.69 37.31 -5.24
CA LYS B 523 1.36 36.85 -6.58
C LYS B 523 -0.03 37.32 -7.02
N VAL B 524 -0.61 38.29 -6.32
CA VAL B 524 -1.86 38.89 -6.72
C VAL B 524 -1.57 40.00 -7.73
N LYS B 525 -2.22 39.95 -8.88
CA LYS B 525 -2.06 40.98 -9.90
C LYS B 525 -3.33 41.79 -10.07
N TYR B 526 -3.17 42.99 -10.63
CA TYR B 526 -4.28 43.89 -10.89
C TYR B 526 -3.96 44.68 -12.15
N VAL B 527 -5.00 45.04 -12.89
CA VAL B 527 -4.90 45.88 -14.07
C VAL B 527 -5.96 46.97 -13.99
N THR B 528 -5.62 48.15 -14.50
CA THR B 528 -6.58 49.24 -14.65
C THR B 528 -6.63 49.67 -16.11
N GLU B 529 -7.47 50.69 -16.38
CA GLU B 529 -7.63 51.17 -17.75
C GLU B 529 -6.34 51.75 -18.29
N GLY B 530 -5.63 52.54 -17.49
CA GLY B 530 -4.42 53.19 -17.95
C GLY B 530 -3.29 52.23 -18.26
N MET B 531 -2.90 51.43 -17.27
CA MET B 531 -1.75 50.53 -17.41
C MET B 531 -1.94 49.57 -18.59
N ARG B 532 -0.81 49.07 -19.08
CA ARG B 532 -0.78 48.28 -20.31
C ARG B 532 -0.70 46.78 -20.05
N LYS B 533 -0.36 46.40 -18.83
CA LYS B 533 -0.28 45.00 -18.41
C LYS B 533 -0.68 44.94 -16.94
N PRO B 534 -1.17 43.79 -16.48
CA PRO B 534 -1.44 43.66 -15.04
C PRO B 534 -0.16 43.73 -14.23
N ALA B 535 -0.24 44.44 -13.11
CA ALA B 535 0.92 44.72 -12.26
C ALA B 535 0.77 44.05 -10.90
N PHE B 536 1.93 43.72 -10.32
CA PHE B 536 2.00 43.24 -8.95
C PHE B 536 1.61 44.37 -7.98
N LEU B 537 1.34 43.97 -6.74
CA LEU B 537 1.21 44.94 -5.66
C LEU B 537 2.60 45.32 -5.14
N SER B 538 2.75 46.59 -4.78
CA SER B 538 3.99 47.09 -4.21
C SER B 538 3.98 46.99 -2.68
N GLY B 539 5.12 47.34 -2.08
CA GLY B 539 5.24 47.33 -0.63
C GLY B 539 4.20 48.21 0.05
N GLU B 540 4.09 49.45 -0.40
CA GLU B 540 3.13 50.39 0.19
C GLU B 540 1.71 49.85 0.11
N GLN B 541 1.30 49.36 -1.07
CA GLN B 541 -0.04 48.80 -1.24
C GLN B 541 -0.24 47.59 -0.33
N LYS B 542 0.77 46.76 -0.17
CA LYS B 542 0.64 45.57 0.68
C LYS B 542 0.48 45.98 2.15
N LYS B 543 1.30 46.92 2.62
CA LYS B 543 1.15 47.41 3.98
C LYS B 543 -0.22 48.06 4.18
N ALA B 544 -0.72 48.72 3.15
CA ALA B 544 -2.06 49.31 3.22
C ALA B 544 -3.12 48.23 3.42
N ILE B 545 -3.11 47.21 2.56
CA ILE B 545 -4.11 46.14 2.65
C ILE B 545 -4.01 45.41 3.99
N VAL B 546 -2.80 45.14 4.48
CA VAL B 546 -2.66 44.44 5.76
C VAL B 546 -3.18 45.30 6.90
N ASP B 547 -2.63 46.52 7.07
CA ASP B 547 -3.03 47.37 8.18
C ASP B 547 -4.51 47.71 8.16
N LEU B 548 -5.09 47.88 6.97
CA LEU B 548 -6.48 48.32 6.88
C LEU B 548 -7.47 47.17 6.93
N LEU B 549 -7.16 46.04 6.26
CA LEU B 549 -8.09 44.92 6.18
C LEU B 549 -7.69 43.76 7.07
N PHE B 550 -6.44 43.30 6.98
CA PHE B 550 -6.02 42.12 7.73
C PHE B 550 -5.97 42.38 9.24
N LYS B 551 -5.62 43.60 9.64
CA LYS B 551 -5.52 43.97 11.05
C LYS B 551 -6.82 44.54 11.62
N THR B 552 -7.94 44.42 10.91
CA THR B 552 -9.20 44.94 11.42
C THR B 552 -10.32 43.89 11.39
N ASN B 553 -10.24 42.96 10.44
CA ASN B 553 -11.23 41.89 10.33
C ASN B 553 -10.54 40.55 10.55
N ARG B 554 -11.13 39.72 11.42
CA ARG B 554 -10.57 38.41 11.71
C ARG B 554 -10.34 37.61 10.44
N LYS B 555 -11.38 37.43 9.64
CA LYS B 555 -11.26 36.80 8.33
C LYS B 555 -11.56 37.83 7.25
N VAL B 556 -10.92 37.66 6.09
CA VAL B 556 -11.09 38.56 4.96
C VAL B 556 -11.64 37.74 3.80
N THR B 557 -12.88 38.02 3.40
CA THR B 557 -13.53 37.32 2.32
C THR B 557 -13.21 37.99 0.99
N VAL B 558 -13.46 37.25 -0.11
CA VAL B 558 -13.26 37.81 -1.44
C VAL B 558 -14.22 38.98 -1.67
N LYS B 559 -15.46 38.84 -1.18
CA LYS B 559 -16.42 39.93 -1.28
C LYS B 559 -15.89 41.18 -0.59
N GLN B 560 -15.27 41.02 0.58
CA GLN B 560 -14.71 42.16 1.28
C GLN B 560 -13.54 42.77 0.50
N LEU B 561 -12.76 41.93 -0.17
CA LEU B 561 -11.69 42.43 -1.03
C LEU B 561 -12.26 43.30 -2.15
N LYS B 562 -13.19 42.73 -2.92
CA LYS B 562 -13.83 43.46 -4.01
C LYS B 562 -14.46 44.76 -3.54
N GLU B 563 -15.46 44.67 -2.66
CA GLU B 563 -16.21 45.86 -2.26
C GLU B 563 -15.35 46.84 -1.45
N ASP B 564 -14.72 46.37 -0.37
CA ASP B 564 -14.02 47.33 0.48
C ASP B 564 -12.66 47.77 -0.05
N TYR B 565 -11.98 46.98 -0.88
CA TYR B 565 -10.74 47.45 -1.47
C TYR B 565 -10.87 47.79 -2.95
N PHE B 566 -11.27 46.83 -3.79
CA PHE B 566 -11.28 47.06 -5.22
C PHE B 566 -12.27 48.14 -5.62
N LYS B 567 -13.43 48.16 -4.97
CA LYS B 567 -14.44 49.17 -5.27
C LYS B 567 -14.06 50.52 -4.67
N LYS B 568 -13.69 50.54 -3.40
CA LYS B 568 -13.49 51.84 -2.75
C LYS B 568 -12.21 52.51 -3.23
N ILE B 569 -11.16 51.75 -3.52
CA ILE B 569 -9.89 52.35 -3.85
C ILE B 569 -9.53 52.27 -5.34
N GLU B 570 -10.08 51.31 -6.09
CA GLU B 570 -9.75 51.19 -7.50
C GLU B 570 -10.97 51.29 -8.41
N CYS B 571 -12.16 51.50 -7.85
CA CYS B 571 -13.41 51.71 -8.58
C CYS B 571 -13.67 50.57 -9.56
N PHE B 572 -13.32 49.34 -9.15
CA PHE B 572 -13.58 48.15 -9.95
C PHE B 572 -14.87 47.49 -9.51
N ASP B 573 -15.83 47.38 -10.43
CA ASP B 573 -17.09 46.74 -10.12
C ASP B 573 -17.01 45.22 -10.08
N SER B 574 -16.03 44.62 -10.77
CA SER B 574 -15.86 43.17 -10.75
C SER B 574 -14.42 42.80 -11.08
N VAL B 575 -13.94 41.73 -10.44
CA VAL B 575 -12.55 41.29 -10.56
C VAL B 575 -12.53 39.79 -10.31
N GLU B 576 -11.54 39.12 -10.89
CA GLU B 576 -11.36 37.68 -10.73
C GLU B 576 -10.12 37.32 -9.91
N ILE B 577 -10.31 36.40 -8.96
CA ILE B 577 -9.25 35.91 -8.08
C ILE B 577 -9.01 34.46 -8.48
N SER B 578 -7.73 34.04 -8.53
CA SER B 578 -7.43 32.73 -9.10
C SER B 578 -6.85 31.70 -8.14
N GLY B 579 -6.29 32.09 -6.99
CA GLY B 579 -5.59 31.07 -6.23
C GLY B 579 -6.33 30.57 -5.00
N VAL B 580 -7.44 31.24 -4.68
CA VAL B 580 -8.22 30.98 -3.48
C VAL B 580 -9.68 30.99 -3.88
N GLU B 581 -10.53 30.30 -3.11
CA GLU B 581 -11.91 30.17 -3.54
C GLU B 581 -12.82 30.66 -2.42
N ASP B 582 -13.45 31.80 -2.70
CA ASP B 582 -14.44 32.57 -1.95
C ASP B 582 -13.87 33.20 -0.69
N ARG B 583 -12.60 32.93 -0.36
CA ARG B 583 -11.98 33.54 0.82
C ARG B 583 -10.47 33.37 0.74
N PHE B 584 -9.72 34.31 1.33
CA PHE B 584 -8.27 34.20 1.33
C PHE B 584 -7.90 32.96 2.14
N ASN B 585 -7.10 32.06 1.56
CA ASN B 585 -6.71 30.88 2.33
C ASN B 585 -5.90 31.25 3.56
N ALA B 586 -4.96 32.19 3.42
CA ALA B 586 -4.15 32.62 4.55
C ALA B 586 -4.95 33.57 5.43
N SER B 587 -4.61 33.61 6.72
CA SER B 587 -5.30 34.49 7.64
C SER B 587 -4.44 34.74 8.86
N LEU B 588 -4.63 35.88 9.49
CA LEU B 588 -3.90 36.25 10.71
C LEU B 588 -4.70 35.90 11.95
N GLY B 589 -4.97 34.61 12.14
CA GLY B 589 -5.83 34.20 13.24
C GLY B 589 -5.24 34.51 14.60
N THR B 590 -3.94 34.28 14.76
CA THR B 590 -3.29 34.54 16.05
C THR B 590 -3.30 36.03 16.40
N TYR B 591 -3.09 36.89 15.40
CA TYR B 591 -3.16 38.33 15.65
C TYR B 591 -4.48 38.74 16.27
N HIS B 592 -5.60 38.19 15.79
CA HIS B 592 -6.89 38.57 16.35
C HIS B 592 -7.18 37.86 17.66
N ASP B 593 -6.74 36.61 17.80
CA ASP B 593 -6.86 35.93 19.08
C ASP B 593 -6.19 36.76 20.17
N LEU B 594 -4.90 37.04 19.99
CA LEU B 594 -4.17 37.89 20.93
C LEU B 594 -4.87 39.24 21.15
N LEU B 595 -5.13 39.98 20.07
CA LEU B 595 -5.88 41.24 20.20
C LEU B 595 -7.11 41.10 21.10
N LYS B 596 -7.83 39.98 21.01
CA LYS B 596 -8.97 39.75 21.88
C LYS B 596 -8.56 39.43 23.32
N ILE B 597 -7.43 38.77 23.52
CA ILE B 597 -7.01 38.42 24.89
C ILE B 597 -6.36 39.60 25.61
N ILE B 598 -5.26 40.12 25.05
CA ILE B 598 -4.54 41.19 25.73
C ILE B 598 -5.30 42.52 25.65
N LYS B 599 -6.15 42.69 24.64
CA LYS B 599 -6.94 43.92 24.46
C LYS B 599 -6.06 45.14 24.18
N ASP B 600 -4.79 44.94 23.82
CA ASP B 600 -3.84 46.04 23.61
C ASP B 600 -3.17 45.85 22.26
N LYS B 601 -3.77 46.45 21.23
CA LYS B 601 -3.24 46.36 19.87
C LYS B 601 -1.82 46.90 19.78
N ASP B 602 -1.54 48.00 20.46
CA ASP B 602 -0.21 48.59 20.39
C ASP B 602 0.85 47.69 21.00
N PHE B 603 0.47 46.82 21.93
CA PHE B 603 1.43 45.84 22.46
C PHE B 603 1.80 44.83 21.38
N LEU B 604 0.80 44.36 20.63
CA LEU B 604 1.04 43.39 19.57
C LEU B 604 1.86 44.00 18.44
N ASP B 605 1.55 45.24 18.06
CA ASP B 605 2.23 45.87 16.94
C ASP B 605 3.68 46.22 17.24
N ASN B 606 4.07 46.34 18.51
CA ASN B 606 5.45 46.70 18.81
C ASN B 606 6.36 45.54 18.42
N GLU B 607 7.33 45.82 17.54
CA GLU B 607 8.24 44.79 17.05
C GLU B 607 9.12 44.19 18.14
N GLU B 608 9.42 44.96 19.20
CA GLU B 608 10.34 44.43 20.20
C GLU B 608 9.73 43.31 21.02
N ASN B 609 8.40 43.19 21.04
CA ASN B 609 7.78 42.12 21.79
C ASN B 609 7.52 40.91 20.91
N GLU B 610 7.97 40.96 19.64
CA GLU B 610 7.68 39.87 18.71
C GLU B 610 8.23 38.56 19.23
N ASP B 611 9.52 38.56 19.61
CA ASP B 611 10.12 37.34 20.14
C ASP B 611 9.36 36.88 21.36
N ILE B 612 9.06 37.82 22.28
CA ILE B 612 8.32 37.46 23.48
C ILE B 612 7.00 36.82 23.08
N LEU B 613 6.30 37.44 22.13
CA LEU B 613 5.02 36.89 21.71
C LEU B 613 5.23 35.52 21.09
N GLU B 614 6.27 35.39 20.26
CA GLU B 614 6.55 34.08 19.66
C GLU B 614 6.86 33.06 20.76
N ASP B 615 7.57 33.50 21.80
CA ASP B 615 7.87 32.58 22.88
C ASP B 615 6.59 32.20 23.60
N ILE B 616 5.68 33.15 23.73
CA ILE B 616 4.42 32.85 24.40
C ILE B 616 3.66 31.85 23.56
N VAL B 617 3.61 32.08 22.24
CA VAL B 617 2.92 31.12 21.38
C VAL B 617 3.66 29.80 21.42
N LEU B 618 4.99 29.84 21.47
CA LEU B 618 5.75 28.61 21.61
C LEU B 618 5.32 27.89 22.87
N THR B 619 5.28 28.60 23.99
CA THR B 619 4.83 27.99 25.23
C THR B 619 3.42 27.45 25.07
N LEU B 620 2.54 28.22 24.42
CA LEU B 620 1.16 27.79 24.26
C LEU B 620 1.10 26.52 23.42
N THR B 621 2.06 26.36 22.52
CA THR B 621 2.12 25.17 21.68
C THR B 621 2.82 24.05 22.43
N LEU B 622 3.94 24.39 23.08
CA LEU B 622 4.80 23.38 23.70
C LEU B 622 4.10 22.63 24.83
N PHE B 623 3.26 23.30 25.61
CA PHE B 623 2.60 22.65 26.73
C PHE B 623 1.08 22.67 26.58
N GLU B 624 0.45 21.70 27.27
CA GLU B 624 -1.00 21.63 27.39
C GLU B 624 -1.44 21.40 28.82
N ASP B 625 -0.52 21.14 29.74
CA ASP B 625 -0.79 21.09 31.17
C ASP B 625 -1.01 22.52 31.65
N ARG B 626 -2.25 22.89 31.95
CA ARG B 626 -2.55 24.27 32.32
C ARG B 626 -1.68 24.76 33.48
N GLU B 627 -1.40 23.88 34.45
CA GLU B 627 -0.57 24.32 35.56
C GLU B 627 0.84 24.66 35.10
N MET B 628 1.30 24.00 34.04
CA MET B 628 2.63 24.30 33.52
C MET B 628 2.58 25.47 32.56
N ILE B 629 1.53 25.59 31.75
CA ILE B 629 1.41 26.77 30.89
C ILE B 629 1.43 28.01 31.78
N GLU B 630 0.66 27.95 32.87
CA GLU B 630 0.62 29.05 33.84
C GLU B 630 2.00 29.32 34.41
N GLU B 631 2.72 28.26 34.83
CA GLU B 631 4.05 28.50 35.37
C GLU B 631 4.97 29.14 34.35
N ARG B 632 4.86 28.73 33.07
CA ARG B 632 5.69 29.31 32.03
C ARG B 632 5.33 30.78 31.78
N LEU B 633 4.06 31.13 31.92
CA LEU B 633 3.62 32.49 31.64
C LEU B 633 3.67 33.40 32.85
N LYS B 634 4.01 32.84 34.02
CA LYS B 634 3.99 33.61 35.26
C LYS B 634 4.87 34.85 35.18
N THR B 635 5.96 34.78 34.41
CA THR B 635 6.85 35.95 34.31
C THR B 635 6.13 37.16 33.73
N TYR B 636 5.26 36.98 32.73
CA TYR B 636 4.67 38.13 32.07
C TYR B 636 3.35 38.58 32.68
N ALA B 637 2.99 38.05 33.85
CA ALA B 637 1.73 38.39 34.49
C ALA B 637 1.61 39.87 34.83
N HIS B 638 2.74 40.54 35.00
CA HIS B 638 2.81 41.96 35.36
C HIS B 638 2.59 42.93 34.21
N LEU B 639 2.66 42.49 32.94
CA LEU B 639 2.57 43.52 31.91
C LEU B 639 1.17 44.06 31.69
N PHE B 640 0.11 43.26 31.77
CA PHE B 640 -1.17 43.93 31.57
C PHE B 640 -2.14 43.76 32.73
N ASP B 641 -2.44 42.53 33.14
CA ASP B 641 -3.35 42.26 34.26
C ASP B 641 -3.43 40.76 34.49
N ASP B 642 -3.95 40.40 35.67
CA ASP B 642 -4.10 38.99 36.04
C ASP B 642 -5.11 38.28 35.14
N LYS B 643 -6.15 39.01 34.73
CA LYS B 643 -7.19 38.49 33.85
C LYS B 643 -6.66 38.10 32.47
N VAL B 644 -5.76 38.90 31.90
CA VAL B 644 -5.21 38.53 30.59
C VAL B 644 -4.45 37.22 30.69
N MET B 645 -3.68 37.03 31.76
CA MET B 645 -2.98 35.77 31.95
C MET B 645 -3.97 34.62 32.12
N LYS B 646 -5.01 34.83 32.94
CA LYS B 646 -6.06 33.83 33.10
C LYS B 646 -6.67 33.42 31.77
N GLN B 647 -6.90 34.38 30.87
CA GLN B 647 -7.45 34.06 29.56
C GLN B 647 -6.41 33.40 28.66
N LEU B 648 -5.14 33.75 28.82
CA LEU B 648 -4.09 33.21 27.97
C LEU B 648 -3.83 31.75 28.30
N LYS B 649 -4.07 31.36 29.56
CA LYS B 649 -3.93 29.96 29.94
C LYS B 649 -4.81 29.06 29.08
N ARG B 650 -6.07 29.45 28.87
CA ARG B 650 -7.00 28.56 28.18
C ARG B 650 -6.69 28.42 26.70
N ARG B 651 -6.19 29.48 26.07
CA ARG B 651 -5.80 29.42 24.66
C ARG B 651 -4.75 28.35 24.43
N ARG B 652 -5.08 27.35 23.60
CA ARG B 652 -4.17 26.24 23.33
C ARG B 652 -4.11 25.98 21.83
N TYR B 653 -2.90 25.69 21.34
CA TYR B 653 -2.66 25.41 19.93
C TYR B 653 -1.97 24.05 19.79
N THR B 654 -2.22 23.40 18.65
CA THR B 654 -1.55 22.15 18.32
C THR B 654 -1.03 22.22 16.89
N GLY B 655 0.03 21.48 16.62
CA GLY B 655 0.56 21.40 15.27
C GLY B 655 1.82 22.24 15.09
N TRP B 656 2.65 21.82 14.13
CA TRP B 656 3.91 22.49 13.82
C TRP B 656 4.00 22.69 12.32
N GLY B 657 4.62 23.81 11.93
CA GLY B 657 4.71 24.15 10.52
C GLY B 657 5.72 23.34 9.73
N ARG B 658 6.33 23.97 8.74
CA ARG B 658 7.29 23.28 7.86
C ARG B 658 8.65 23.95 7.78
N LEU B 659 8.78 25.22 8.14
CA LEU B 659 10.00 25.98 7.91
C LEU B 659 10.50 26.58 9.21
N SER B 660 11.76 26.98 9.21
CA SER B 660 12.42 27.51 10.40
C SER B 660 12.41 29.03 10.38
N ARG B 661 12.66 29.61 11.56
CA ARG B 661 12.70 31.08 11.68
C ARG B 661 13.84 31.67 10.87
N LYS B 662 14.99 30.98 10.82
CA LYS B 662 16.13 31.49 10.08
C LYS B 662 15.86 31.51 8.59
N LEU B 663 15.11 30.52 8.09
CA LEU B 663 14.78 30.50 6.67
C LEU B 663 13.86 31.67 6.29
N ILE B 664 12.79 31.87 7.07
CA ILE B 664 11.82 32.91 6.73
C ILE B 664 12.44 34.29 6.93
N ASN B 665 13.09 34.54 8.06
CA ASN B 665 13.52 35.91 8.36
C ASN B 665 14.92 35.98 8.95
N GLY B 666 15.75 34.96 8.80
CA GLY B 666 17.06 34.99 9.40
C GLY B 666 18.21 35.27 8.43
N ILE B 667 18.25 34.56 7.31
CA ILE B 667 19.28 34.77 6.31
C ILE B 667 19.13 36.14 5.67
N ARG B 668 20.25 36.82 5.46
CA ARG B 668 20.29 38.11 4.77
C ARG B 668 21.19 38.00 3.56
N ASP B 669 20.72 38.46 2.40
CA ASP B 669 21.57 38.50 1.23
C ASP B 669 22.72 39.48 1.46
N LYS B 670 23.95 39.02 1.22
CA LYS B 670 25.12 39.84 1.50
C LYS B 670 25.05 41.20 0.80
N GLN B 671 24.63 41.22 -0.46
CA GLN B 671 24.54 42.48 -1.20
C GLN B 671 23.36 43.31 -0.73
N SER B 672 22.18 42.68 -0.62
CA SER B 672 20.96 43.41 -0.28
C SER B 672 20.87 43.71 1.21
N GLY B 673 21.24 42.73 2.05
CA GLY B 673 20.99 42.82 3.47
C GLY B 673 19.54 42.64 3.88
N LYS B 674 18.74 42.05 2.99
CA LYS B 674 17.30 41.88 3.22
C LYS B 674 16.99 40.39 3.36
N THR B 675 16.10 40.07 4.30
CA THR B 675 15.68 38.70 4.50
C THR B 675 14.60 38.32 3.50
N ILE B 676 14.24 37.04 3.50
CA ILE B 676 13.17 36.55 2.63
C ILE B 676 11.90 37.34 2.89
N LEU B 677 11.54 37.53 4.16
CA LEU B 677 10.33 38.27 4.49
C LEU B 677 10.41 39.70 4.00
N ASP B 678 11.61 40.28 3.95
CA ASP B 678 11.75 41.63 3.40
C ASP B 678 11.40 41.66 1.92
N PHE B 679 11.84 40.65 1.17
CA PHE B 679 11.51 40.59 -0.25
C PHE B 679 10.03 40.29 -0.47
N LEU B 680 9.42 39.53 0.45
CA LEU B 680 7.99 39.28 0.36
C LEU B 680 7.19 40.55 0.65
N LYS B 681 7.64 41.34 1.62
CA LYS B 681 6.98 42.61 1.92
C LYS B 681 7.16 43.61 0.79
N SER B 682 8.38 43.77 0.30
CA SER B 682 8.65 44.73 -0.77
C SER B 682 9.82 44.24 -1.60
N ASP B 683 9.60 44.08 -2.91
CA ASP B 683 10.65 43.69 -3.84
C ASP B 683 10.56 44.52 -5.12
N GLY B 684 9.88 45.65 -5.07
CA GLY B 684 9.77 46.58 -6.18
C GLY B 684 8.89 46.14 -7.32
N PHE B 685 9.47 45.95 -8.51
CA PHE B 685 8.67 45.62 -9.68
C PHE B 685 8.36 44.13 -9.78
N ALA B 686 9.39 43.29 -9.65
CA ALA B 686 9.19 41.85 -9.57
C ALA B 686 8.83 41.45 -8.14
N ASN B 687 7.61 40.93 -7.96
CA ASN B 687 7.15 40.46 -6.65
C ASN B 687 7.49 38.97 -6.56
N ARG B 688 8.75 38.69 -6.25
CA ARG B 688 9.28 37.35 -6.44
C ARG B 688 8.74 36.39 -5.39
N ASN B 689 8.49 35.16 -5.81
CA ASN B 689 7.97 34.11 -4.95
C ASN B 689 9.07 33.55 -4.04
N PHE B 690 8.62 32.88 -2.96
CA PHE B 690 9.54 32.16 -2.10
C PHE B 690 10.29 31.08 -2.89
N MET B 691 9.60 30.38 -3.78
CA MET B 691 10.26 29.41 -4.65
C MET B 691 11.29 30.11 -5.53
N GLN B 692 10.93 31.27 -6.07
CA GLN B 692 11.87 32.03 -6.89
C GLN B 692 13.05 32.51 -6.05
N LEU B 693 12.78 33.08 -4.87
CA LEU B 693 13.86 33.50 -3.99
C LEU B 693 14.83 32.34 -3.75
N ILE B 694 14.28 31.15 -3.51
CA ILE B 694 15.09 29.99 -3.18
C ILE B 694 15.82 29.45 -4.40
N HIS B 695 15.36 29.79 -5.60
CA HIS B 695 15.93 29.26 -6.84
C HIS B 695 16.49 30.33 -7.77
N ASP B 696 16.68 31.57 -7.30
CA ASP B 696 17.14 32.64 -8.18
C ASP B 696 18.66 32.64 -8.21
N ASP B 697 19.22 32.29 -9.38
CA ASP B 697 20.67 32.22 -9.55
C ASP B 697 21.34 33.57 -9.32
N SER B 698 20.64 34.66 -9.58
CA SER B 698 21.21 35.99 -9.36
C SER B 698 21.40 36.28 -7.88
N LEU B 699 20.47 35.82 -7.04
CA LEU B 699 20.63 35.98 -5.60
C LEU B 699 21.48 34.85 -5.03
N THR B 700 21.94 35.05 -3.80
CA THR B 700 22.88 34.15 -3.15
C THR B 700 22.23 33.24 -2.11
N PHE B 701 20.90 33.29 -1.97
CA PHE B 701 20.22 32.43 -1.00
C PHE B 701 20.45 30.96 -1.30
N LYS B 702 20.25 30.55 -2.57
CA LYS B 702 20.34 29.13 -2.92
C LYS B 702 21.71 28.56 -2.60
N GLU B 703 22.78 29.26 -2.98
CA GLU B 703 24.13 28.76 -2.72
C GLU B 703 24.44 28.77 -1.23
N ASP B 704 24.00 29.81 -0.51
CA ASP B 704 24.21 29.87 0.93
C ASP B 704 23.49 28.73 1.64
N ILE B 705 22.36 28.28 1.09
CA ILE B 705 21.69 27.13 1.67
C ILE B 705 22.44 25.84 1.31
N GLN B 706 22.90 25.73 0.07
CA GLN B 706 23.49 24.49 -0.43
C GLN B 706 24.71 24.03 0.37
N LYS B 707 25.20 24.86 1.30
CA LYS B 707 26.23 24.40 2.22
C LYS B 707 25.76 23.20 3.04
N ALA B 708 24.70 23.38 3.82
CA ALA B 708 24.22 22.31 4.69
C ALA B 708 23.49 21.22 3.92
N GLN B 709 22.83 21.57 2.82
CA GLN B 709 22.08 20.59 2.04
C GLN B 709 23.02 19.70 1.25
N SER B 716 25.74 6.96 6.10
CA SER B 716 25.78 5.50 6.18
C SER B 716 24.60 4.88 5.44
N LEU B 717 24.89 3.86 4.63
CA LEU B 717 23.84 3.18 3.88
C LEU B 717 22.77 2.60 4.81
N HIS B 718 23.22 1.97 5.90
CA HIS B 718 22.28 1.29 6.79
C HIS B 718 21.41 2.30 7.52
N GLU B 719 22.03 3.35 8.06
CA GLU B 719 21.26 4.41 8.71
C GLU B 719 20.31 5.07 7.73
N HIS B 720 20.78 5.38 6.52
CA HIS B 720 19.93 6.02 5.52
C HIS B 720 18.72 5.17 5.19
N ILE B 721 18.91 3.85 5.07
CA ILE B 721 17.78 2.98 4.76
C ILE B 721 16.85 2.85 5.95
N ALA B 722 17.40 2.75 7.16
CA ALA B 722 16.60 2.61 8.37
C ALA B 722 15.80 3.87 8.68
N ASN B 723 16.23 5.04 8.18
CA ASN B 723 15.52 6.28 8.45
C ASN B 723 14.30 6.46 7.57
N LEU B 724 14.18 5.69 6.49
CA LEU B 724 13.01 5.77 5.63
C LEU B 724 11.77 5.33 6.39
N ALA B 725 10.61 5.76 5.89
CA ALA B 725 9.31 5.37 6.43
C ALA B 725 8.76 4.18 5.66
N GLY B 726 8.36 3.15 6.39
CA GLY B 726 7.82 1.95 5.77
C GLY B 726 8.01 0.76 6.67
N SER B 727 7.52 -0.38 6.17
CA SER B 727 7.64 -1.64 6.90
C SER B 727 9.09 -2.10 6.94
N PRO B 728 9.54 -2.65 8.08
CA PRO B 728 10.93 -3.17 8.13
C PRO B 728 11.21 -4.26 7.12
N ALA B 729 10.20 -5.03 6.72
CA ALA B 729 10.38 -6.08 5.73
C ALA B 729 10.90 -5.52 4.41
N ILE B 730 10.32 -4.41 3.95
CA ILE B 730 10.79 -3.85 2.70
C ILE B 730 12.16 -3.22 2.88
N LYS B 731 12.48 -2.73 4.07
CA LYS B 731 13.82 -2.18 4.28
C LYS B 731 14.85 -3.31 4.18
N LYS B 732 14.52 -4.46 4.79
CA LYS B 732 15.33 -5.66 4.65
C LYS B 732 15.59 -5.97 3.18
N GLY B 733 14.50 -5.97 2.40
CA GLY B 733 14.62 -6.22 0.97
C GLY B 733 15.50 -5.19 0.26
N ILE B 734 15.41 -3.93 0.68
CA ILE B 734 16.23 -2.87 0.09
C ILE B 734 17.72 -3.14 0.36
N LEU B 735 18.06 -3.45 1.61
CA LEU B 735 19.45 -3.78 1.91
C LEU B 735 19.92 -4.98 1.09
N GLN B 736 19.10 -6.03 1.04
CA GLN B 736 19.51 -7.24 0.31
C GLN B 736 19.72 -6.93 -1.17
N THR B 737 18.83 -6.15 -1.79
CA THR B 737 18.97 -5.86 -3.21
C THR B 737 20.19 -4.96 -3.48
N VAL B 738 20.47 -4.02 -2.58
CA VAL B 738 21.70 -3.22 -2.72
C VAL B 738 22.93 -4.12 -2.69
N LYS B 739 22.99 -5.03 -1.72
CA LYS B 739 24.13 -5.94 -1.65
C LYS B 739 24.23 -6.81 -2.89
N VAL B 740 23.09 -7.33 -3.37
CA VAL B 740 23.07 -8.10 -4.61
C VAL B 740 23.66 -7.30 -5.77
N VAL B 741 23.21 -6.05 -5.94
CA VAL B 741 23.74 -5.19 -6.99
C VAL B 741 25.25 -5.03 -6.85
N ASP B 742 25.73 -4.76 -5.65
CA ASP B 742 27.17 -4.64 -5.42
C ASP B 742 27.91 -5.89 -5.89
N GLU B 743 27.47 -7.07 -5.45
CA GLU B 743 28.16 -8.30 -5.83
C GLU B 743 28.06 -8.55 -7.33
N LEU B 744 26.95 -8.15 -7.96
CA LEU B 744 26.83 -8.30 -9.41
C LEU B 744 27.83 -7.43 -10.14
N VAL B 745 27.99 -6.17 -9.70
CA VAL B 745 28.99 -5.30 -10.29
C VAL B 745 30.38 -5.89 -10.12
N LYS B 746 30.67 -6.43 -8.93
CA LYS B 746 31.97 -7.08 -8.71
C LYS B 746 32.17 -8.25 -9.67
N VAL B 747 31.11 -9.03 -9.90
CA VAL B 747 31.17 -10.17 -10.82
C VAL B 747 31.51 -9.71 -12.24
N MET B 748 30.97 -8.56 -12.65
CA MET B 748 31.13 -8.05 -14.01
C MET B 748 32.36 -7.16 -14.18
N GLY B 749 33.39 -7.38 -13.38
CA GLY B 749 34.63 -6.63 -13.54
C GLY B 749 34.54 -5.16 -13.21
N ARG B 750 33.65 -4.78 -12.30
CA ARG B 750 33.48 -3.40 -11.85
C ARG B 750 33.01 -2.46 -12.95
N HIS B 751 32.49 -2.99 -14.06
CA HIS B 751 31.83 -2.14 -15.04
C HIS B 751 30.40 -1.89 -14.61
N LYS B 752 29.96 -0.64 -14.68
CA LYS B 752 28.60 -0.32 -14.28
C LYS B 752 27.60 -0.66 -15.39
N PRO B 753 26.40 -1.11 -15.01
CA PRO B 753 25.38 -1.42 -16.01
C PRO B 753 24.94 -0.19 -16.77
N GLU B 754 24.37 -0.43 -17.96
CA GLU B 754 23.83 0.68 -18.73
C GLU B 754 22.46 1.12 -18.21
N ASN B 755 21.62 0.16 -17.82
CA ASN B 755 20.30 0.44 -17.28
C ASN B 755 20.03 -0.49 -16.11
N ILE B 756 19.32 0.02 -15.11
CA ILE B 756 18.80 -0.82 -14.03
C ILE B 756 17.28 -0.68 -14.00
N VAL B 757 16.57 -1.74 -14.36
CA VAL B 757 15.11 -1.75 -14.38
C VAL B 757 14.62 -2.43 -13.11
N ILE B 758 13.87 -1.69 -12.30
CA ILE B 758 13.37 -2.20 -11.02
C ILE B 758 11.84 -2.25 -11.03
N GLU B 759 11.31 -3.34 -10.50
CA GLU B 759 9.89 -3.55 -10.28
C GLU B 759 9.69 -3.85 -8.81
N MET B 760 8.53 -3.46 -8.26
CA MET B 760 8.22 -3.77 -6.88
C MET B 760 6.82 -4.35 -6.77
N ALA B 761 6.70 -5.40 -5.96
CA ALA B 761 5.43 -6.11 -5.79
C ALA B 761 4.44 -5.27 -4.99
N ARG B 762 3.16 -5.56 -5.22
CA ARG B 762 2.09 -4.83 -4.52
C ARG B 762 2.21 -5.05 -3.02
N GLU B 763 2.45 -3.98 -2.28
CA GLU B 763 2.69 -4.05 -0.84
C GLU B 763 1.47 -3.67 -0.01
N ASN B 764 0.34 -3.38 -0.65
CA ASN B 764 -0.85 -2.98 0.10
C ASN B 764 -1.50 -4.17 0.80
N GLN B 765 -1.47 -5.35 0.17
CA GLN B 765 -2.05 -6.53 0.81
C GLN B 765 -1.27 -6.94 2.05
N THR B 766 0.06 -6.84 2.01
CA THR B 766 0.89 -7.19 3.15
C THR B 766 1.07 -6.00 4.08
N ASN B 773 -8.46 -9.63 10.33
CA ASN B 773 -9.23 -8.43 10.61
C ASN B 773 -10.55 -8.77 11.29
N SER B 774 -10.68 -10.02 11.74
CA SER B 774 -11.95 -10.50 12.30
C SER B 774 -12.37 -9.65 13.49
N ARG B 775 -11.44 -9.35 14.39
CA ARG B 775 -11.75 -8.53 15.56
C ARG B 775 -12.28 -7.16 15.15
N GLU B 776 -11.58 -6.50 14.23
CA GLU B 776 -12.03 -5.20 13.72
C GLU B 776 -13.43 -5.29 13.12
N ARG B 777 -13.70 -6.37 12.38
CA ARG B 777 -15.02 -6.54 11.76
C ARG B 777 -16.10 -6.69 12.82
N MET B 778 -15.88 -7.58 13.79
CA MET B 778 -16.85 -7.76 14.87
C MET B 778 -17.09 -6.46 15.62
N LYS B 779 -16.03 -5.68 15.85
CA LYS B 779 -16.20 -4.40 16.52
C LYS B 779 -17.05 -3.44 15.69
N ARG B 780 -16.67 -3.25 14.42
CA ARG B 780 -17.44 -2.42 13.50
C ARG B 780 -18.92 -2.77 13.54
N ILE B 781 -19.24 -4.06 13.37
CA ILE B 781 -20.64 -4.48 13.34
C ILE B 781 -21.32 -4.22 14.68
N GLU B 782 -20.68 -4.63 15.78
CA GLU B 782 -21.24 -4.41 17.11
C GLU B 782 -21.62 -2.95 17.33
N GLU B 783 -20.69 -2.04 17.03
CA GLU B 783 -20.93 -0.62 17.22
C GLU B 783 -22.02 -0.11 16.28
N GLY B 784 -21.91 -0.42 15.00
CA GLY B 784 -22.91 0.04 14.04
C GLY B 784 -24.32 -0.41 14.40
N ILE B 785 -24.45 -1.62 14.92
CA ILE B 785 -25.77 -2.14 15.27
C ILE B 785 -26.27 -1.52 16.57
N LYS B 786 -25.42 -1.49 17.60
CA LYS B 786 -25.80 -0.82 18.85
C LYS B 786 -26.27 0.61 18.59
N GLU B 787 -25.53 1.36 17.76
CA GLU B 787 -25.97 2.70 17.41
C GLU B 787 -27.27 2.68 16.62
N LEU B 788 -27.39 1.75 15.66
CA LEU B 788 -28.59 1.68 14.85
C LEU B 788 -29.81 1.21 15.63
N GLY B 789 -29.60 0.47 16.71
CA GLY B 789 -30.71 -0.03 17.50
C GLY B 789 -31.35 -1.27 16.94
N SER B 790 -30.63 -2.03 16.12
CA SER B 790 -31.18 -3.22 15.47
C SER B 790 -31.04 -4.43 16.39
N GLN B 791 -31.99 -5.36 16.26
CA GLN B 791 -31.98 -6.60 17.03
C GLN B 791 -31.34 -7.75 16.28
N ILE B 792 -30.93 -7.54 15.03
CA ILE B 792 -30.48 -8.64 14.17
C ILE B 792 -29.36 -9.45 14.81
N LEU B 793 -28.59 -8.84 15.72
CA LEU B 793 -27.59 -9.60 16.46
C LEU B 793 -28.24 -10.54 17.45
N LYS B 794 -29.28 -10.07 18.15
CA LYS B 794 -29.99 -10.93 19.09
C LYS B 794 -30.75 -12.03 18.37
N GLU B 795 -31.27 -11.73 17.17
CA GLU B 795 -32.01 -12.72 16.40
C GLU B 795 -31.10 -13.70 15.70
N HIS B 796 -29.99 -13.23 15.15
CA HIS B 796 -29.01 -14.10 14.50
C HIS B 796 -27.62 -13.86 15.06
N PRO B 797 -27.23 -14.59 16.12
CA PRO B 797 -25.91 -14.41 16.70
C PRO B 797 -24.82 -14.85 15.74
N VAL B 798 -23.75 -14.05 15.65
CA VAL B 798 -22.65 -14.34 14.75
C VAL B 798 -21.37 -14.49 15.57
N GLU B 799 -20.35 -15.06 14.93
CA GLU B 799 -19.01 -15.13 15.49
C GLU B 799 -17.99 -14.61 14.49
N ASN B 800 -16.88 -14.10 15.02
CA ASN B 800 -15.89 -13.40 14.21
C ASN B 800 -15.47 -14.21 12.98
N THR B 801 -15.33 -15.53 13.13
CA THR B 801 -14.84 -16.34 12.02
C THR B 801 -15.92 -16.53 10.97
N GLN B 802 -17.16 -16.18 11.28
CA GLN B 802 -18.23 -16.26 10.32
C GLN B 802 -18.17 -15.07 9.38
N LEU B 803 -17.64 -13.95 9.89
CA LEU B 803 -17.55 -12.71 9.12
C LEU B 803 -16.49 -12.75 8.03
N GLN B 804 -15.68 -13.82 7.98
CA GLN B 804 -14.69 -13.94 6.91
C GLN B 804 -15.35 -14.09 5.55
N ASN B 805 -16.55 -14.67 5.50
CA ASN B 805 -17.31 -14.71 4.26
C ASN B 805 -17.73 -13.30 3.85
N GLU B 806 -17.39 -12.93 2.62
CA GLU B 806 -17.58 -11.55 2.16
C GLU B 806 -19.06 -11.18 2.13
N LYS B 807 -19.90 -12.06 1.56
CA LYS B 807 -21.32 -11.74 1.44
C LYS B 807 -21.97 -11.61 2.81
N LEU B 808 -21.54 -12.40 3.79
CA LEU B 808 -22.11 -12.29 5.13
C LEU B 808 -21.66 -10.99 5.79
N TYR B 809 -20.36 -10.68 5.69
CA TYR B 809 -19.84 -9.44 6.25
C TYR B 809 -20.60 -8.24 5.69
N LEU B 810 -20.73 -8.17 4.36
CA LEU B 810 -21.53 -7.12 3.74
C LEU B 810 -22.96 -7.10 4.31
N TYR B 811 -23.65 -8.25 4.25
CA TYR B 811 -25.00 -8.38 4.78
C TYR B 811 -25.15 -7.73 6.16
N TYR B 812 -24.20 -8.01 7.04
CA TYR B 812 -24.24 -7.42 8.38
C TYR B 812 -23.89 -5.94 8.38
N LEU B 813 -23.01 -5.50 7.47
CA LEU B 813 -22.68 -4.09 7.39
C LEU B 813 -23.84 -3.23 6.91
N GLN B 814 -24.82 -3.81 6.24
CA GLN B 814 -25.98 -3.07 5.74
C GLN B 814 -27.25 -3.40 6.52
N ASN B 815 -27.11 -3.99 7.71
CA ASN B 815 -28.24 -4.29 8.58
C ASN B 815 -29.28 -5.14 7.85
N GLY B 816 -28.81 -6.10 7.07
CA GLY B 816 -29.70 -6.98 6.33
C GLY B 816 -30.63 -6.26 5.37
N ARG B 817 -30.11 -5.29 4.63
CA ARG B 817 -30.93 -4.47 3.75
C ARG B 817 -30.24 -4.32 2.41
N ASP B 818 -31.04 -4.06 1.38
CA ASP B 818 -30.52 -3.74 0.06
C ASP B 818 -29.99 -2.31 0.00
N MET B 819 -28.84 -2.14 -0.63
CA MET B 819 -28.17 -0.84 -0.65
C MET B 819 -28.75 0.11 -1.70
N TYR B 820 -29.44 -0.43 -2.72
CA TYR B 820 -29.94 0.40 -3.81
C TYR B 820 -31.46 0.54 -3.82
N VAL B 821 -32.18 -0.34 -3.13
CA VAL B 821 -33.63 -0.49 -3.35
C VAL B 821 -34.43 -0.24 -2.09
N ASP B 822 -33.79 -0.05 -0.94
CA ASP B 822 -34.49 0.26 0.32
C ASP B 822 -35.42 -0.89 0.72
N GLN B 823 -34.93 -2.12 0.59
CA GLN B 823 -35.69 -3.30 0.98
C GLN B 823 -34.79 -4.25 1.76
N GLU B 824 -35.43 -5.15 2.51
CA GLU B 824 -34.70 -6.12 3.30
C GLU B 824 -34.10 -7.22 2.43
N LEU B 825 -32.98 -7.76 2.89
CA LEU B 825 -32.34 -8.91 2.28
C LEU B 825 -32.57 -10.16 3.12
N ASP B 826 -32.23 -11.31 2.55
CA ASP B 826 -32.40 -12.60 3.20
C ASP B 826 -31.02 -13.23 3.43
N ILE B 827 -30.79 -13.66 4.67
CA ILE B 827 -29.53 -14.28 5.07
C ILE B 827 -29.42 -15.67 4.45
N ASN B 828 -30.45 -16.09 3.72
CA ASN B 828 -30.49 -17.39 3.07
C ASN B 828 -30.45 -17.29 1.56
N ARG B 829 -30.30 -16.09 1.00
CA ARG B 829 -30.38 -15.87 -0.44
C ARG B 829 -29.14 -15.18 -0.98
N LEU B 830 -28.02 -15.22 -0.24
CA LEU B 830 -26.82 -14.52 -0.67
C LEU B 830 -26.28 -15.07 -1.98
N SER B 831 -26.50 -16.36 -2.25
CA SER B 831 -26.05 -16.95 -3.50
C SER B 831 -26.74 -16.30 -4.70
N ASP B 832 -27.96 -15.81 -4.51
CA ASP B 832 -28.69 -15.15 -5.59
C ASP B 832 -28.28 -13.70 -5.77
N TYR B 833 -27.69 -13.09 -4.76
CA TYR B 833 -27.36 -11.67 -4.80
C TYR B 833 -26.02 -11.47 -5.53
N ASP B 834 -25.75 -10.21 -5.87
CA ASP B 834 -24.57 -9.85 -6.63
C ASP B 834 -23.70 -8.86 -5.85
N VAL B 835 -22.39 -9.04 -5.99
CA VAL B 835 -21.38 -8.10 -5.48
C VAL B 835 -20.93 -7.23 -6.65
N ASP B 836 -21.31 -5.97 -6.63
CA ASP B 836 -21.05 -5.01 -7.70
C ASP B 836 -19.94 -4.06 -7.28
N ALA B 837 -19.09 -3.72 -8.24
CA ALA B 837 -18.06 -2.71 -8.01
C ALA B 837 -18.64 -1.32 -8.21
N ILE B 838 -18.50 -0.46 -7.18
CA ILE B 838 -19.06 0.88 -7.23
C ILE B 838 -18.49 1.67 -8.41
N VAL B 839 -17.18 1.84 -8.44
CA VAL B 839 -16.48 2.28 -9.64
C VAL B 839 -15.98 1.06 -10.40
N PRO B 840 -16.46 0.81 -11.63
CA PRO B 840 -16.17 -0.44 -12.33
C PRO B 840 -14.70 -0.86 -12.25
N GLN B 841 -14.49 -2.17 -12.10
CA GLN B 841 -13.15 -2.71 -11.91
C GLN B 841 -12.23 -2.35 -13.08
N SER B 842 -12.78 -2.17 -14.27
CA SER B 842 -11.98 -1.83 -15.45
C SER B 842 -11.24 -0.51 -15.27
N PHE B 843 -11.80 0.41 -14.49
CA PHE B 843 -11.14 1.70 -14.27
C PHE B 843 -10.29 1.68 -13.00
N LEU B 844 -10.83 1.15 -11.91
CA LEU B 844 -10.14 1.13 -10.62
C LEU B 844 -10.02 -0.31 -10.16
N LYS B 845 -8.79 -0.80 -10.07
CA LYS B 845 -8.53 -2.17 -9.60
C LYS B 845 -8.60 -2.21 -8.07
N ASP B 846 -9.80 -1.96 -7.56
CA ASP B 846 -10.05 -1.97 -6.12
C ASP B 846 -10.92 -3.18 -5.79
N ASP B 847 -10.41 -4.05 -4.93
CA ASP B 847 -11.10 -5.27 -4.52
C ASP B 847 -11.67 -5.18 -3.11
N SER B 848 -11.43 -4.09 -2.41
CA SER B 848 -11.83 -3.95 -1.02
C SER B 848 -13.33 -3.68 -0.90
N ILE B 849 -13.79 -3.60 0.35
CA ILE B 849 -15.19 -3.34 0.65
C ILE B 849 -15.55 -1.89 0.35
N ASP B 850 -14.57 -0.99 0.39
CA ASP B 850 -14.80 0.41 0.07
C ASP B 850 -15.32 0.63 -1.34
N ASN B 851 -15.09 -0.31 -2.25
CA ASN B 851 -15.52 -0.16 -3.64
C ASN B 851 -16.47 -1.28 -4.06
N LYS B 852 -16.91 -2.11 -3.13
CA LYS B 852 -17.77 -3.25 -3.40
C LYS B 852 -19.09 -3.09 -2.65
N VAL B 853 -20.16 -3.65 -3.21
CA VAL B 853 -21.51 -3.45 -2.68
C VAL B 853 -22.32 -4.70 -2.95
N LEU B 854 -23.18 -5.06 -2.00
CA LEU B 854 -24.07 -6.21 -2.14
C LEU B 854 -25.48 -5.73 -2.47
N THR B 855 -25.99 -6.15 -3.63
CA THR B 855 -27.36 -5.82 -4.00
C THR B 855 -28.03 -7.07 -4.57
N ARG B 856 -29.37 -7.09 -4.51
CA ARG B 856 -30.08 -8.27 -5.02
C ARG B 856 -29.96 -8.40 -6.53
N SER B 857 -29.91 -7.28 -7.24
CA SER B 857 -29.69 -7.30 -8.68
C SER B 857 -28.94 -6.05 -9.11
N ASP B 858 -27.91 -6.21 -9.92
CA ASP B 858 -27.09 -5.06 -10.30
C ASP B 858 -27.84 -4.09 -11.20
N LYS B 859 -29.00 -4.47 -11.72
CA LYS B 859 -29.76 -3.58 -12.59
C LYS B 859 -30.27 -2.38 -11.82
N ASN B 860 -30.53 -2.55 -10.53
CA ASN B 860 -31.05 -1.45 -9.73
C ASN B 860 -29.97 -0.44 -9.39
N ARG B 861 -28.72 -0.66 -9.85
CA ARG B 861 -27.70 0.36 -9.66
C ARG B 861 -27.89 1.55 -10.59
N GLY B 862 -28.58 1.36 -11.71
CA GLY B 862 -28.68 2.36 -12.74
C GLY B 862 -27.84 1.96 -13.94
N LYS B 863 -26.98 2.86 -14.43
CA LYS B 863 -26.20 2.55 -15.60
C LYS B 863 -25.08 1.58 -15.25
N SER B 864 -24.65 0.80 -16.25
CA SER B 864 -23.61 -0.19 -16.00
C SER B 864 -22.21 0.39 -16.11
N ASP B 865 -22.02 1.43 -16.92
CA ASP B 865 -20.71 1.96 -17.23
C ASP B 865 -20.26 3.08 -16.28
N ASN B 866 -20.88 3.20 -15.10
CA ASN B 866 -20.60 4.36 -14.26
C ASN B 866 -21.01 4.07 -12.83
N VAL B 867 -20.78 5.05 -11.96
CA VAL B 867 -21.33 5.13 -10.62
C VAL B 867 -22.86 5.02 -10.66
N PRO B 868 -23.49 4.42 -9.63
CA PRO B 868 -24.95 4.44 -9.54
C PRO B 868 -25.60 5.78 -9.86
N SER B 869 -26.72 5.73 -10.57
CA SER B 869 -27.33 6.90 -11.17
C SER B 869 -27.91 7.84 -10.10
N GLU B 870 -28.28 9.05 -10.56
CA GLU B 870 -28.81 10.08 -9.67
C GLU B 870 -30.10 9.65 -9.00
N GLU B 871 -30.91 8.82 -9.66
CA GLU B 871 -32.14 8.32 -9.05
C GLU B 871 -31.83 7.51 -7.79
N VAL B 872 -30.86 6.60 -7.88
CA VAL B 872 -30.50 5.77 -6.74
C VAL B 872 -29.97 6.63 -5.60
N VAL B 873 -29.15 7.63 -5.92
CA VAL B 873 -28.66 8.57 -4.92
C VAL B 873 -29.83 9.27 -4.23
N LYS B 874 -30.72 9.87 -5.04
CA LYS B 874 -31.89 10.55 -4.49
C LYS B 874 -32.66 9.65 -3.54
N LYS B 875 -32.89 8.40 -3.95
CA LYS B 875 -33.73 7.49 -3.18
C LYS B 875 -33.04 6.94 -1.93
N MET B 876 -31.71 6.85 -1.92
CA MET B 876 -30.99 6.16 -0.86
C MET B 876 -30.17 7.08 0.03
N LYS B 877 -30.07 8.37 -0.30
CA LYS B 877 -29.18 9.29 0.41
C LYS B 877 -29.39 9.23 1.92
N ASN B 878 -30.63 9.36 2.38
CA ASN B 878 -30.87 9.40 3.82
C ASN B 878 -30.42 8.10 4.48
N TYR B 879 -30.64 6.96 3.80
CA TYR B 879 -30.18 5.68 4.32
C TYR B 879 -28.67 5.66 4.44
N TRP B 880 -27.97 6.17 3.42
CA TRP B 880 -26.52 6.30 3.49
C TRP B 880 -26.09 7.21 4.63
N ARG B 881 -26.86 8.27 4.88
CA ARG B 881 -26.60 9.14 6.02
C ARG B 881 -26.67 8.37 7.33
N GLN B 882 -27.72 7.55 7.48
CA GLN B 882 -27.88 6.74 8.68
C GLN B 882 -26.71 5.77 8.81
N LEU B 883 -26.26 5.20 7.70
CA LEU B 883 -25.13 4.27 7.74
C LEU B 883 -23.85 5.01 8.13
N LEU B 884 -23.73 6.27 7.72
CA LEU B 884 -22.55 7.07 8.07
C LEU B 884 -22.54 7.36 9.57
N ASN B 885 -23.68 7.79 10.11
CA ASN B 885 -23.73 8.11 11.53
C ASN B 885 -23.51 6.86 12.38
N ALA B 886 -23.89 5.70 11.86
CA ALA B 886 -23.67 4.42 12.53
C ALA B 886 -22.30 3.81 12.22
N LYS B 887 -21.45 4.53 11.49
CA LYS B 887 -20.10 4.08 11.12
C LYS B 887 -20.12 2.80 10.29
N LEU B 888 -21.24 2.53 9.61
CA LEU B 888 -21.38 1.35 8.78
C LEU B 888 -20.82 1.57 7.37
N ILE B 889 -20.67 2.82 6.96
CA ILE B 889 -19.91 3.19 5.77
C ILE B 889 -18.95 4.31 6.16
N THR B 890 -17.78 4.32 5.52
CA THR B 890 -16.76 5.31 5.81
C THR B 890 -17.05 6.64 5.12
N GLN B 891 -16.17 7.61 5.41
CA GLN B 891 -16.26 8.95 4.84
C GLN B 891 -15.91 8.96 3.35
N ARG B 892 -14.91 8.18 2.95
CA ARG B 892 -14.50 8.14 1.55
C ARG B 892 -15.65 7.75 0.64
N LYS B 893 -16.33 6.64 0.96
CA LYS B 893 -17.46 6.20 0.15
C LYS B 893 -18.54 7.27 0.05
N PHE B 894 -18.86 7.91 1.18
CA PHE B 894 -19.86 8.98 1.17
C PHE B 894 -19.43 10.13 0.26
N ASP B 895 -18.21 10.63 0.42
CA ASP B 895 -17.74 11.75 -0.38
C ASP B 895 -17.65 11.41 -1.86
N ASN B 896 -17.34 10.14 -2.19
CA ASN B 896 -17.38 9.74 -3.58
C ASN B 896 -18.80 9.71 -4.11
N LEU B 897 -19.76 9.25 -3.30
CA LEU B 897 -21.14 9.26 -3.76
C LEU B 897 -21.58 10.69 -4.00
N THR B 898 -21.11 11.61 -3.15
CA THR B 898 -21.62 12.97 -3.21
C THR B 898 -21.07 13.59 -4.48
N LYS B 899 -19.75 13.52 -4.69
CA LYS B 899 -19.26 14.23 -5.85
C LYS B 899 -19.78 13.55 -7.11
N ALA B 900 -20.06 12.24 -7.02
CA ALA B 900 -20.59 11.51 -8.17
C ALA B 900 -21.95 12.05 -8.54
N GLU B 901 -22.64 12.60 -7.55
CA GLU B 901 -23.94 13.24 -7.76
C GLU B 901 -23.78 14.67 -8.27
N ARG B 902 -22.76 15.39 -7.80
CA ARG B 902 -22.40 16.68 -8.35
C ARG B 902 -21.31 16.61 -9.41
N GLY B 903 -21.20 15.50 -10.13
CA GLY B 903 -20.17 15.33 -11.13
C GLY B 903 -18.79 14.96 -10.62
N THR B 921 5.73 6.10 -9.88
CA THR B 921 4.89 5.03 -9.36
C THR B 921 4.46 5.33 -7.93
N ARG B 922 5.38 5.15 -6.99
CA ARG B 922 5.07 5.33 -5.57
C ARG B 922 6.30 5.91 -4.88
N GLN B 923 6.09 6.39 -3.65
CA GLN B 923 7.16 7.10 -2.95
C GLN B 923 8.31 6.17 -2.61
N ILE B 924 8.01 4.94 -2.17
CA ILE B 924 9.06 4.02 -1.76
C ILE B 924 9.94 3.65 -2.95
N THR B 925 9.34 3.47 -4.12
CA THR B 925 10.14 3.16 -5.30
C THR B 925 11.00 4.34 -5.72
N LYS B 926 10.48 5.56 -5.56
CA LYS B 926 11.31 6.73 -5.83
C LYS B 926 12.49 6.80 -4.88
N HIS B 927 12.27 6.46 -3.61
CA HIS B 927 13.38 6.40 -2.65
C HIS B 927 14.42 5.37 -3.08
N VAL B 928 13.98 4.19 -3.50
CA VAL B 928 14.91 3.16 -3.97
C VAL B 928 15.70 3.67 -5.17
N ALA B 929 15.00 4.24 -6.15
CA ALA B 929 15.66 4.78 -7.33
C ALA B 929 16.68 5.85 -6.98
N GLN B 930 16.36 6.68 -5.98
CA GLN B 930 17.30 7.73 -5.59
C GLN B 930 18.53 7.14 -4.91
N ILE B 931 18.34 6.12 -4.06
CA ILE B 931 19.48 5.48 -3.41
C ILE B 931 20.40 4.85 -4.45
N LEU B 932 19.82 4.09 -5.38
CA LEU B 932 20.59 3.49 -6.46
C LEU B 932 21.31 4.54 -7.30
N ASP B 933 20.60 5.61 -7.69
CA ASP B 933 21.21 6.63 -8.54
C ASP B 933 22.35 7.35 -7.82
N SER B 934 22.21 7.55 -6.50
CA SER B 934 23.26 8.23 -5.76
C SER B 934 24.45 7.32 -5.52
N ARG B 935 24.23 6.00 -5.46
CA ARG B 935 25.36 5.08 -5.33
C ARG B 935 26.08 4.84 -6.64
N MET B 936 25.37 4.89 -7.78
CA MET B 936 25.98 4.56 -9.05
C MET B 936 26.62 5.75 -9.76
N ASN B 937 26.00 6.93 -9.69
CA ASN B 937 26.52 8.13 -10.34
C ASN B 937 27.11 9.07 -9.29
N THR B 938 28.44 9.13 -9.22
CA THR B 938 29.14 9.86 -8.18
C THR B 938 30.06 10.93 -8.74
N LYS B 939 30.05 11.15 -10.05
CA LYS B 939 30.96 12.07 -10.71
C LYS B 939 30.19 13.26 -11.29
N TYR B 940 30.85 14.41 -11.34
CA TYR B 940 30.27 15.64 -11.85
C TYR B 940 31.07 16.11 -13.05
N ASP B 941 30.35 16.66 -14.04
CA ASP B 941 30.99 17.16 -15.26
C ASP B 941 31.68 18.49 -14.99
N GLU B 942 32.18 19.12 -16.05
CA GLU B 942 32.83 20.42 -15.88
C GLU B 942 31.85 21.51 -15.47
N ASN B 943 30.56 21.31 -15.70
CA ASN B 943 29.53 22.25 -15.29
C ASN B 943 28.94 21.91 -13.91
N ASP B 944 29.63 21.05 -13.14
CA ASP B 944 29.19 20.65 -11.81
C ASP B 944 27.81 20.00 -11.82
N LYS B 945 27.48 19.29 -12.91
CA LYS B 945 26.20 18.60 -13.02
C LYS B 945 26.42 17.09 -13.12
N LEU B 946 25.47 16.35 -12.55
CA LEU B 946 25.60 14.91 -12.43
C LEU B 946 25.72 14.24 -13.79
N ILE B 947 26.68 13.33 -13.92
CA ILE B 947 26.83 12.51 -15.11
C ILE B 947 26.05 11.22 -14.86
N ARG B 948 24.90 11.08 -15.52
CA ARG B 948 24.04 9.92 -15.33
C ARG B 948 24.49 8.78 -16.23
N GLU B 949 25.53 8.07 -15.76
CA GLU B 949 26.04 6.92 -16.49
C GLU B 949 25.01 5.78 -16.51
N VAL B 950 24.32 5.58 -15.39
CA VAL B 950 23.36 4.51 -15.23
C VAL B 950 21.96 5.09 -15.15
N LYS B 951 21.05 4.57 -15.97
CA LYS B 951 19.66 5.03 -15.98
C LYS B 951 18.82 4.06 -15.15
N VAL B 952 18.23 4.57 -14.07
CA VAL B 952 17.32 3.79 -13.24
C VAL B 952 15.90 3.94 -13.78
N ILE B 953 15.31 2.82 -14.18
CA ILE B 953 13.96 2.78 -14.74
C ILE B 953 13.09 2.03 -13.74
N THR B 954 11.92 2.57 -13.42
CA THR B 954 10.98 1.91 -12.53
C THR B 954 9.72 1.53 -13.29
N LEU B 955 9.37 0.25 -13.26
CA LEU B 955 8.18 -0.24 -13.94
C LEU B 955 7.16 -0.79 -12.94
N LYS B 956 5.89 -0.65 -13.30
CA LYS B 956 4.82 -1.30 -12.54
C LYS B 956 4.66 -2.75 -12.98
N SER B 957 4.00 -3.55 -12.12
CA SER B 957 3.84 -4.96 -12.39
C SER B 957 2.94 -5.24 -13.59
N LYS B 958 2.07 -4.28 -13.95
CA LYS B 958 1.10 -4.53 -15.00
C LYS B 958 1.76 -4.75 -16.35
N LEU B 959 2.89 -4.09 -16.60
CA LEU B 959 3.56 -4.23 -17.89
C LEU B 959 4.00 -5.67 -18.13
N VAL B 960 4.69 -6.26 -17.15
CA VAL B 960 5.18 -7.62 -17.31
C VAL B 960 4.03 -8.62 -17.19
N SER B 961 3.03 -8.34 -16.34
CA SER B 961 1.87 -9.22 -16.27
C SER B 961 1.18 -9.31 -17.62
N ASP B 962 0.80 -8.16 -18.19
CA ASP B 962 0.20 -8.13 -19.52
C ASP B 962 1.10 -8.78 -20.57
N PHE B 963 2.42 -8.56 -20.49
CA PHE B 963 3.32 -9.19 -21.46
C PHE B 963 3.26 -10.71 -21.37
N ARG B 964 3.19 -11.24 -20.15
CA ARG B 964 3.09 -12.68 -19.96
C ARG B 964 1.77 -13.21 -20.50
N LYS B 965 0.67 -12.56 -20.15
CA LYS B 965 -0.64 -12.99 -20.65
C LYS B 965 -0.67 -12.97 -22.17
N ASP B 966 -0.21 -11.87 -22.76
CA ASP B 966 -0.25 -11.70 -24.20
C ASP B 966 0.57 -12.77 -24.92
N PHE B 967 1.81 -12.97 -24.48
CA PHE B 967 2.72 -13.87 -25.19
C PHE B 967 2.84 -15.24 -24.51
N GLN B 968 1.91 -15.58 -23.63
CA GLN B 968 1.83 -16.91 -23.02
C GLN B 968 3.13 -17.32 -22.31
N PHE B 969 3.68 -16.39 -21.54
CA PHE B 969 4.77 -16.72 -20.62
C PHE B 969 4.22 -16.93 -19.22
N TYR B 970 3.41 -17.97 -19.11
CA TYR B 970 2.59 -18.20 -17.92
C TYR B 970 3.45 -18.40 -16.67
N LYS B 971 2.85 -18.09 -15.52
CA LYS B 971 3.52 -18.15 -14.22
C LYS B 971 2.69 -18.99 -13.27
N VAL B 972 3.29 -20.04 -12.71
CA VAL B 972 2.66 -20.83 -11.65
C VAL B 972 3.62 -20.83 -10.46
N ARG B 973 3.25 -20.13 -9.39
CA ARG B 973 4.15 -19.91 -8.27
C ARG B 973 4.51 -21.21 -7.55
N GLU B 974 3.58 -22.16 -7.49
CA GLU B 974 3.80 -23.33 -6.63
C GLU B 974 4.76 -24.35 -7.20
N ILE B 975 5.01 -24.33 -8.51
CA ILE B 975 5.91 -25.30 -9.11
C ILE B 975 7.33 -25.19 -8.55
N ASN B 976 7.85 -23.97 -8.48
CA ASN B 976 9.16 -23.72 -7.88
C ASN B 976 9.31 -22.21 -7.66
N ASN B 977 10.53 -21.80 -7.32
CA ASN B 977 10.86 -20.40 -7.06
C ASN B 977 11.51 -19.71 -8.25
N TYR B 978 11.48 -20.35 -9.43
CA TYR B 978 12.13 -19.79 -10.61
C TYR B 978 11.44 -18.52 -11.07
N HIS B 979 10.13 -18.41 -10.82
CA HIS B 979 9.36 -17.26 -11.27
C HIS B 979 9.89 -15.95 -10.70
N HIS B 980 10.47 -15.99 -9.50
CA HIS B 980 11.07 -14.78 -8.93
C HIS B 980 12.17 -14.24 -9.83
N ALA B 981 12.98 -15.13 -10.40
CA ALA B 981 14.06 -14.71 -11.29
C ALA B 981 13.50 -14.35 -12.67
N HIS B 982 12.59 -15.17 -13.17
CA HIS B 982 11.97 -14.93 -14.47
C HIS B 982 11.33 -13.55 -14.54
N ASP B 983 10.60 -13.15 -13.49
CA ASP B 983 10.01 -11.82 -13.45
C ASP B 983 11.06 -10.72 -13.58
N ALA B 984 12.21 -10.90 -12.92
CA ALA B 984 13.27 -9.90 -13.03
C ALA B 984 13.84 -9.84 -14.44
N TYR B 985 14.07 -11.00 -15.05
CA TYR B 985 14.52 -11.05 -16.43
C TYR B 985 13.56 -10.30 -17.35
N LEU B 986 12.28 -10.65 -17.31
CA LEU B 986 11.29 -9.97 -18.15
C LEU B 986 11.19 -8.48 -17.83
N ASN B 987 11.38 -8.09 -16.57
CA ASN B 987 11.42 -6.67 -16.22
C ASN B 987 12.54 -5.97 -16.96
N ALA B 988 13.75 -6.53 -16.90
CA ALA B 988 14.90 -5.95 -17.59
C ALA B 988 14.62 -5.83 -19.08
N VAL B 989 14.19 -6.94 -19.70
CA VAL B 989 13.90 -6.95 -21.14
C VAL B 989 12.91 -5.85 -21.51
N VAL B 990 11.73 -5.86 -20.87
CA VAL B 990 10.68 -4.89 -21.22
C VAL B 990 11.14 -3.46 -20.96
N GLY B 991 11.85 -3.23 -19.85
CA GLY B 991 12.35 -1.89 -19.59
C GLY B 991 13.30 -1.38 -20.65
N THR B 992 14.34 -2.17 -20.94
CA THR B 992 15.31 -1.78 -21.96
C THR B 992 14.63 -1.57 -23.31
N ALA B 993 13.70 -2.44 -23.69
CA ALA B 993 12.96 -2.26 -24.94
C ALA B 993 12.17 -0.96 -24.94
N LEU B 994 11.48 -0.66 -23.83
CA LEU B 994 10.68 0.55 -23.73
C LEU B 994 11.52 1.80 -23.88
N ILE B 995 12.63 1.88 -23.14
CA ILE B 995 13.47 3.07 -23.25
C ILE B 995 14.15 3.15 -24.61
N LYS B 996 14.51 2.01 -25.20
CA LYS B 996 15.13 2.01 -26.52
C LYS B 996 14.17 2.56 -27.59
N LYS B 997 12.91 2.12 -27.56
CA LYS B 997 11.96 2.53 -28.60
C LYS B 997 11.54 3.99 -28.47
N TYR B 998 11.14 4.42 -27.28
CA TYR B 998 10.65 5.79 -27.08
C TYR B 998 11.51 6.52 -26.05
N PRO B 999 12.66 7.07 -26.46
CA PRO B 999 13.52 7.76 -25.50
C PRO B 999 12.92 9.05 -24.94
N LYS B 1000 11.90 9.61 -25.60
CA LYS B 1000 11.30 10.82 -25.05
C LYS B 1000 10.49 10.52 -23.81
N LEU B 1001 10.01 9.30 -23.66
CA LEU B 1001 9.28 8.92 -22.45
C LEU B 1001 10.23 8.72 -21.28
N GLU B 1002 11.52 9.03 -21.48
CA GLU B 1002 12.48 8.90 -20.39
C GLU B 1002 12.07 9.71 -19.17
N SER B 1003 11.43 10.86 -19.41
CA SER B 1003 11.03 11.74 -18.31
C SER B 1003 10.06 11.02 -17.40
N GLU B 1004 9.20 10.20 -17.98
CA GLU B 1004 8.23 9.47 -17.18
C GLU B 1004 8.88 8.23 -16.56
N PHE B 1005 9.69 7.51 -17.32
CA PHE B 1005 10.16 6.21 -16.86
C PHE B 1005 11.55 6.23 -16.23
N VAL B 1006 12.31 7.31 -16.34
CA VAL B 1006 13.65 7.38 -15.80
C VAL B 1006 13.71 8.41 -14.68
N TYR B 1007 14.45 8.09 -13.62
CA TYR B 1007 14.56 8.96 -12.47
C TYR B 1007 15.44 10.16 -12.81
N GLY B 1008 15.06 11.33 -12.31
CA GLY B 1008 15.96 12.47 -12.38
C GLY B 1008 15.45 13.62 -13.23
N ASP B 1009 16.13 13.87 -14.35
CA ASP B 1009 15.69 14.90 -15.29
C ASP B 1009 14.24 14.70 -15.69
N TYR B 1010 13.45 15.76 -15.54
CA TYR B 1010 12.03 15.77 -15.80
C TYR B 1010 11.69 16.84 -16.83
N LYS B 1011 10.40 16.99 -17.10
CA LYS B 1011 9.91 17.94 -18.11
C LYS B 1011 8.74 18.70 -17.53
N VAL B 1012 8.88 20.03 -17.44
CA VAL B 1012 7.86 20.90 -16.87
C VAL B 1012 6.93 21.30 -18.02
N TYR B 1013 5.93 20.46 -18.27
CA TYR B 1013 4.98 20.69 -19.35
C TYR B 1013 3.76 19.79 -19.12
N ASP B 1014 2.86 19.76 -20.10
CA ASP B 1014 1.64 18.97 -20.14
C ASP B 1014 0.54 19.53 -19.23
N VAL B 1015 0.81 20.64 -18.52
CA VAL B 1015 -0.23 21.26 -17.71
C VAL B 1015 -1.13 22.13 -18.57
N ARG B 1016 -0.55 22.85 -19.54
CA ARG B 1016 -1.35 23.65 -20.46
C ARG B 1016 -2.06 22.81 -21.50
N LYS B 1017 -1.57 21.60 -21.78
CA LYS B 1017 -2.23 20.72 -22.73
C LYS B 1017 -3.61 20.29 -22.24
N MET B 1018 -3.80 20.22 -20.92
CA MET B 1018 -5.08 19.81 -20.35
C MET B 1018 -6.10 20.95 -20.32
N ILE B 1019 -5.75 22.14 -20.80
CA ILE B 1019 -6.68 23.26 -20.87
C ILE B 1019 -7.35 23.35 -22.23
N ALA B 1020 -7.23 22.32 -23.06
CA ALA B 1020 -7.84 22.28 -24.38
C ALA B 1020 -8.75 21.06 -24.49
N LYS B 1021 -9.76 21.17 -25.34
CA LYS B 1021 -10.70 20.07 -25.54
C LYS B 1021 -10.02 18.89 -26.22
N SER B 1022 -10.46 17.69 -25.86
CA SER B 1022 -9.89 16.47 -26.41
C SER B 1022 -10.97 15.48 -26.81
N GLU B 1023 -10.58 14.27 -27.18
CA GLU B 1023 -11.55 13.26 -27.57
C GLU B 1023 -12.26 12.68 -26.36
N GLN B 1024 -11.50 12.21 -25.37
CA GLN B 1024 -12.08 11.64 -24.16
C GLN B 1024 -11.09 11.87 -23.02
N GLU B 1025 -11.39 12.88 -22.19
CA GLU B 1025 -10.55 13.25 -21.06
C GLU B 1025 -11.40 13.45 -19.81
N ILE B 1026 -12.46 12.66 -19.68
CA ILE B 1026 -13.34 12.78 -18.52
C ILE B 1026 -12.68 12.23 -17.26
N GLY B 1027 -11.70 11.34 -17.41
CA GLY B 1027 -11.03 10.75 -16.26
C GLY B 1027 -9.57 10.45 -16.53
N LYS B 1028 -8.71 10.73 -15.55
CA LYS B 1028 -7.30 10.42 -15.68
C LYS B 1028 -7.06 8.91 -15.78
N ALA B 1029 -7.90 8.11 -15.13
CA ALA B 1029 -7.74 6.67 -15.16
C ALA B 1029 -7.91 6.13 -16.58
N THR B 1030 -8.98 6.55 -17.26
CA THR B 1030 -9.18 6.17 -18.66
C THR B 1030 -8.02 6.64 -19.54
N ALA B 1031 -7.48 7.83 -19.27
CA ALA B 1031 -6.35 8.33 -20.03
C ALA B 1031 -5.14 7.43 -19.85
N LYS B 1032 -4.83 7.07 -18.61
CA LYS B 1032 -3.70 6.17 -18.34
C LYS B 1032 -3.92 4.82 -19.01
N TYR B 1033 -5.13 4.27 -18.90
CA TYR B 1033 -5.48 3.03 -19.55
C TYR B 1033 -5.17 3.08 -21.05
N PHE B 1034 -5.80 4.01 -21.76
CA PHE B 1034 -5.58 4.18 -23.19
C PHE B 1034 -4.09 4.33 -23.50
N PHE B 1035 -3.40 5.17 -22.71
CA PHE B 1035 -1.99 5.46 -22.91
C PHE B 1035 -1.17 4.18 -22.92
N TYR B 1036 -1.23 3.42 -21.82
CA TYR B 1036 -0.47 2.19 -21.71
C TYR B 1036 -0.95 1.13 -22.71
N SER B 1037 -2.23 1.16 -23.11
CA SER B 1037 -2.65 0.16 -24.09
C SER B 1037 -2.12 0.49 -25.47
N ASN B 1038 -1.73 1.75 -25.68
CA ASN B 1038 -1.24 2.21 -26.98
C ASN B 1038 0.27 2.04 -27.10
N ILE B 1039 0.99 2.46 -26.05
CA ILE B 1039 2.46 2.47 -26.08
C ILE B 1039 3.04 1.08 -26.29
N MET B 1040 2.38 0.03 -25.78
CA MET B 1040 2.96 -1.31 -25.77
C MET B 1040 2.54 -2.14 -26.98
N ASN B 1041 2.11 -1.51 -28.07
CA ASN B 1041 1.63 -2.28 -29.21
C ASN B 1041 2.78 -2.83 -30.06
N PHE B 1042 3.96 -2.19 -30.00
CA PHE B 1042 5.08 -2.59 -30.84
C PHE B 1042 5.56 -4.01 -30.56
N PHE B 1043 5.20 -4.58 -29.40
CA PHE B 1043 5.58 -5.96 -29.12
C PHE B 1043 4.78 -6.97 -29.93
N LYS B 1044 3.58 -6.61 -30.38
CA LYS B 1044 2.72 -7.56 -31.06
C LYS B 1044 2.99 -7.52 -32.56
N THR B 1045 2.66 -8.63 -33.23
CA THR B 1045 2.77 -8.69 -34.69
C THR B 1045 1.48 -8.32 -35.40
N GLU B 1046 0.33 -8.61 -34.79
CA GLU B 1046 -0.96 -8.27 -35.36
C GLU B 1046 -1.90 -7.86 -34.25
N ILE B 1047 -2.66 -6.80 -34.48
CA ILE B 1047 -3.57 -6.25 -33.49
C ILE B 1047 -5.00 -6.44 -33.96
N THR B 1048 -5.90 -6.74 -33.04
CA THR B 1048 -7.32 -6.88 -33.33
C THR B 1048 -8.07 -5.77 -32.61
N LEU B 1049 -8.47 -4.74 -33.34
CA LEU B 1049 -9.28 -3.70 -32.73
C LEU B 1049 -10.68 -4.23 -32.44
N ALA B 1050 -11.43 -3.48 -31.62
CA ALA B 1050 -12.81 -3.89 -31.34
C ALA B 1050 -13.75 -3.41 -32.44
N ASN B 1051 -13.44 -3.75 -33.70
CA ASN B 1051 -14.39 -3.60 -34.79
C ASN B 1051 -14.37 -4.80 -35.73
N GLY B 1052 -13.74 -5.90 -35.33
CA GLY B 1052 -13.46 -6.97 -36.28
C GLY B 1052 -12.39 -6.59 -37.28
N GLU B 1053 -11.40 -5.80 -36.86
CA GLU B 1053 -10.39 -5.25 -37.75
C GLU B 1053 -9.01 -5.70 -37.32
N ILE B 1054 -8.23 -6.19 -38.28
CA ILE B 1054 -6.86 -6.63 -38.04
C ILE B 1054 -5.91 -5.55 -38.53
N ARG B 1055 -4.80 -5.39 -37.81
CA ARG B 1055 -3.77 -4.41 -38.13
C ARG B 1055 -2.41 -5.10 -38.13
N LYS B 1056 -1.64 -4.87 -39.19
CA LYS B 1056 -0.36 -5.53 -39.42
C LYS B 1056 0.80 -4.62 -39.05
N ARG B 1057 1.90 -5.23 -38.64
CA ARG B 1057 3.11 -4.52 -38.23
C ARG B 1057 4.30 -5.22 -38.86
N PRO B 1058 5.35 -4.46 -39.21
CA PRO B 1058 6.53 -5.08 -39.80
C PRO B 1058 7.20 -6.09 -38.88
N LEU B 1059 8.03 -6.94 -39.49
CA LEU B 1059 8.75 -7.97 -38.75
C LEU B 1059 9.87 -7.38 -37.89
N ILE B 1060 10.52 -6.33 -38.34
CA ILE B 1060 11.62 -5.69 -37.61
C ILE B 1060 11.15 -4.34 -37.09
N GLU B 1061 11.31 -4.11 -35.78
CA GLU B 1061 10.91 -2.87 -35.15
C GLU B 1061 12.16 -2.04 -34.90
N THR B 1062 12.15 -0.81 -35.41
CA THR B 1062 13.28 0.10 -35.39
C THR B 1062 12.82 1.47 -34.93
N ASN B 1063 13.77 2.29 -34.48
CA ASN B 1063 13.45 3.65 -34.04
C ASN B 1063 13.69 4.61 -35.21
N GLY B 1064 12.61 5.29 -35.61
CA GLY B 1064 12.64 6.15 -36.78
C GLY B 1064 13.83 7.08 -36.89
N GLU B 1065 14.13 7.81 -35.82
CA GLU B 1065 15.15 8.86 -35.90
C GLU B 1065 16.55 8.29 -36.07
N THR B 1066 16.86 7.16 -35.45
CA THR B 1066 18.20 6.58 -35.56
C THR B 1066 18.28 5.34 -36.42
N GLY B 1067 17.19 4.59 -36.55
CA GLY B 1067 17.19 3.38 -37.35
C GLY B 1067 17.73 2.16 -36.63
N GLU B 1068 18.15 2.30 -35.38
CA GLU B 1068 18.64 1.17 -34.61
C GLU B 1068 17.54 0.15 -34.37
N ILE B 1069 17.87 -1.13 -34.53
CA ILE B 1069 16.88 -2.18 -34.39
C ILE B 1069 16.53 -2.32 -32.91
N VAL B 1070 15.25 -2.19 -32.59
CA VAL B 1070 14.80 -2.31 -31.20
C VAL B 1070 14.23 -3.70 -30.95
N TRP B 1071 13.61 -4.31 -31.97
CA TRP B 1071 13.03 -5.62 -31.74
C TRP B 1071 13.02 -6.43 -33.03
N ASP B 1072 13.13 -7.75 -32.86
CA ASP B 1072 13.10 -8.72 -33.97
C ASP B 1072 12.16 -9.84 -33.56
N LYS B 1073 10.94 -9.83 -34.13
CA LYS B 1073 9.95 -10.84 -33.79
C LYS B 1073 10.41 -12.26 -34.11
N GLY B 1074 11.41 -12.42 -34.99
CA GLY B 1074 11.78 -13.75 -35.40
C GLY B 1074 12.79 -14.47 -34.54
N ARG B 1075 13.46 -13.76 -33.63
CA ARG B 1075 14.51 -14.37 -32.82
C ARG B 1075 14.46 -14.00 -31.34
N ASP B 1076 13.95 -12.82 -30.98
CA ASP B 1076 13.92 -12.40 -29.59
C ASP B 1076 13.03 -13.30 -28.74
N PHE B 1077 11.88 -13.69 -29.28
CA PHE B 1077 11.01 -14.64 -28.58
C PHE B 1077 11.73 -15.96 -28.32
N ALA B 1078 12.46 -16.47 -29.30
CA ALA B 1078 13.23 -17.70 -29.08
C ALA B 1078 14.23 -17.55 -27.95
N THR B 1079 14.92 -16.40 -27.90
CA THR B 1079 15.86 -16.15 -26.81
C THR B 1079 15.14 -16.11 -25.46
N VAL B 1080 14.00 -15.43 -25.41
CA VAL B 1080 13.22 -15.38 -24.17
C VAL B 1080 12.84 -16.78 -23.71
N ARG B 1081 12.37 -17.61 -24.66
CA ARG B 1081 12.02 -18.99 -24.32
C ARG B 1081 13.21 -19.79 -23.84
N LYS B 1082 14.39 -19.55 -24.42
CA LYS B 1082 15.59 -20.22 -23.95
C LYS B 1082 15.95 -19.79 -22.53
N VAL B 1083 15.77 -18.51 -22.23
CA VAL B 1083 16.09 -17.98 -20.89
C VAL B 1083 15.13 -18.55 -19.85
N LEU B 1084 13.84 -18.57 -20.18
CA LEU B 1084 12.83 -19.09 -19.26
C LEU B 1084 13.01 -20.58 -18.99
N SER B 1085 13.56 -21.31 -19.94
CA SER B 1085 13.74 -22.75 -19.86
C SER B 1085 15.06 -23.17 -19.21
N MET B 1086 15.95 -22.24 -18.89
CA MET B 1086 17.23 -22.59 -18.29
C MET B 1086 17.05 -23.36 -16.97
N PRO B 1087 17.51 -24.62 -16.91
CA PRO B 1087 17.25 -25.46 -15.73
C PRO B 1087 17.85 -24.95 -14.42
N GLN B 1088 19.14 -24.57 -14.44
CA GLN B 1088 19.85 -24.17 -13.23
C GLN B 1088 19.74 -22.67 -12.96
N VAL B 1089 19.18 -22.33 -11.80
CA VAL B 1089 18.98 -20.96 -11.36
C VAL B 1089 19.41 -20.88 -9.89
N ASN B 1090 20.23 -19.88 -9.57
CA ASN B 1090 20.84 -19.72 -8.25
C ASN B 1090 19.84 -19.20 -7.22
N ILE B 1091 19.09 -20.12 -6.63
CA ILE B 1091 18.14 -19.78 -5.56
C ILE B 1091 18.85 -20.04 -4.23
N VAL B 1092 19.12 -18.97 -3.48
CA VAL B 1092 19.91 -19.02 -2.26
C VAL B 1092 19.06 -18.56 -1.08
N LYS B 1093 18.82 -19.44 -0.12
CA LYS B 1093 18.10 -19.09 1.10
C LYS B 1093 19.06 -18.46 2.12
N LYS B 1094 18.76 -17.24 2.55
CA LYS B 1094 19.61 -16.52 3.50
C LYS B 1094 19.69 -17.23 4.85
N THR B 1095 20.89 -17.71 5.20
CA THR B 1095 21.11 -18.31 6.52
C THR B 1095 21.05 -17.24 7.61
N GLU B 1096 20.23 -17.46 8.63
CA GLU B 1096 20.03 -16.45 9.67
C GLU B 1096 20.02 -17.09 11.05
N VAL B 1097 20.79 -16.50 11.97
CA VAL B 1097 20.75 -16.86 13.39
C VAL B 1097 19.41 -16.46 13.99
N GLN B 1098 18.72 -17.44 14.60
CA GLN B 1098 17.44 -17.17 15.23
C GLN B 1098 17.61 -16.34 16.51
N THR B 1099 16.76 -15.33 16.66
CA THR B 1099 16.76 -14.40 17.79
C THR B 1099 15.37 -14.28 18.39
N GLY B 1100 15.30 -13.67 19.57
CA GLY B 1100 14.04 -13.37 20.23
C GLY B 1100 13.85 -14.13 21.54
N GLY B 1101 12.60 -14.53 21.79
CA GLY B 1101 12.28 -15.20 23.05
C GLY B 1101 13.03 -16.50 23.25
N PHE B 1102 13.41 -16.74 24.51
CA PHE B 1102 14.15 -17.96 24.86
C PHE B 1102 13.38 -19.21 24.48
N SER B 1103 12.08 -19.25 24.81
CA SER B 1103 11.28 -20.44 24.56
C SER B 1103 9.79 -20.04 24.53
N LYS B 1104 8.92 -21.05 24.57
CA LYS B 1104 7.50 -20.83 24.82
C LYS B 1104 7.26 -20.23 26.20
N GLU B 1105 6.26 -19.36 26.28
CA GLU B 1105 6.00 -18.65 27.53
C GLU B 1105 5.20 -19.49 28.54
N SER B 1106 4.53 -20.54 28.07
CA SER B 1106 3.70 -21.37 28.94
C SER B 1106 4.49 -21.92 30.13
N ILE B 1107 3.89 -21.84 31.31
CA ILE B 1107 4.48 -22.36 32.54
C ILE B 1107 3.79 -23.69 32.85
N LEU B 1108 4.50 -24.80 32.64
CA LEU B 1108 3.91 -26.12 32.77
C LEU B 1108 3.99 -26.61 34.21
N PRO B 1109 3.11 -27.54 34.60
CA PRO B 1109 3.18 -28.11 35.94
C PRO B 1109 4.46 -28.89 36.16
N LYS B 1110 4.70 -29.24 37.43
CA LYS B 1110 5.87 -30.05 37.77
C LYS B 1110 5.82 -31.40 37.07
N ARG B 1111 7.00 -31.88 36.67
CA ARG B 1111 7.10 -33.12 35.91
C ARG B 1111 8.53 -33.63 36.02
N ASN B 1112 8.69 -34.95 36.07
CA ASN B 1112 10.02 -35.56 36.08
C ASN B 1112 10.50 -35.69 34.64
N SER B 1113 11.20 -34.67 34.16
CA SER B 1113 11.68 -34.64 32.78
C SER B 1113 12.80 -33.63 32.68
N ASP B 1114 13.88 -34.00 31.98
CA ASP B 1114 15.00 -33.10 31.80
C ASP B 1114 14.70 -31.94 30.87
N LYS B 1115 13.53 -31.91 30.23
CA LYS B 1115 13.16 -30.82 29.35
C LYS B 1115 12.71 -29.57 30.11
N LEU B 1116 12.23 -29.74 31.34
CA LEU B 1116 11.74 -28.63 32.14
C LEU B 1116 12.90 -27.73 32.58
N ILE B 1117 12.80 -26.45 32.26
CA ILE B 1117 13.84 -25.47 32.56
C ILE B 1117 13.38 -24.63 33.73
N ALA B 1118 14.27 -24.46 34.71
CA ALA B 1118 13.94 -23.74 35.93
C ALA B 1118 13.60 -22.28 35.66
N ARG B 1119 12.54 -21.81 36.33
CA ARG B 1119 12.09 -20.44 36.15
C ARG B 1119 12.87 -19.46 37.01
N LYS B 1120 13.51 -19.96 38.07
CA LYS B 1120 14.41 -19.19 38.90
C LYS B 1120 15.55 -20.10 39.32
N LYS B 1121 16.67 -19.48 39.71
CA LYS B 1121 17.88 -20.24 40.03
C LYS B 1121 17.62 -21.38 41.01
N ASP B 1122 16.91 -21.09 42.10
CA ASP B 1122 16.69 -22.08 43.15
C ASP B 1122 15.42 -22.90 42.97
N TRP B 1123 14.67 -22.69 41.89
CA TRP B 1123 13.39 -23.35 41.68
C TRP B 1123 13.62 -24.58 40.81
N ASP B 1124 13.96 -25.69 41.44
CA ASP B 1124 14.14 -26.96 40.75
C ASP B 1124 12.89 -27.34 39.97
N PRO B 1125 12.96 -27.45 38.64
CA PRO B 1125 11.76 -27.74 37.84
C PRO B 1125 11.10 -29.07 38.16
N LYS B 1126 11.81 -30.01 38.79
CA LYS B 1126 11.16 -31.25 39.20
C LYS B 1126 10.17 -31.02 40.33
N LYS B 1127 10.36 -29.97 41.12
CA LYS B 1127 9.45 -29.62 42.20
C LYS B 1127 8.45 -28.53 41.78
N TYR B 1128 8.88 -27.58 40.96
CA TYR B 1128 8.11 -26.39 40.68
C TYR B 1128 7.64 -26.26 39.24
N GLY B 1129 8.24 -27.00 38.30
CA GLY B 1129 7.90 -26.82 36.90
C GLY B 1129 8.65 -25.64 36.29
N GLY B 1130 8.16 -25.19 35.15
CA GLY B 1130 8.73 -24.02 34.52
C GLY B 1130 8.57 -24.07 33.01
N PHE B 1131 9.63 -23.70 32.31
CA PHE B 1131 9.60 -23.51 30.86
C PHE B 1131 10.00 -24.78 30.12
N ASP B 1132 9.78 -24.76 28.80
CA ASP B 1132 9.91 -25.94 27.97
C ASP B 1132 10.16 -25.51 26.53
N SER B 1133 10.80 -26.39 25.76
CA SER B 1133 11.04 -26.22 24.32
C SER B 1133 11.81 -24.95 23.97
N PRO B 1134 13.09 -24.86 24.31
CA PRO B 1134 13.87 -23.68 23.94
C PRO B 1134 14.27 -23.71 22.47
N THR B 1135 14.51 -22.52 21.92
CA THR B 1135 14.92 -22.38 20.53
C THR B 1135 16.44 -22.35 20.39
N VAL B 1136 16.96 -23.17 19.47
CA VAL B 1136 18.38 -23.21 19.15
C VAL B 1136 18.77 -21.99 18.34
N ALA B 1137 19.69 -21.18 18.86
CA ALA B 1137 20.21 -20.04 18.12
C ALA B 1137 20.98 -20.48 16.89
N TYR B 1138 21.90 -21.43 17.06
CA TYR B 1138 22.64 -22.03 15.94
C TYR B 1138 23.35 -23.27 16.46
N SER B 1139 23.49 -24.26 15.58
CA SER B 1139 24.23 -25.45 15.95
C SER B 1139 25.74 -25.20 15.91
N VAL B 1140 26.49 -26.14 16.49
CA VAL B 1140 27.93 -26.09 16.52
C VAL B 1140 28.46 -27.51 16.39
N LEU B 1141 29.39 -27.72 15.47
CA LEU B 1141 30.03 -29.03 15.32
C LEU B 1141 31.06 -29.19 16.44
N VAL B 1142 30.92 -30.24 17.24
CA VAL B 1142 31.86 -30.58 18.29
C VAL B 1142 32.47 -31.94 17.98
N VAL B 1143 33.80 -32.03 18.01
CA VAL B 1143 34.52 -33.28 17.95
C VAL B 1143 35.36 -33.40 19.21
N ALA B 1144 35.10 -34.43 20.01
CA ALA B 1144 35.68 -34.58 21.33
C ALA B 1144 35.48 -36.02 21.77
N LYS B 1145 35.70 -36.28 23.06
CA LYS B 1145 35.55 -37.62 23.62
C LYS B 1145 34.69 -37.57 24.88
N VAL B 1146 33.88 -38.61 25.07
CA VAL B 1146 33.00 -38.74 26.22
C VAL B 1146 33.20 -40.11 26.86
N GLU B 1147 33.04 -40.19 28.17
CA GLU B 1147 33.18 -41.45 28.87
C GLU B 1147 32.07 -42.42 28.45
N LYS B 1148 32.39 -43.71 28.44
CA LYS B 1148 31.43 -44.73 28.09
C LYS B 1148 31.66 -45.98 28.95
N GLY B 1149 30.59 -46.49 29.54
CA GLY B 1149 30.68 -47.69 30.35
C GLY B 1149 31.21 -47.43 31.75
N LYS B 1150 31.21 -48.50 32.55
CA LYS B 1150 31.65 -48.41 33.93
C LYS B 1150 33.13 -48.07 34.05
N SER B 1151 33.92 -48.34 33.02
CA SER B 1151 35.36 -48.13 33.04
C SER B 1151 35.77 -46.81 32.39
N LYS B 1152 34.80 -46.04 31.90
CA LYS B 1152 35.03 -44.71 31.35
C LYS B 1152 36.05 -44.73 30.21
N LYS B 1153 35.86 -45.68 29.29
CA LYS B 1153 36.61 -45.66 28.04
C LYS B 1153 36.43 -44.32 27.34
N LEU B 1154 37.50 -43.84 26.71
CA LEU B 1154 37.40 -42.64 25.88
C LEU B 1154 37.03 -43.01 24.46
N LYS B 1155 35.76 -42.87 24.11
CA LYS B 1155 35.29 -43.05 22.76
C LYS B 1155 35.43 -41.73 21.99
N SER B 1156 35.47 -41.82 20.68
CA SER B 1156 35.55 -40.64 19.83
C SER B 1156 34.17 -40.35 19.27
N VAL B 1157 33.75 -39.09 19.34
CA VAL B 1157 32.41 -38.70 18.90
C VAL B 1157 32.52 -37.46 18.03
N LYS B 1158 31.66 -37.38 17.02
CA LYS B 1158 31.45 -36.19 16.21
C LYS B 1158 29.95 -35.97 16.09
N GLU B 1159 29.44 -34.86 16.65
CA GLU B 1159 28.00 -34.65 16.70
C GLU B 1159 27.69 -33.16 16.69
N LEU B 1160 26.42 -32.86 16.45
CA LEU B 1160 25.87 -31.51 16.43
C LEU B 1160 25.20 -31.18 17.75
N LEU B 1161 25.72 -30.21 18.48
CA LEU B 1161 25.13 -29.74 19.72
C LEU B 1161 24.43 -28.40 19.49
N GLY B 1162 23.14 -28.35 19.78
CA GLY B 1162 22.37 -27.12 19.68
C GLY B 1162 22.60 -26.13 20.82
N ILE B 1163 23.19 -24.99 20.50
CA ILE B 1163 23.35 -23.90 21.46
C ILE B 1163 22.07 -23.07 21.51
N THR B 1164 21.33 -23.19 22.61
CA THR B 1164 20.08 -22.45 22.74
C THR B 1164 20.36 -20.96 22.88
N ILE B 1165 19.33 -20.15 22.57
CA ILE B 1165 19.47 -18.69 22.67
C ILE B 1165 19.91 -18.28 24.07
N MET B 1166 19.39 -18.94 25.10
CA MET B 1166 19.78 -18.61 26.47
C MET B 1166 21.23 -18.96 26.74
N GLU B 1167 21.73 -20.03 26.11
CA GLU B 1167 23.10 -20.49 26.33
C GLU B 1167 24.12 -19.73 25.50
N ARG B 1168 23.67 -19.00 24.48
CA ARG B 1168 24.56 -18.38 23.49
C ARG B 1168 25.72 -17.64 24.14
N SER B 1169 25.40 -16.59 24.91
CA SER B 1169 26.43 -15.75 25.51
C SER B 1169 27.45 -16.58 26.29
N SER B 1170 26.98 -17.57 27.04
CA SER B 1170 27.89 -18.44 27.79
C SER B 1170 28.81 -19.21 26.86
N PHE B 1171 28.28 -19.70 25.73
CA PHE B 1171 29.11 -20.44 24.79
C PHE B 1171 30.15 -19.53 24.13
N GLU B 1172 29.80 -18.27 23.87
CA GLU B 1172 30.77 -17.38 23.24
C GLU B 1172 31.84 -16.95 24.23
N LYS B 1173 31.45 -16.74 25.49
CA LYS B 1173 32.40 -16.25 26.49
C LYS B 1173 33.56 -17.22 26.68
N ASN B 1174 33.28 -18.52 26.68
CA ASN B 1174 34.35 -19.53 26.75
C ASN B 1174 33.83 -20.87 26.24
N PRO B 1175 33.95 -21.14 24.94
CA PRO B 1175 33.41 -22.40 24.40
C PRO B 1175 34.03 -23.64 25.00
N ILE B 1176 35.34 -23.61 25.28
CA ILE B 1176 36.02 -24.77 25.84
C ILE B 1176 35.44 -25.15 27.19
N ASP B 1177 35.28 -24.16 28.08
CA ASP B 1177 34.69 -24.43 29.39
C ASP B 1177 33.26 -24.93 29.26
N PHE B 1178 32.48 -24.34 28.35
CA PHE B 1178 31.11 -24.78 28.16
C PHE B 1178 31.04 -26.24 27.73
N LEU B 1179 31.85 -26.61 26.73
CA LEU B 1179 31.84 -27.98 26.24
C LEU B 1179 32.37 -28.95 27.29
N GLU B 1180 33.36 -28.52 28.09
CA GLU B 1180 33.86 -29.40 29.15
C GLU B 1180 32.81 -29.60 30.22
N ALA B 1181 32.00 -28.57 30.50
CA ALA B 1181 30.93 -28.71 31.47
C ALA B 1181 29.80 -29.57 30.93
N LYS B 1182 29.65 -29.62 29.60
CA LYS B 1182 28.62 -30.42 28.97
C LYS B 1182 28.98 -31.90 28.95
N GLY B 1183 30.24 -32.25 29.20
CA GLY B 1183 30.69 -33.62 29.24
C GLY B 1183 31.66 -34.02 28.14
N TYR B 1184 32.11 -33.08 27.32
CA TYR B 1184 33.09 -33.33 26.28
C TYR B 1184 34.50 -33.16 26.81
N LYS B 1185 35.42 -33.98 26.31
CA LYS B 1185 36.81 -33.92 26.70
C LYS B 1185 37.69 -33.94 25.46
N GLU B 1186 38.90 -33.38 25.59
CA GLU B 1186 39.86 -33.30 24.50
C GLU B 1186 39.24 -32.64 23.27
N VAL B 1187 38.43 -31.61 23.52
CA VAL B 1187 37.70 -30.93 22.46
C VAL B 1187 38.69 -30.27 21.50
N LYS B 1188 38.63 -30.66 20.23
CA LYS B 1188 39.47 -30.05 19.19
C LYS B 1188 38.92 -28.67 18.86
N LYS B 1189 39.48 -27.64 19.49
CA LYS B 1189 38.93 -26.29 19.39
C LYS B 1189 38.89 -25.80 17.95
N ASP B 1190 39.90 -26.15 17.15
CA ASP B 1190 40.01 -25.66 15.79
C ASP B 1190 38.99 -26.29 14.84
N LEU B 1191 38.32 -27.36 15.25
CA LEU B 1191 37.32 -28.02 14.44
C LEU B 1191 35.90 -27.57 14.76
N ILE B 1192 35.74 -26.54 15.60
CA ILE B 1192 34.42 -26.07 15.97
C ILE B 1192 33.87 -25.24 14.80
N ILE B 1193 32.76 -25.70 14.22
CA ILE B 1193 32.13 -25.01 13.10
C ILE B 1193 30.76 -24.48 13.54
N LYS B 1194 30.60 -23.17 13.43
CA LYS B 1194 29.32 -22.50 13.65
C LYS B 1194 28.36 -22.81 12.50
N LEU B 1195 27.19 -23.37 12.80
CA LEU B 1195 26.24 -23.79 11.77
C LEU B 1195 24.90 -23.10 12.00
N PRO B 1196 24.70 -21.92 11.43
CA PRO B 1196 23.41 -21.22 11.57
C PRO B 1196 22.31 -21.98 10.85
N LYS B 1197 21.07 -21.56 11.10
CA LYS B 1197 19.92 -22.18 10.46
C LYS B 1197 20.01 -22.02 8.94
N TYR B 1198 19.46 -23.02 8.23
CA TYR B 1198 19.43 -23.10 6.77
C TYR B 1198 20.78 -23.44 6.16
N SER B 1199 21.73 -23.95 6.94
CA SER B 1199 23.01 -24.37 6.40
C SER B 1199 22.80 -25.49 5.39
N LEU B 1200 23.47 -25.40 4.25
CA LEU B 1200 23.25 -26.30 3.12
C LEU B 1200 24.25 -27.43 3.13
N PHE B 1201 23.77 -28.65 2.94
CA PHE B 1201 24.61 -29.84 2.89
C PHE B 1201 24.22 -30.64 1.66
N GLU B 1202 25.21 -31.06 0.88
CA GLU B 1202 24.95 -31.94 -0.24
C GLU B 1202 25.37 -33.36 0.06
N LEU B 1203 24.57 -34.29 -0.43
CA LEU B 1203 24.70 -35.73 -0.29
C LEU B 1203 24.70 -36.34 -1.68
N GLU B 1204 25.15 -37.59 -1.76
CA GLU B 1204 25.48 -38.17 -3.05
C GLU B 1204 24.20 -38.30 -3.87
N ASN B 1205 24.36 -38.33 -5.19
CA ASN B 1205 23.27 -38.31 -6.17
C ASN B 1205 22.74 -36.89 -6.30
N GLY B 1206 23.43 -35.89 -5.73
CA GLY B 1206 22.94 -34.54 -5.71
C GLY B 1206 21.87 -34.20 -4.70
N ARG B 1207 21.44 -35.15 -3.89
CA ARG B 1207 20.39 -34.86 -2.91
C ARG B 1207 20.89 -33.89 -1.85
N LYS B 1208 20.11 -32.85 -1.55
CA LYS B 1208 20.57 -31.83 -0.64
C LYS B 1208 19.58 -31.65 0.50
N ARG B 1209 20.11 -31.19 1.65
CA ARG B 1209 19.30 -30.88 2.82
C ARG B 1209 19.75 -29.58 3.44
N MET B 1210 18.78 -28.79 3.92
CA MET B 1210 19.09 -27.57 4.64
C MET B 1210 18.87 -27.78 6.14
N LEU B 1211 19.68 -27.11 6.95
CA LEU B 1211 19.59 -27.24 8.40
C LEU B 1211 18.37 -26.47 8.90
N ALA B 1212 17.33 -27.18 9.32
CA ALA B 1212 16.17 -26.55 9.90
C ALA B 1212 16.32 -26.33 11.40
N SER B 1213 17.10 -27.18 12.05
CA SER B 1213 17.31 -27.15 13.49
C SER B 1213 18.50 -28.07 13.76
N ALA B 1214 18.72 -28.39 15.03
CA ALA B 1214 19.77 -29.34 15.38
C ALA B 1214 19.29 -30.78 15.25
N GLY B 1215 17.98 -30.99 15.16
CA GLY B 1215 17.43 -32.33 15.08
C GLY B 1215 16.43 -32.52 13.95
N GLU B 1216 16.34 -31.55 13.03
CA GLU B 1216 15.46 -31.69 11.88
C GLU B 1216 16.06 -30.98 10.68
N LEU B 1217 15.78 -31.51 9.49
CA LEU B 1217 16.27 -30.98 8.23
C LEU B 1217 15.11 -30.62 7.31
N GLN B 1218 15.36 -29.72 6.36
CA GLN B 1218 14.40 -29.38 5.32
C GLN B 1218 14.90 -29.82 3.96
N LYS B 1219 13.96 -29.88 3.02
CA LYS B 1219 14.25 -30.21 1.62
C LYS B 1219 15.08 -29.11 0.96
N GLY B 1220 16.11 -29.53 0.22
CA GLY B 1220 17.02 -28.58 -0.39
C GLY B 1220 17.07 -28.57 -1.90
N ASN B 1221 16.03 -29.07 -2.58
CA ASN B 1221 16.04 -29.17 -4.03
C ASN B 1221 14.87 -28.42 -4.65
N GLU B 1222 15.07 -27.98 -5.89
CA GLU B 1222 14.05 -27.32 -6.69
C GLU B 1222 13.72 -28.17 -7.91
N LEU B 1223 12.44 -28.50 -8.08
CA LEU B 1223 11.99 -29.29 -9.22
C LEU B 1223 11.86 -28.37 -10.44
N ALA B 1224 12.77 -28.54 -11.40
CA ALA B 1224 12.75 -27.79 -12.66
C ALA B 1224 11.81 -28.47 -13.64
N LEU B 1225 10.55 -28.04 -13.64
CA LEU B 1225 9.56 -28.60 -14.55
C LEU B 1225 9.65 -27.93 -15.92
N PRO B 1226 9.69 -28.69 -17.01
CA PRO B 1226 9.76 -28.10 -18.35
C PRO B 1226 8.62 -27.11 -18.61
N SER B 1227 8.94 -26.06 -19.38
CA SER B 1227 8.00 -24.97 -19.60
C SER B 1227 6.73 -25.42 -20.29
N LYS B 1228 6.82 -26.45 -21.15
CA LYS B 1228 5.62 -26.95 -21.83
C LYS B 1228 4.59 -27.44 -20.82
N TYR B 1229 5.05 -28.12 -19.77
CA TYR B 1229 4.14 -28.68 -18.77
C TYR B 1229 3.59 -27.57 -17.88
N VAL B 1230 4.40 -26.55 -17.62
CA VAL B 1230 3.94 -25.41 -16.82
C VAL B 1230 2.83 -24.67 -17.56
N ASN B 1231 3.06 -24.33 -18.83
CA ASN B 1231 2.01 -23.65 -19.60
C ASN B 1231 0.77 -24.53 -19.74
N PHE B 1232 0.94 -25.82 -20.04
CA PHE B 1232 -0.21 -26.71 -20.12
C PHE B 1232 -1.00 -26.73 -18.81
N LEU B 1233 -0.31 -26.80 -17.68
CA LEU B 1233 -0.98 -26.83 -16.38
C LEU B 1233 -1.72 -25.54 -16.13
N TYR B 1234 -1.09 -24.40 -16.45
CA TYR B 1234 -1.76 -23.11 -16.28
C TYR B 1234 -3.04 -23.05 -17.10
N LEU B 1235 -2.95 -23.43 -18.37
CA LEU B 1235 -4.13 -23.35 -19.24
C LEU B 1235 -5.21 -24.34 -18.82
N ALA B 1236 -4.83 -25.49 -18.26
CA ALA B 1236 -5.83 -26.48 -17.89
C ALA B 1236 -6.49 -26.13 -16.57
N SER B 1237 -5.77 -25.50 -15.66
CA SER B 1237 -6.34 -25.11 -14.37
C SER B 1237 -7.31 -23.95 -14.50
N HIS B 1238 -7.08 -23.06 -15.46
CA HIS B 1238 -7.90 -21.86 -15.64
C HIS B 1238 -8.77 -22.05 -16.88
N TYR B 1239 -10.02 -22.43 -16.67
CA TYR B 1239 -10.99 -22.61 -17.74
C TYR B 1239 -12.00 -21.47 -17.82
N GLU B 1240 -12.60 -21.11 -16.68
CA GLU B 1240 -13.57 -20.01 -16.63
C GLU B 1240 -12.85 -18.67 -16.53
N LYS B 1241 -12.02 -18.40 -17.53
CA LYS B 1241 -11.24 -17.17 -17.61
C LYS B 1241 -10.80 -17.00 -19.06
N LEU B 1242 -9.92 -16.02 -19.30
CA LEU B 1242 -9.38 -15.74 -20.62
C LEU B 1242 -10.50 -15.45 -21.62
N LYS B 1243 -11.26 -14.40 -21.32
CA LYS B 1243 -12.40 -14.03 -22.16
C LYS B 1243 -11.92 -13.46 -23.50
N GLY B 1244 -12.88 -13.11 -24.34
CA GLY B 1244 -12.60 -12.62 -25.68
C GLY B 1244 -13.25 -13.51 -26.73
N SER B 1245 -12.55 -13.71 -27.84
CA SER B 1245 -13.10 -14.50 -28.93
C SER B 1245 -13.19 -15.97 -28.53
N PRO B 1246 -14.31 -16.62 -28.82
CA PRO B 1246 -14.43 -18.05 -28.46
C PRO B 1246 -13.50 -18.96 -29.24
N GLU B 1247 -12.94 -18.48 -30.36
CA GLU B 1247 -12.10 -19.35 -31.19
C GLU B 1247 -10.82 -19.74 -30.47
N ASP B 1248 -10.15 -18.79 -29.83
CA ASP B 1248 -8.92 -19.11 -29.10
C ASP B 1248 -9.21 -20.01 -27.91
N ASN B 1249 -10.32 -19.77 -27.21
CA ASN B 1249 -10.70 -20.64 -26.10
C ASN B 1249 -10.93 -22.07 -26.59
N GLU B 1250 -11.59 -22.22 -27.75
CA GLU B 1250 -11.82 -23.56 -28.26
C GLU B 1250 -10.50 -24.21 -28.70
N GLN B 1251 -9.62 -23.44 -29.34
CA GLN B 1251 -8.33 -24.00 -29.71
C GLN B 1251 -7.55 -24.46 -28.49
N LYS B 1252 -7.68 -23.74 -27.37
CA LYS B 1252 -7.01 -24.17 -26.14
C LYS B 1252 -7.66 -25.40 -25.54
N GLN B 1253 -8.98 -25.54 -25.72
CA GLN B 1253 -9.67 -26.75 -25.27
C GLN B 1253 -9.19 -27.96 -26.06
N LEU B 1254 -9.12 -27.82 -27.38
CA LEU B 1254 -8.60 -28.90 -28.20
C LEU B 1254 -7.13 -29.16 -27.93
N PHE B 1255 -6.36 -28.14 -27.55
CA PHE B 1255 -4.98 -28.37 -27.14
C PHE B 1255 -4.91 -29.23 -25.88
N VAL B 1256 -5.80 -28.95 -24.92
CA VAL B 1256 -5.86 -29.76 -23.70
C VAL B 1256 -6.19 -31.21 -24.04
N GLU B 1257 -7.27 -31.41 -24.79
CA GLU B 1257 -7.66 -32.77 -25.13
C GLU B 1257 -6.60 -33.47 -25.96
N GLN B 1258 -5.86 -32.72 -26.79
CA GLN B 1258 -4.80 -33.35 -27.56
C GLN B 1258 -3.62 -33.72 -26.67
N HIS B 1259 -3.38 -32.95 -25.62
CA HIS B 1259 -2.18 -33.14 -24.81
C HIS B 1259 -2.54 -33.57 -23.39
N LYS B 1260 -3.53 -34.44 -23.26
CA LYS B 1260 -3.95 -34.91 -21.94
C LYS B 1260 -2.88 -35.80 -21.31
N HIS B 1261 -2.04 -36.44 -22.12
CA HIS B 1261 -0.94 -37.27 -21.63
C HIS B 1261 0.05 -36.49 -20.78
N TYR B 1262 0.06 -35.17 -20.90
CA TYR B 1262 0.93 -34.34 -20.07
C TYR B 1262 0.69 -34.57 -18.59
N LEU B 1263 -0.55 -34.85 -18.18
CA LEU B 1263 -0.81 -35.17 -16.78
C LEU B 1263 0.02 -36.37 -16.33
N ASP B 1264 -0.08 -37.48 -17.06
CA ASP B 1264 0.70 -38.67 -16.74
C ASP B 1264 2.20 -38.40 -16.78
N GLU B 1265 2.66 -37.60 -17.75
CA GLU B 1265 4.08 -37.30 -17.80
C GLU B 1265 4.53 -36.46 -16.60
N ILE B 1266 3.68 -35.55 -16.14
CA ILE B 1266 4.02 -34.72 -14.99
C ILE B 1266 4.06 -35.55 -13.72
N ILE B 1267 3.07 -36.42 -13.53
CA ILE B 1267 3.11 -37.29 -12.34
C ILE B 1267 4.30 -38.25 -12.41
N GLU B 1268 4.67 -38.71 -13.60
CA GLU B 1268 5.88 -39.52 -13.73
C GLU B 1268 7.11 -38.73 -13.28
N GLN B 1269 7.24 -37.49 -13.76
CA GLN B 1269 8.35 -36.63 -13.35
C GLN B 1269 8.39 -36.46 -11.84
N ILE B 1270 7.25 -36.10 -11.24
CA ILE B 1270 7.14 -35.96 -9.79
C ILE B 1270 7.58 -37.23 -9.08
N SER B 1271 7.23 -38.40 -9.64
CA SER B 1271 7.57 -39.65 -8.99
C SER B 1271 9.07 -39.91 -9.05
N GLU B 1272 9.67 -39.74 -10.23
CA GLU B 1272 11.12 -39.83 -10.34
C GLU B 1272 11.79 -38.92 -9.33
N PHE B 1273 11.39 -37.65 -9.30
CA PHE B 1273 12.00 -36.67 -8.41
C PHE B 1273 11.90 -37.13 -6.96
N SER B 1274 10.70 -37.53 -6.54
CA SER B 1274 10.49 -37.94 -5.15
C SER B 1274 11.32 -39.16 -4.80
N LYS B 1275 11.37 -40.15 -5.68
CA LYS B 1275 12.15 -41.35 -5.40
C LYS B 1275 13.65 -41.05 -5.36
N ARG B 1276 14.11 -40.07 -6.13
CA ARG B 1276 15.54 -39.78 -6.12
C ARG B 1276 15.93 -38.88 -4.94
N VAL B 1277 15.04 -37.98 -4.49
CA VAL B 1277 15.42 -36.87 -3.64
C VAL B 1277 14.60 -36.84 -2.35
N ILE B 1278 13.28 -37.02 -2.45
CA ILE B 1278 12.44 -36.88 -1.26
C ILE B 1278 12.53 -38.12 -0.37
N LEU B 1279 12.55 -39.31 -0.97
CA LEU B 1279 12.68 -40.58 -0.23
C LEU B 1279 11.58 -40.78 0.80
N ALA B 1280 10.32 -40.67 0.36
CA ALA B 1280 9.18 -40.97 1.24
C ALA B 1280 8.23 -41.93 0.51
N ASP B 1281 8.59 -43.21 0.54
CA ASP B 1281 7.90 -44.22 -0.27
C ASP B 1281 6.40 -44.25 -0.01
N ALA B 1282 5.99 -44.18 1.27
CA ALA B 1282 4.58 -44.21 1.64
C ALA B 1282 3.77 -43.09 1.01
N ASN B 1283 4.22 -41.84 1.19
CA ASN B 1283 3.49 -40.71 0.61
C ASN B 1283 3.38 -40.83 -0.91
N LEU B 1284 4.45 -41.30 -1.56
CA LEU B 1284 4.40 -41.45 -3.01
C LEU B 1284 3.41 -42.54 -3.42
N ASP B 1285 3.39 -43.66 -2.69
CA ASP B 1285 2.42 -44.71 -3.00
C ASP B 1285 1.00 -44.23 -2.80
N LYS B 1286 0.77 -43.39 -1.79
CA LYS B 1286 -0.59 -42.87 -1.58
C LYS B 1286 -0.97 -41.88 -2.66
N VAL B 1287 0.00 -41.09 -3.14
CA VAL B 1287 -0.25 -40.20 -4.27
C VAL B 1287 -0.62 -41.01 -5.50
N LEU B 1288 0.20 -42.00 -5.84
CA LEU B 1288 -0.06 -42.81 -7.02
C LEU B 1288 -1.43 -43.47 -6.95
N SER B 1289 -1.73 -44.12 -5.82
CA SER B 1289 -3.06 -44.72 -5.63
C SER B 1289 -4.18 -43.69 -5.86
N ALA B 1290 -4.14 -42.60 -5.10
CA ALA B 1290 -5.18 -41.57 -5.19
C ALA B 1290 -5.37 -41.06 -6.62
N TYR B 1291 -4.26 -40.88 -7.34
CA TYR B 1291 -4.38 -40.47 -8.74
C TYR B 1291 -4.99 -41.57 -9.59
N ASN B 1292 -4.64 -42.82 -9.32
CA ASN B 1292 -5.22 -43.93 -10.07
C ASN B 1292 -6.74 -43.97 -9.92
N LYS B 1293 -7.25 -43.72 -8.70
CA LYS B 1293 -8.70 -43.77 -8.52
C LYS B 1293 -9.43 -42.62 -9.19
N HIS B 1294 -8.78 -41.48 -9.41
CA HIS B 1294 -9.45 -40.26 -9.87
C HIS B 1294 -9.10 -39.89 -11.30
N ARG B 1295 -8.60 -40.84 -12.09
CA ARG B 1295 -8.29 -40.56 -13.49
C ARG B 1295 -9.55 -40.29 -14.32
N ASP B 1296 -10.69 -40.85 -13.91
CA ASP B 1296 -11.92 -40.66 -14.67
C ASP B 1296 -12.49 -39.25 -14.53
N LYS B 1297 -12.20 -38.58 -13.41
CA LYS B 1297 -12.74 -37.26 -13.14
C LYS B 1297 -12.27 -36.22 -14.16
N PRO B 1298 -13.03 -35.14 -14.32
CA PRO B 1298 -12.66 -34.08 -15.27
C PRO B 1298 -11.24 -33.56 -15.12
N ILE B 1299 -10.66 -33.18 -16.26
CA ILE B 1299 -9.27 -32.76 -16.35
C ILE B 1299 -9.00 -31.52 -15.50
N ARG B 1300 -9.97 -30.59 -15.43
CA ARG B 1300 -9.79 -29.38 -14.63
C ARG B 1300 -9.49 -29.72 -13.17
N GLU B 1301 -10.39 -30.48 -12.53
CA GLU B 1301 -10.19 -30.90 -11.15
C GLU B 1301 -8.84 -31.59 -10.96
N GLN B 1302 -8.55 -32.57 -11.82
CA GLN B 1302 -7.28 -33.29 -11.74
C GLN B 1302 -6.09 -32.34 -11.83
N ALA B 1303 -6.19 -31.32 -12.69
CA ALA B 1303 -5.08 -30.37 -12.84
C ALA B 1303 -4.91 -29.54 -11.58
N GLU B 1304 -6.00 -29.03 -11.03
CA GLU B 1304 -5.91 -28.27 -9.78
C GLU B 1304 -5.30 -29.11 -8.66
N ASN B 1305 -5.68 -30.38 -8.59
CA ASN B 1305 -5.13 -31.21 -7.52
C ASN B 1305 -3.69 -31.65 -7.81
N ILE B 1306 -3.31 -31.74 -9.08
CA ILE B 1306 -1.89 -31.94 -9.39
C ILE B 1306 -1.08 -30.72 -8.97
N ILE B 1307 -1.63 -29.52 -9.17
CA ILE B 1307 -1.01 -28.32 -8.62
C ILE B 1307 -0.86 -28.43 -7.11
N HIS B 1308 -1.89 -28.96 -6.44
CA HIS B 1308 -1.78 -29.24 -5.01
C HIS B 1308 -0.63 -30.22 -4.71
N LEU B 1309 -0.40 -31.17 -5.61
CA LEU B 1309 0.62 -32.21 -5.41
C LEU B 1309 2.02 -31.64 -5.24
N PHE B 1310 2.25 -30.38 -5.62
CA PHE B 1310 3.60 -29.85 -5.69
C PHE B 1310 4.16 -29.50 -4.32
N THR B 1311 3.31 -29.37 -3.29
CA THR B 1311 3.82 -29.08 -1.96
C THR B 1311 4.60 -30.25 -1.38
N LEU B 1312 4.45 -31.45 -1.95
CA LEU B 1312 5.29 -32.58 -1.54
C LEU B 1312 6.74 -32.35 -1.93
N THR B 1313 6.97 -31.68 -3.06
CA THR B 1313 8.31 -31.48 -3.61
C THR B 1313 8.84 -30.07 -3.39
N ASN B 1314 8.02 -29.17 -2.84
CA ASN B 1314 8.42 -27.79 -2.65
C ASN B 1314 9.63 -27.68 -1.72
N LEU B 1315 10.35 -26.58 -1.86
CA LEU B 1315 11.50 -26.29 -1.02
C LEU B 1315 11.07 -25.96 0.40
N GLY B 1316 11.95 -26.27 1.34
CA GLY B 1316 11.77 -25.90 2.74
C GLY B 1316 11.08 -26.96 3.58
N ALA B 1317 10.45 -26.49 4.65
CA ALA B 1317 9.85 -27.37 5.64
C ALA B 1317 8.73 -28.22 5.03
N PRO B 1318 8.76 -29.54 5.24
CA PRO B 1318 7.66 -30.39 4.77
C PRO B 1318 6.33 -29.95 5.36
N ALA B 1319 5.27 -30.05 4.55
CA ALA B 1319 3.96 -29.61 4.98
C ALA B 1319 2.89 -30.57 4.47
N ALA B 1320 1.77 -30.61 5.19
CA ALA B 1320 0.64 -31.46 4.86
C ALA B 1320 -0.12 -30.88 3.68
N PHE B 1321 -0.82 -31.75 2.96
CA PHE B 1321 -1.59 -31.24 1.82
C PHE B 1321 -2.74 -32.20 1.52
N LYS B 1322 -3.78 -31.65 0.90
CA LYS B 1322 -4.94 -32.43 0.49
C LYS B 1322 -4.95 -32.62 -1.01
N TYR B 1323 -5.05 -33.87 -1.44
CA TYR B 1323 -5.18 -34.29 -2.83
C TYR B 1323 -6.48 -35.08 -2.94
N PHE B 1324 -7.49 -34.49 -3.60
CA PHE B 1324 -8.74 -35.19 -3.88
C PHE B 1324 -9.32 -35.77 -2.59
N ASP B 1325 -9.34 -34.92 -1.57
CA ASP B 1325 -10.02 -35.06 -0.28
C ASP B 1325 -9.18 -36.00 0.59
N THR B 1326 -8.07 -36.51 0.07
CA THR B 1326 -7.16 -37.39 0.79
C THR B 1326 -6.12 -36.48 1.43
N THR B 1327 -5.99 -36.53 2.76
CA THR B 1327 -5.02 -35.68 3.43
C THR B 1327 -3.73 -36.46 3.65
N ILE B 1328 -2.61 -35.84 3.26
CA ILE B 1328 -1.29 -36.39 3.41
C ILE B 1328 -0.53 -35.58 4.46
N ASP B 1329 -0.36 -36.19 5.63
CA ASP B 1329 0.42 -35.61 6.71
C ASP B 1329 1.88 -35.45 6.27
N ARG B 1330 2.50 -34.38 6.75
CA ARG B 1330 3.88 -34.09 6.37
C ARG B 1330 4.83 -35.15 6.91
N LYS B 1331 5.77 -35.56 6.05
CA LYS B 1331 6.86 -36.44 6.46
C LYS B 1331 8.06 -35.60 6.90
N ARG B 1332 8.33 -35.58 8.19
CA ARG B 1332 9.43 -34.79 8.75
C ARG B 1332 10.71 -35.62 8.76
N TYR B 1333 11.84 -34.92 8.81
CA TYR B 1333 13.16 -35.54 8.82
C TYR B 1333 13.73 -35.40 10.23
N THR B 1334 13.45 -36.40 11.07
CA THR B 1334 13.65 -36.33 12.50
C THR B 1334 15.07 -36.70 12.93
N SER B 1335 16.00 -36.85 12.00
CA SER B 1335 17.38 -37.15 12.34
C SER B 1335 18.32 -36.29 11.52
N THR B 1336 19.52 -36.08 12.06
CA THR B 1336 20.54 -35.24 11.43
C THR B 1336 21.83 -36.02 11.17
N LYS B 1337 21.77 -37.35 11.21
CA LYS B 1337 22.99 -38.15 11.09
C LYS B 1337 23.64 -37.98 9.72
N GLU B 1338 22.84 -38.03 8.66
CA GLU B 1338 23.39 -37.99 7.30
C GLU B 1338 24.10 -36.67 7.04
N VAL B 1339 23.64 -35.57 7.63
CA VAL B 1339 24.25 -34.26 7.43
C VAL B 1339 25.68 -34.25 7.95
N LEU B 1340 25.94 -35.02 9.01
CA LEU B 1340 27.24 -35.11 9.66
C LEU B 1340 28.31 -35.72 8.78
N ASP B 1341 27.93 -36.37 7.68
CA ASP B 1341 28.88 -36.91 6.71
C ASP B 1341 28.73 -36.31 5.32
N ALA B 1342 27.89 -35.28 5.18
CA ALA B 1342 27.66 -34.65 3.89
C ALA B 1342 28.78 -33.65 3.56
N THR B 1343 28.56 -32.84 2.54
CA THR B 1343 29.46 -31.75 2.16
C THR B 1343 28.79 -30.39 2.43
N LEU B 1344 29.41 -29.59 3.30
CA LEU B 1344 28.89 -28.26 3.60
C LEU B 1344 29.14 -27.33 2.42
N ILE B 1345 28.09 -26.64 1.95
CA ILE B 1345 28.23 -25.68 0.86
C ILE B 1345 28.03 -24.27 1.39
N HIS B 1346 29.10 -23.50 1.51
CA HIS B 1346 29.00 -22.09 1.87
C HIS B 1346 28.74 -21.27 0.60
N GLN B 1347 27.63 -20.54 0.58
CA GLN B 1347 27.17 -19.83 -0.61
C GLN B 1347 27.24 -18.33 -0.39
N SER B 1348 27.68 -17.61 -1.43
CA SER B 1348 27.58 -16.15 -1.42
C SER B 1348 26.12 -15.72 -1.52
N ILE B 1349 25.90 -14.40 -1.47
CA ILE B 1349 24.55 -13.87 -1.54
C ILE B 1349 23.92 -14.16 -2.91
N THR B 1350 24.73 -14.23 -3.96
CA THR B 1350 24.24 -14.54 -5.29
C THR B 1350 24.32 -16.02 -5.60
N GLY B 1351 25.07 -16.78 -4.81
CA GLY B 1351 25.30 -18.20 -5.04
C GLY B 1351 26.25 -18.51 -6.16
N LEU B 1352 26.95 -17.51 -6.68
CA LEU B 1352 27.90 -17.75 -7.77
C LEU B 1352 29.22 -18.30 -7.22
N TYR B 1353 29.63 -17.80 -6.05
CA TYR B 1353 30.82 -18.28 -5.36
C TYR B 1353 30.42 -19.32 -4.33
N GLU B 1354 31.11 -20.45 -4.32
CA GLU B 1354 30.85 -21.53 -3.39
C GLU B 1354 32.17 -21.93 -2.73
N THR B 1355 32.12 -22.22 -1.43
CA THR B 1355 33.17 -22.99 -0.78
C THR B 1355 32.60 -24.29 -0.23
N ARG B 1356 33.06 -25.41 -0.76
CA ARG B 1356 32.56 -26.72 -0.38
C ARG B 1356 33.56 -27.36 0.59
N ILE B 1357 33.06 -27.86 1.71
CA ILE B 1357 33.88 -28.50 2.74
C ILE B 1357 33.41 -29.94 2.88
N ASP B 1358 34.30 -30.87 2.53
CA ASP B 1358 34.06 -32.30 2.74
C ASP B 1358 34.17 -32.61 4.22
N LEU B 1359 33.03 -32.78 4.89
CA LEU B 1359 33.03 -33.03 6.34
C LEU B 1359 33.44 -34.47 6.65
N SER B 1360 34.67 -34.80 6.24
CA SER B 1360 35.29 -36.09 6.56
C SER B 1360 36.46 -35.83 7.50
N GLN B 1361 36.23 -35.99 8.79
CA GLN B 1361 37.23 -35.66 9.81
C GLN B 1361 36.84 -36.23 11.16
N GLU E 33 -4.00 -28.05 -60.77
CA GLU E 33 -5.26 -27.32 -60.76
C GLU E 33 -5.35 -26.40 -59.56
N PHE E 34 -5.58 -25.11 -59.82
CA PHE E 34 -5.74 -24.06 -58.81
C PHE E 34 -4.46 -23.82 -58.00
N SER E 35 -3.35 -24.44 -58.37
CA SER E 35 -2.10 -24.26 -57.66
C SER E 35 -1.37 -23.03 -58.21
N HIS E 36 -0.16 -22.78 -57.69
CA HIS E 36 0.62 -21.65 -58.15
C HIS E 36 0.95 -21.76 -59.63
N GLU E 37 1.25 -22.97 -60.10
CA GLU E 37 1.57 -23.17 -61.51
C GLU E 37 0.38 -22.87 -62.41
N TYR E 38 -0.84 -23.14 -61.94
CA TYR E 38 -2.02 -22.87 -62.75
C TYR E 38 -2.19 -21.38 -63.00
N TRP E 39 -2.14 -20.58 -61.94
CA TRP E 39 -2.26 -19.13 -62.11
C TRP E 39 -1.07 -18.55 -62.85
N MET E 40 0.13 -19.13 -62.64
CA MET E 40 1.30 -18.69 -63.38
C MET E 40 1.13 -18.91 -64.88
N ARG E 41 0.57 -20.06 -65.27
CA ARG E 41 0.36 -20.34 -66.68
C ARG E 41 -0.79 -19.50 -67.24
N HIS E 42 -1.79 -19.19 -66.42
CA HIS E 42 -2.84 -18.28 -66.87
C HIS E 42 -2.29 -16.89 -67.14
N ALA E 43 -1.46 -16.38 -66.23
CA ALA E 43 -0.82 -15.09 -66.46
C ALA E 43 0.15 -15.15 -67.64
N LEU E 44 0.78 -16.29 -67.89
CA LEU E 44 1.61 -16.43 -69.07
C LEU E 44 0.79 -16.39 -70.35
N THR E 45 -0.41 -16.99 -70.32
CA THR E 45 -1.30 -16.90 -71.48
C THR E 45 -1.75 -15.46 -71.69
N LEU E 46 -2.06 -14.74 -70.61
CA LEU E 46 -2.40 -13.33 -70.74
C LEU E 46 -1.24 -12.53 -71.31
N ALA E 47 -0.01 -12.85 -70.90
CA ALA E 47 1.15 -12.17 -71.44
C ALA E 47 1.36 -12.47 -72.92
N LYS E 48 1.08 -13.71 -73.33
CA LYS E 48 1.19 -14.06 -74.74
C LYS E 48 0.12 -13.33 -75.56
N ARG E 49 -1.08 -13.18 -75.00
CA ARG E 49 -2.11 -12.42 -75.67
C ARG E 49 -1.71 -10.95 -75.81
N ALA E 50 -1.16 -10.38 -74.73
CA ALA E 50 -0.70 -8.99 -74.80
C ALA E 50 0.43 -8.83 -75.81
N ARG E 51 1.32 -9.82 -75.92
CA ARG E 51 2.37 -9.76 -76.93
C ARG E 51 1.80 -9.86 -78.33
N ASP E 52 0.78 -10.71 -78.53
CA ASP E 52 0.05 -10.71 -79.79
C ASP E 52 -0.57 -9.34 -80.07
N GLU E 53 -0.98 -8.63 -79.03
CA GLU E 53 -1.46 -7.26 -79.15
C GLU E 53 -0.31 -6.26 -79.30
N ARG E 54 0.91 -6.74 -79.51
CA ARG E 54 2.10 -5.89 -79.66
C ARG E 54 2.32 -5.00 -78.44
N GLU E 55 2.24 -5.63 -77.26
CA GLU E 55 2.49 -4.96 -75.99
C GLU E 55 3.50 -5.77 -75.18
N VAL E 56 3.90 -5.22 -74.04
CA VAL E 56 4.84 -5.91 -73.16
C VAL E 56 4.16 -7.14 -72.56
N PRO E 57 4.76 -8.33 -72.68
CA PRO E 57 4.13 -9.55 -72.10
C PRO E 57 4.29 -9.64 -70.59
N VAL E 58 3.46 -8.88 -69.87
CA VAL E 58 3.39 -8.92 -68.41
C VAL E 58 1.94 -9.00 -68.01
N GLY E 59 1.59 -10.01 -67.21
CA GLY E 59 0.23 -10.21 -66.79
C GLY E 59 0.12 -10.32 -65.29
N ALA E 60 -1.10 -10.11 -64.79
CA ALA E 60 -1.38 -10.15 -63.36
C ALA E 60 -2.81 -10.62 -63.14
N VAL E 61 -2.98 -11.52 -62.17
CA VAL E 61 -4.29 -12.10 -61.85
C VAL E 61 -4.50 -11.98 -60.35
N LEU E 62 -5.57 -11.30 -59.94
CA LEU E 62 -5.93 -11.12 -58.54
C LEU E 62 -7.11 -12.04 -58.23
N VAL E 63 -6.88 -13.01 -57.36
CA VAL E 63 -7.88 -14.01 -56.98
C VAL E 63 -8.09 -13.94 -55.48
N LEU E 64 -9.36 -13.97 -55.06
CA LEU E 64 -9.72 -13.95 -53.65
C LEU E 64 -10.72 -15.05 -53.38
N ASN E 65 -10.41 -15.90 -52.39
CA ASN E 65 -11.24 -17.04 -52.03
C ASN E 65 -11.50 -17.95 -53.23
N ASN E 66 -10.42 -18.25 -53.95
CA ASN E 66 -10.46 -19.12 -55.13
C ASN E 66 -11.42 -18.61 -56.20
N ARG E 67 -11.64 -17.30 -56.23
CA ARG E 67 -12.49 -16.67 -57.23
C ARG E 67 -11.68 -15.58 -57.92
N VAL E 68 -11.57 -15.68 -59.25
CA VAL E 68 -10.85 -14.66 -60.01
C VAL E 68 -11.65 -13.37 -59.97
N ILE E 69 -11.05 -12.30 -59.46
CA ILE E 69 -11.69 -11.01 -59.38
C ILE E 69 -11.04 -9.97 -60.29
N GLY E 70 -9.73 -10.10 -60.57
CA GLY E 70 -9.10 -9.16 -61.47
C GLY E 70 -8.12 -9.81 -62.44
N GLU E 71 -8.08 -9.29 -63.67
CA GLU E 71 -7.11 -9.75 -64.65
C GLU E 71 -6.60 -8.53 -65.41
N GLY E 72 -5.29 -8.49 -65.65
CA GLY E 72 -4.71 -7.36 -66.36
C GLY E 72 -3.42 -7.73 -67.05
N TRP E 73 -3.05 -6.89 -68.02
CA TRP E 73 -1.82 -7.06 -68.77
C TRP E 73 -1.18 -5.70 -68.98
N ASN E 74 0.15 -5.68 -69.05
CA ASN E 74 0.90 -4.44 -69.21
C ASN E 74 0.65 -3.87 -70.60
N ARG E 75 -0.09 -2.78 -70.67
CA ARG E 75 -0.41 -2.09 -71.92
C ARG E 75 -0.17 -0.59 -71.78
N ALA E 76 0.97 -0.24 -71.17
CA ALA E 76 1.29 1.17 -70.95
C ALA E 76 1.48 1.91 -72.26
N ILE E 77 2.12 1.27 -73.25
CA ILE E 77 2.35 1.93 -74.52
C ILE E 77 1.04 2.09 -75.29
N GLY E 78 0.20 1.06 -75.27
CA GLY E 78 -1.07 1.10 -75.98
C GLY E 78 -2.09 2.06 -75.40
N LEU E 79 -1.81 2.66 -74.24
CA LEU E 79 -2.73 3.60 -73.62
C LEU E 79 -2.09 4.95 -73.31
N HIS E 80 -0.80 5.14 -73.61
CA HIS E 80 -0.08 6.38 -73.32
C HIS E 80 -0.20 6.74 -71.83
N ASP E 81 0.04 5.75 -70.99
CA ASP E 81 -0.06 5.91 -69.54
C ASP E 81 1.09 5.18 -68.86
N PRO E 82 2.00 5.89 -68.20
CA PRO E 82 3.12 5.21 -67.54
C PRO E 82 2.69 4.34 -66.36
N THR E 83 1.49 4.52 -65.83
CA THR E 83 1.00 3.73 -64.71
C THR E 83 0.03 2.64 -65.16
N ALA E 84 -0.01 2.34 -66.45
CA ALA E 84 -0.91 1.31 -66.98
C ALA E 84 -0.20 -0.04 -67.05
N HIS E 85 0.14 -0.56 -65.87
CA HIS E 85 0.78 -1.86 -65.75
C HIS E 85 -0.25 -2.96 -65.53
N ALA E 86 0.22 -4.20 -65.56
CA ALA E 86 -0.66 -5.34 -65.30
C ALA E 86 -1.14 -5.33 -63.85
N GLU E 87 -0.23 -5.13 -62.90
CA GLU E 87 -0.59 -5.14 -61.49
C GLU E 87 -1.55 -4.00 -61.17
N ILE E 88 -1.30 -2.81 -61.71
CA ILE E 88 -2.17 -1.67 -61.43
C ILE E 88 -3.56 -1.91 -62.01
N MET E 89 -3.62 -2.43 -63.24
CA MET E 89 -4.92 -2.73 -63.84
C MET E 89 -5.67 -3.78 -63.05
N ALA E 90 -4.97 -4.81 -62.58
CA ALA E 90 -5.62 -5.86 -61.79
C ALA E 90 -6.14 -5.30 -60.47
N LEU E 91 -5.35 -4.47 -59.79
CA LEU E 91 -5.80 -3.88 -58.54
C LEU E 91 -6.99 -2.95 -58.76
N ARG E 92 -6.98 -2.19 -59.86
CA ARG E 92 -8.11 -1.29 -60.14
C ARG E 92 -9.37 -2.09 -60.44
N GLN E 93 -9.24 -3.18 -61.21
CA GLN E 93 -10.41 -4.01 -61.51
C GLN E 93 -10.94 -4.66 -60.23
N GLY E 94 -10.04 -5.12 -59.35
CA GLY E 94 -10.48 -5.68 -58.09
C GLY E 94 -11.21 -4.67 -57.22
N GLY E 95 -10.66 -3.45 -57.14
CA GLY E 95 -11.34 -2.41 -56.38
C GLY E 95 -12.67 -2.01 -56.97
N LEU E 96 -12.80 -2.06 -58.30
CA LEU E 96 -14.08 -1.72 -58.93
C LEU E 96 -15.10 -2.82 -58.70
N VAL E 97 -14.68 -4.08 -58.77
CA VAL E 97 -15.61 -5.19 -58.55
C VAL E 97 -16.05 -5.23 -57.10
N MET E 98 -15.11 -5.09 -56.17
CA MET E 98 -15.44 -5.13 -54.75
C MET E 98 -16.02 -3.81 -54.24
N GLN E 99 -15.95 -2.74 -55.03
CA GLN E 99 -16.44 -1.42 -54.64
C GLN E 99 -15.80 -0.97 -53.32
N ASN E 100 -14.50 -1.24 -53.18
CA ASN E 100 -13.76 -0.90 -51.98
C ASN E 100 -12.28 -0.90 -52.30
N TYR E 101 -11.57 0.12 -51.78
CA TYR E 101 -10.14 0.22 -52.01
C TYR E 101 -9.34 -0.80 -51.23
N ARG E 102 -9.93 -1.45 -50.23
CA ARG E 102 -9.24 -2.45 -49.43
C ARG E 102 -9.46 -3.84 -50.01
N LEU E 103 -8.37 -4.59 -50.14
CA LEU E 103 -8.37 -5.91 -50.77
C LEU E 103 -7.88 -6.98 -49.80
N ILE E 104 -8.35 -6.91 -48.54
CA ILE E 104 -7.96 -7.87 -47.53
C ILE E 104 -8.19 -9.29 -48.01
N ASP E 105 -7.23 -10.17 -47.71
CA ASP E 105 -7.31 -11.60 -48.00
C ASP E 105 -7.34 -11.89 -49.51
N ALA E 106 -6.74 -11.02 -50.31
CA ALA E 106 -6.58 -11.25 -51.73
C ALA E 106 -5.18 -11.79 -52.03
N THR E 107 -5.07 -12.54 -53.12
CA THR E 107 -3.80 -13.08 -53.56
C THR E 107 -3.55 -12.66 -55.01
N LEU E 108 -2.39 -12.07 -55.26
CA LEU E 108 -2.06 -11.54 -56.57
C LEU E 108 -0.91 -12.35 -57.17
N TYR E 109 -1.18 -13.02 -58.29
CA TYR E 109 -0.16 -13.76 -59.02
C TYR E 109 0.32 -12.93 -60.20
N VAL E 110 1.63 -13.00 -60.45
CA VAL E 110 2.24 -12.21 -61.52
C VAL E 110 3.47 -12.97 -62.03
N THR E 111 3.69 -12.89 -63.35
CA THR E 111 4.82 -13.53 -64.00
C THR E 111 6.11 -12.73 -63.90
N PHE E 112 6.13 -11.65 -63.12
CA PHE E 112 7.29 -10.77 -63.05
C PHE E 112 7.35 -10.14 -61.67
N GLU E 113 8.55 -10.01 -61.14
CA GLU E 113 8.72 -9.44 -59.81
C GLU E 113 8.23 -7.99 -59.79
N PRO E 114 7.37 -7.62 -58.85
CA PRO E 114 6.79 -6.27 -58.86
C PRO E 114 7.85 -5.20 -58.59
N CYS E 115 7.64 -4.05 -59.21
CA CYS E 115 8.54 -2.92 -59.07
C CYS E 115 8.20 -2.14 -57.80
N VAL E 116 8.81 -0.97 -57.63
CA VAL E 116 8.58 -0.17 -56.43
C VAL E 116 7.17 0.38 -56.42
N MET E 117 6.69 0.86 -57.56
CA MET E 117 5.33 1.37 -57.65
C MET E 117 4.31 0.26 -57.44
N CYS E 118 4.55 -0.91 -58.04
CA CYS E 118 3.64 -2.04 -57.85
C CYS E 118 3.64 -2.50 -56.41
N ALA E 119 4.80 -2.52 -55.76
CA ALA E 119 4.86 -2.91 -54.35
C ALA E 119 4.12 -1.91 -53.47
N GLY E 120 4.27 -0.62 -53.75
CA GLY E 120 3.52 0.38 -53.01
C GLY E 120 2.02 0.24 -53.21
N ALA E 121 1.60 -0.06 -54.44
CA ALA E 121 0.18 -0.25 -54.69
C ALA E 121 -0.35 -1.50 -53.98
N MET E 122 0.46 -2.56 -53.92
CA MET E 122 0.05 -3.74 -53.16
C MET E 122 -0.06 -3.44 -51.67
N ILE E 123 0.87 -2.62 -51.15
CA ILE E 123 0.79 -2.23 -49.74
C ILE E 123 -0.48 -1.43 -49.47
N HIS E 124 -0.77 -0.45 -50.33
CA HIS E 124 -1.96 0.36 -50.14
C HIS E 124 -3.24 -0.44 -50.33
N SER E 125 -3.20 -1.48 -51.17
CA SER E 125 -4.36 -2.33 -51.38
C SER E 125 -4.60 -3.32 -50.24
N ARG E 126 -3.64 -3.48 -49.34
CA ARG E 126 -3.77 -4.35 -48.17
C ARG E 126 -4.06 -5.80 -48.59
N ILE E 127 -3.40 -6.24 -49.66
CA ILE E 127 -3.59 -7.60 -50.17
C ILE E 127 -2.96 -8.60 -49.21
N GLY E 128 -3.30 -9.87 -49.36
CA GLY E 128 -2.82 -10.90 -48.46
C GLY E 128 -1.47 -11.49 -48.84
N ARG E 129 -1.28 -11.76 -50.14
CA ARG E 129 -0.04 -12.38 -50.58
C ARG E 129 0.19 -12.07 -52.05
N VAL E 130 1.46 -11.99 -52.42
CA VAL E 130 1.87 -11.75 -53.81
C VAL E 130 2.81 -12.87 -54.22
N VAL E 131 2.53 -13.49 -55.36
CA VAL E 131 3.29 -14.62 -55.89
C VAL E 131 3.86 -14.20 -57.24
N PHE E 132 5.17 -13.95 -57.28
CA PHE E 132 5.84 -13.55 -58.50
C PHE E 132 6.76 -14.67 -58.98
N GLY E 133 7.18 -14.55 -60.24
CA GLY E 133 8.01 -15.58 -60.85
C GLY E 133 9.47 -15.21 -60.95
N VAL E 134 9.92 -14.83 -62.14
CA VAL E 134 11.33 -14.54 -62.36
C VAL E 134 11.75 -13.33 -61.54
N ARG E 135 12.91 -13.45 -60.89
CA ARG E 135 13.46 -12.35 -60.12
C ARG E 135 13.98 -11.24 -61.04
N ASN E 136 14.14 -10.05 -60.47
CA ASN E 136 14.62 -8.89 -61.24
C ASN E 136 15.45 -8.03 -60.29
N SER E 137 16.77 -8.21 -60.33
CA SER E 137 17.66 -7.44 -59.48
C SER E 137 17.71 -5.97 -59.88
N LYS E 138 17.27 -5.63 -61.09
CA LYS E 138 17.33 -4.26 -61.58
C LYS E 138 16.04 -3.50 -61.36
N ARG E 139 14.89 -4.17 -61.36
CA ARG E 139 13.61 -3.51 -61.20
C ARG E 139 12.69 -4.16 -60.16
N GLY E 140 12.89 -5.43 -59.82
CA GLY E 140 12.03 -6.08 -58.85
C GLY E 140 12.31 -5.58 -57.45
N ALA E 141 11.32 -4.94 -56.83
CA ALA E 141 11.45 -4.41 -55.47
C ALA E 141 10.90 -5.35 -54.41
N ALA E 142 10.86 -6.65 -54.70
CA ALA E 142 10.32 -7.64 -53.78
C ALA E 142 11.42 -8.55 -53.22
N GLY E 143 12.59 -7.98 -52.97
CA GLY E 143 13.68 -8.71 -52.37
C GLY E 143 14.95 -8.71 -53.19
N SER E 144 14.80 -8.78 -54.52
CA SER E 144 15.95 -8.77 -55.41
C SER E 144 16.75 -7.48 -55.25
N LEU E 145 16.11 -6.34 -55.56
CA LEU E 145 16.78 -5.05 -55.46
C LEU E 145 16.60 -4.40 -54.09
N MET E 146 15.41 -4.48 -53.52
CA MET E 146 15.13 -3.89 -52.22
C MET E 146 13.94 -4.61 -51.61
N ASN E 147 13.57 -4.20 -50.39
CA ASN E 147 12.40 -4.74 -49.70
C ASN E 147 11.45 -3.60 -49.41
N VAL E 148 10.18 -3.79 -49.77
CA VAL E 148 9.16 -2.77 -49.63
C VAL E 148 8.02 -3.21 -48.72
N LEU E 149 7.54 -4.45 -48.89
CA LEU E 149 6.36 -4.90 -48.17
C LEU E 149 6.64 -5.01 -46.66
N ASN E 150 7.78 -5.60 -46.29
CA ASN E 150 8.13 -5.82 -44.89
C ASN E 150 9.12 -4.78 -44.37
N TYR E 151 9.03 -3.55 -44.87
CA TYR E 151 9.93 -2.50 -44.41
C TYR E 151 9.51 -2.04 -43.02
N PRO E 152 10.46 -1.72 -42.13
CA PRO E 152 10.10 -1.35 -40.75
C PRO E 152 9.26 -0.09 -40.66
N GLY E 153 9.25 0.76 -41.69
CA GLY E 153 8.42 1.94 -41.67
C GLY E 153 7.01 1.75 -42.17
N MET E 154 6.67 0.56 -42.64
CA MET E 154 5.33 0.32 -43.17
C MET E 154 4.34 0.02 -42.05
N ASN E 155 3.07 0.26 -42.34
CA ASN E 155 1.97 -0.06 -41.43
C ASN E 155 1.25 -1.34 -41.81
N HIS E 156 1.82 -2.14 -42.71
CA HIS E 156 1.16 -3.36 -43.16
C HIS E 156 2.21 -4.30 -43.74
N ARG E 157 2.05 -5.59 -43.50
CA ARG E 157 2.97 -6.61 -43.97
C ARG E 157 2.25 -7.54 -44.93
N VAL E 158 2.89 -7.82 -46.07
CA VAL E 158 2.32 -8.68 -47.10
C VAL E 158 3.26 -9.85 -47.34
N GLU E 159 2.69 -11.03 -47.59
CA GLU E 159 3.49 -12.23 -47.80
C GLU E 159 3.98 -12.32 -49.24
N ILE E 160 5.15 -12.96 -49.40
CA ILE E 160 5.85 -13.03 -50.68
C ILE E 160 6.06 -14.50 -51.04
N THR E 161 5.85 -14.81 -52.32
CA THR E 161 6.12 -16.14 -52.85
C THR E 161 6.89 -16.00 -54.17
N GLU E 162 7.93 -16.80 -54.33
CA GLU E 162 8.80 -16.72 -55.50
C GLU E 162 9.13 -18.13 -55.98
N GLY E 163 9.69 -18.20 -57.19
CA GLY E 163 10.19 -19.45 -57.71
C GLY E 163 9.20 -20.32 -58.45
N ILE E 164 8.21 -19.73 -59.10
CA ILE E 164 7.20 -20.48 -59.86
C ILE E 164 7.36 -20.13 -61.33
N LEU E 165 7.91 -21.07 -62.10
CA LEU E 165 8.05 -20.94 -63.55
C LEU E 165 8.84 -19.70 -63.93
N ALA E 166 10.04 -19.56 -63.35
CA ALA E 166 10.91 -18.45 -63.69
C ALA E 166 11.58 -18.64 -65.05
N ASP E 167 11.91 -19.88 -65.42
CA ASP E 167 12.61 -20.12 -66.67
C ASP E 167 11.73 -19.78 -67.88
N GLU E 168 10.46 -20.17 -67.84
CA GLU E 168 9.56 -19.87 -68.95
C GLU E 168 9.35 -18.36 -69.11
N CYS E 169 9.21 -17.65 -67.99
CA CYS E 169 9.05 -16.21 -68.06
C CYS E 169 10.31 -15.53 -68.59
N ALA E 170 11.49 -15.99 -68.15
CA ALA E 170 12.73 -15.42 -68.66
C ALA E 170 12.88 -15.69 -70.15
N ALA E 171 12.53 -16.90 -70.61
CA ALA E 171 12.61 -17.22 -72.02
C ALA E 171 11.65 -16.36 -72.84
N LEU E 172 10.43 -16.15 -72.33
CA LEU E 172 9.47 -15.32 -73.04
C LEU E 172 9.95 -13.88 -73.12
N LEU E 173 10.52 -13.37 -72.04
CA LEU E 173 11.05 -12.00 -72.05
C LEU E 173 12.21 -11.87 -73.03
N CYS E 174 13.10 -12.86 -73.06
CA CYS E 174 14.22 -12.81 -73.99
C CYS E 174 13.75 -12.92 -75.43
N ASP E 175 12.70 -13.69 -75.68
CA ASP E 175 12.15 -13.78 -77.03
C ASP E 175 11.48 -12.48 -77.44
N PHE E 176 10.84 -11.79 -76.49
CA PHE E 176 10.18 -10.53 -76.81
C PHE E 176 11.21 -9.42 -77.03
N TYR E 177 12.19 -9.31 -76.15
CA TYR E 177 13.23 -8.29 -76.28
C TYR E 177 14.44 -8.84 -77.03
N GLU F 33 4.66 35.67 -62.26
CA GLU F 33 3.99 34.80 -63.22
C GLU F 33 4.93 33.69 -63.70
N PHE F 34 4.47 32.44 -63.59
CA PHE F 34 5.18 31.24 -64.00
C PHE F 34 6.34 30.90 -63.09
N SER F 35 6.49 31.60 -61.97
CA SER F 35 7.52 31.29 -60.99
C SER F 35 7.15 30.06 -60.18
N HIS F 36 8.10 29.60 -59.36
CA HIS F 36 7.85 28.44 -58.53
C HIS F 36 6.71 28.70 -57.55
N GLU F 37 6.67 29.90 -56.97
CA GLU F 37 5.61 30.23 -56.02
C GLU F 37 4.25 30.24 -56.69
N TYR F 38 4.18 30.72 -57.94
CA TYR F 38 2.93 30.74 -58.69
C TYR F 38 2.39 29.31 -58.88
N TRP F 39 3.24 28.39 -59.30
CA TRP F 39 2.78 27.03 -59.50
C TRP F 39 2.44 26.36 -58.17
N MET F 40 3.24 26.60 -57.13
CA MET F 40 2.88 26.01 -55.85
C MET F 40 1.54 26.56 -55.37
N ARG F 41 1.25 27.83 -55.66
CA ARG F 41 -0.01 28.41 -55.24
C ARG F 41 -1.16 27.77 -55.99
N HIS F 42 -0.95 27.47 -57.27
CA HIS F 42 -1.98 26.77 -58.03
C HIS F 42 -2.19 25.37 -57.46
N ALA F 43 -1.09 24.70 -57.10
CA ALA F 43 -1.23 23.37 -56.50
C ALA F 43 -1.99 23.44 -55.19
N LEU F 44 -1.77 24.52 -54.42
CA LEU F 44 -2.53 24.69 -53.18
C LEU F 44 -4.00 24.95 -53.48
N THR F 45 -4.28 25.62 -54.61
CA THR F 45 -5.67 25.83 -55.00
C THR F 45 -6.33 24.50 -55.33
N LEU F 46 -5.57 23.59 -55.95
CA LEU F 46 -6.15 22.29 -56.26
C LEU F 46 -6.31 21.48 -55.00
N ALA F 47 -5.36 21.58 -54.06
CA ALA F 47 -5.51 20.86 -52.81
C ALA F 47 -6.72 21.37 -52.06
N LYS F 48 -7.04 22.67 -52.23
CA LYS F 48 -8.22 23.19 -51.55
C LYS F 48 -9.48 22.69 -52.24
N ARG F 49 -9.40 22.46 -53.56
CA ARG F 49 -10.54 21.87 -54.25
C ARG F 49 -10.78 20.47 -53.72
N ALA F 50 -9.69 19.71 -53.52
CA ALA F 50 -9.80 18.37 -52.95
C ALA F 50 -10.40 18.44 -51.55
N ARG F 51 -10.00 19.45 -50.77
CA ARG F 51 -10.57 19.66 -49.44
C ARG F 51 -12.08 19.91 -49.54
N ASP F 52 -12.51 20.62 -50.58
CA ASP F 52 -13.94 20.84 -50.78
C ASP F 52 -14.68 19.53 -50.99
N GLU F 53 -14.06 18.60 -51.73
CA GLU F 53 -14.65 17.29 -52.00
C GLU F 53 -14.53 16.35 -50.81
N ARG F 54 -14.02 16.84 -49.67
CA ARG F 54 -13.83 16.04 -48.44
C ARG F 54 -12.79 14.94 -48.64
N GLU F 55 -11.77 15.24 -49.44
CA GLU F 55 -10.66 14.33 -49.67
C GLU F 55 -9.39 14.92 -49.07
N VAL F 56 -8.38 14.07 -48.89
CA VAL F 56 -7.08 14.54 -48.41
C VAL F 56 -6.65 15.67 -49.32
N PRO F 57 -6.34 16.86 -48.79
CA PRO F 57 -5.97 17.97 -49.67
C PRO F 57 -4.56 17.91 -50.24
N VAL F 58 -4.42 17.21 -51.35
CA VAL F 58 -3.14 17.11 -52.05
C VAL F 58 -3.37 17.46 -53.51
N GLY F 59 -2.54 18.34 -54.06
CA GLY F 59 -2.66 18.73 -55.45
C GLY F 59 -1.33 18.57 -56.17
N ALA F 60 -1.43 18.43 -57.49
CA ALA F 60 -0.21 18.32 -58.28
C ALA F 60 -0.45 18.92 -59.66
N VAL F 61 0.57 19.55 -60.21
CA VAL F 61 0.51 20.09 -61.57
C VAL F 61 1.78 19.73 -62.32
N LEU F 62 1.63 19.26 -63.55
CA LEU F 62 2.74 18.87 -64.40
C LEU F 62 2.87 19.98 -65.44
N VAL F 63 4.06 20.58 -65.52
CA VAL F 63 4.34 21.73 -66.38
C VAL F 63 5.48 21.38 -67.31
N LEU F 64 5.36 21.79 -68.57
CA LEU F 64 6.47 21.73 -69.51
C LEU F 64 6.57 23.06 -70.23
N ASN F 65 7.74 23.70 -70.14
CA ASN F 65 8.05 24.93 -70.88
C ASN F 65 7.08 26.06 -70.54
N ASN F 66 6.82 26.25 -69.24
CA ASN F 66 5.93 27.31 -68.76
C ASN F 66 4.54 27.20 -69.38
N ARG F 67 4.14 25.98 -69.72
CA ARG F 67 2.83 25.67 -70.27
C ARG F 67 2.13 24.65 -69.40
N VAL F 68 0.82 24.80 -69.25
CA VAL F 68 0.03 23.86 -68.46
C VAL F 68 -0.12 22.59 -69.28
N ILE F 69 0.31 21.47 -68.71
CA ILE F 69 0.19 20.15 -69.33
C ILE F 69 -0.75 19.24 -68.56
N GLY F 70 -0.74 19.28 -67.23
CA GLY F 70 -1.65 18.43 -66.48
C GLY F 70 -1.85 18.88 -65.06
N GLU F 71 -3.07 18.68 -64.55
CA GLU F 71 -3.37 19.02 -63.17
C GLU F 71 -4.18 17.88 -62.55
N GLY F 72 -4.03 17.71 -61.24
CA GLY F 72 -4.76 16.68 -60.53
C GLY F 72 -4.86 16.95 -59.05
N TRP F 73 -5.82 16.28 -58.42
CA TRP F 73 -6.02 16.29 -56.99
C TRP F 73 -6.42 14.89 -56.53
N ASN F 74 -6.21 14.63 -55.24
CA ASN F 74 -6.55 13.33 -54.69
C ASN F 74 -8.07 13.12 -54.71
N ARG F 75 -8.48 11.98 -55.27
CA ARG F 75 -9.89 11.58 -55.35
C ARG F 75 -10.02 10.09 -55.09
N ALA F 76 -9.30 9.59 -54.07
CA ALA F 76 -9.31 8.17 -53.74
C ALA F 76 -10.67 7.73 -53.22
N ILE F 77 -11.13 8.36 -52.14
CA ILE F 77 -12.32 7.90 -51.42
C ILE F 77 -13.57 8.05 -52.28
N GLY F 78 -13.76 9.24 -52.87
CA GLY F 78 -14.93 9.48 -53.70
C GLY F 78 -14.97 8.69 -54.98
N LEU F 79 -13.84 8.16 -55.44
CA LEU F 79 -13.81 7.35 -56.65
C LEU F 79 -13.34 5.92 -56.40
N HIS F 80 -13.15 5.54 -55.13
CA HIS F 80 -12.92 4.15 -54.74
C HIS F 80 -11.69 3.55 -55.40
N ASP F 81 -10.57 4.27 -55.31
CA ASP F 81 -9.35 3.87 -56.01
C ASP F 81 -8.18 4.29 -55.14
N PRO F 82 -7.44 3.34 -54.55
CA PRO F 82 -6.31 3.72 -53.69
C PRO F 82 -5.17 4.41 -54.41
N THR F 83 -5.14 4.40 -55.75
CA THR F 83 -4.06 5.03 -56.49
C THR F 83 -4.45 6.38 -57.08
N ALA F 84 -5.68 6.85 -56.82
CA ALA F 84 -6.14 8.13 -57.38
C ALA F 84 -5.56 9.30 -56.60
N HIS F 85 -4.24 9.39 -56.59
CA HIS F 85 -3.57 10.52 -55.95
C HIS F 85 -3.36 11.65 -56.95
N ALA F 86 -3.09 12.84 -56.40
CA ALA F 86 -2.87 14.03 -57.22
C ALA F 86 -1.78 13.80 -58.26
N GLU F 87 -0.65 13.23 -57.82
CA GLU F 87 0.48 12.99 -58.71
C GLU F 87 0.11 12.04 -59.83
N ILE F 88 -0.58 10.95 -59.51
CA ILE F 88 -1.00 9.99 -60.53
C ILE F 88 -1.91 10.67 -61.56
N MET F 89 -2.89 11.43 -61.09
CA MET F 89 -3.80 12.10 -61.99
C MET F 89 -3.07 13.08 -62.90
N ALA F 90 -2.16 13.87 -62.33
CA ALA F 90 -1.40 14.83 -63.13
C ALA F 90 -0.52 14.14 -64.15
N LEU F 91 0.13 13.03 -63.76
CA LEU F 91 0.99 12.32 -64.70
C LEU F 91 0.18 11.70 -65.82
N ARG F 92 -0.98 11.12 -65.51
CA ARG F 92 -1.80 10.53 -66.56
C ARG F 92 -2.34 11.60 -67.50
N GLN F 93 -2.69 12.77 -66.96
CA GLN F 93 -3.17 13.83 -67.84
C GLN F 93 -2.03 14.31 -68.74
N GLY F 94 -0.83 14.46 -68.18
CA GLY F 94 0.29 14.90 -69.00
C GLY F 94 0.56 13.91 -70.11
N GLY F 95 0.51 12.61 -69.77
CA GLY F 95 0.75 11.57 -70.76
C GLY F 95 -0.28 11.61 -71.88
N LEU F 96 -1.54 11.85 -71.51
CA LEU F 96 -2.60 11.90 -72.51
C LEU F 96 -2.47 13.12 -73.40
N VAL F 97 -2.25 14.30 -72.80
CA VAL F 97 -2.11 15.51 -73.58
C VAL F 97 -0.89 15.43 -74.51
N MET F 98 0.22 14.88 -74.03
CA MET F 98 1.42 14.80 -74.84
C MET F 98 1.47 13.54 -75.69
N GLN F 99 0.53 12.61 -75.51
CA GLN F 99 0.50 11.34 -76.24
C GLN F 99 1.86 10.63 -76.15
N ASN F 100 2.41 10.58 -74.93
CA ASN F 100 3.70 9.96 -74.71
C ASN F 100 3.88 9.67 -73.23
N TYR F 101 4.29 8.45 -72.91
CA TYR F 101 4.52 8.06 -71.53
C TYR F 101 5.79 8.70 -70.97
N ARG F 102 6.69 9.18 -71.83
CA ARG F 102 7.91 9.84 -71.41
C ARG F 102 7.68 11.34 -71.32
N LEU F 103 7.97 11.90 -70.15
CA LEU F 103 7.74 13.32 -69.90
C LEU F 103 9.07 14.02 -69.65
N ILE F 104 10.04 13.78 -70.55
CA ILE F 104 11.37 14.36 -70.47
C ILE F 104 11.31 15.85 -70.19
N ASP F 105 12.13 16.31 -69.23
CA ASP F 105 12.30 17.69 -68.81
C ASP F 105 11.09 18.32 -68.15
N ALA F 106 10.01 17.58 -67.90
CA ALA F 106 8.85 18.21 -67.30
C ALA F 106 9.08 18.37 -65.80
N THR F 107 8.36 19.32 -65.20
CA THR F 107 8.44 19.54 -63.75
C THR F 107 7.09 19.29 -63.12
N LEU F 108 7.07 18.43 -62.10
CA LEU F 108 5.85 18.11 -61.35
C LEU F 108 5.88 18.83 -60.01
N TYR F 109 4.90 19.70 -59.78
CA TYR F 109 4.78 20.43 -58.53
C TYR F 109 3.71 19.76 -57.67
N VAL F 110 4.01 19.51 -56.41
CA VAL F 110 3.06 18.92 -55.48
C VAL F 110 3.23 19.57 -54.11
N THR F 111 2.12 19.86 -53.44
CA THR F 111 2.18 20.54 -52.15
C THR F 111 2.83 19.65 -51.09
N PHE F 112 2.25 18.47 -50.87
CA PHE F 112 2.76 17.52 -49.91
C PHE F 112 3.96 16.76 -50.50
N GLU F 113 4.59 15.92 -49.67
CA GLU F 113 5.67 15.08 -50.16
C GLU F 113 5.09 13.77 -50.70
N PRO F 114 5.49 13.33 -51.89
CA PRO F 114 4.94 12.10 -52.44
C PRO F 114 5.34 10.86 -51.67
N CYS F 115 4.46 9.87 -51.72
CA CYS F 115 4.67 8.57 -51.08
C CYS F 115 5.55 7.69 -51.99
N VAL F 116 5.82 6.47 -51.52
CA VAL F 116 6.66 5.55 -52.29
C VAL F 116 6.03 5.26 -53.64
N MET F 117 4.72 5.01 -53.66
CA MET F 117 4.00 4.77 -54.91
C MET F 117 4.18 5.93 -55.88
N CYS F 118 3.91 7.15 -55.42
CA CYS F 118 4.03 8.31 -56.29
C CYS F 118 5.47 8.52 -56.75
N ALA F 119 6.45 8.31 -55.86
CA ALA F 119 7.84 8.46 -56.27
C ALA F 119 8.17 7.46 -57.37
N GLY F 120 7.69 6.22 -57.24
CA GLY F 120 7.95 5.22 -58.25
C GLY F 120 7.30 5.62 -59.57
N ALA F 121 6.09 6.17 -59.50
CA ALA F 121 5.42 6.58 -60.73
C ALA F 121 6.19 7.71 -61.40
N MET F 122 6.74 8.63 -60.59
CA MET F 122 7.53 9.73 -61.15
C MET F 122 8.76 9.19 -61.85
N ILE F 123 9.38 8.16 -61.26
CA ILE F 123 10.56 7.53 -61.87
C ILE F 123 10.16 6.90 -63.21
N HIS F 124 9.04 6.17 -63.21
CA HIS F 124 8.57 5.52 -64.43
C HIS F 124 8.19 6.54 -65.51
N SER F 125 7.73 7.73 -65.10
CA SER F 125 7.35 8.74 -66.07
C SER F 125 8.55 9.45 -66.69
N ARG F 126 9.74 9.31 -66.08
CA ARG F 126 10.97 9.94 -66.57
C ARG F 126 10.90 11.47 -66.56
N ILE F 127 10.15 12.04 -65.61
CA ILE F 127 10.05 13.50 -65.58
C ILE F 127 11.39 14.09 -65.13
N GLY F 128 11.57 15.38 -65.40
CA GLY F 128 12.82 16.04 -65.07
C GLY F 128 13.02 16.45 -63.62
N ARG F 129 11.97 16.89 -62.95
CA ARG F 129 12.13 17.37 -61.59
C ARG F 129 10.79 17.28 -60.86
N VAL F 130 10.87 17.11 -59.54
CA VAL F 130 9.70 17.19 -58.66
C VAL F 130 9.97 18.29 -57.65
N VAL F 131 8.99 19.17 -57.47
CA VAL F 131 9.07 20.24 -56.48
C VAL F 131 7.98 20.03 -55.43
N PHE F 132 8.38 19.82 -54.19
CA PHE F 132 7.42 19.62 -53.12
C PHE F 132 7.62 20.69 -52.04
N GLY F 133 6.61 20.88 -51.21
CA GLY F 133 6.69 21.89 -50.17
C GLY F 133 7.14 21.37 -48.82
N VAL F 134 6.19 21.30 -47.87
CA VAL F 134 6.47 20.78 -46.55
C VAL F 134 6.92 19.32 -46.63
N ARG F 135 7.95 18.98 -45.86
CA ARG F 135 8.33 17.59 -45.71
C ARG F 135 7.30 16.84 -44.86
N ASN F 136 7.50 15.52 -44.77
CA ASN F 136 6.78 14.70 -43.79
C ASN F 136 7.70 13.54 -43.42
N SER F 137 8.40 13.66 -42.30
CA SER F 137 9.35 12.62 -41.93
C SER F 137 8.71 11.55 -41.05
N LYS F 138 7.61 10.95 -41.50
CA LYS F 138 7.21 9.64 -41.01
C LYS F 138 6.81 8.68 -42.12
N ARG F 139 6.58 9.17 -43.33
CA ARG F 139 6.40 8.29 -44.49
C ARG F 139 7.15 8.76 -45.73
N GLY F 140 7.84 9.90 -45.66
CA GLY F 140 8.47 10.49 -46.84
C GLY F 140 9.29 9.54 -47.68
N ALA F 141 9.15 9.63 -49.01
CA ALA F 141 9.87 8.76 -49.92
C ALA F 141 11.00 9.47 -50.64
N ALA F 142 11.43 10.64 -50.15
CA ALA F 142 12.53 11.36 -50.78
C ALA F 142 13.70 11.58 -49.81
N GLY F 143 14.04 10.55 -49.04
CA GLY F 143 15.15 10.70 -48.13
C GLY F 143 14.87 10.42 -46.66
N SER F 144 13.69 10.81 -46.18
CA SER F 144 13.38 10.60 -44.76
C SER F 144 13.30 9.12 -44.40
N LEU F 145 12.29 8.43 -44.91
CA LEU F 145 12.18 7.01 -44.63
C LEU F 145 13.13 6.19 -45.49
N MET F 146 13.32 6.62 -46.74
CA MET F 146 14.24 5.97 -47.67
C MET F 146 14.46 6.91 -48.83
N ASN F 147 15.47 6.60 -49.65
CA ASN F 147 15.78 7.35 -50.85
C ASN F 147 15.51 6.46 -52.06
N VAL F 148 14.49 6.81 -52.84
CA VAL F 148 14.09 6.04 -54.01
C VAL F 148 14.36 6.81 -55.30
N LEU F 149 14.04 8.10 -55.32
CA LEU F 149 14.20 8.90 -56.54
C LEU F 149 15.65 8.89 -57.02
N ASN F 150 16.58 9.12 -56.10
CA ASN F 150 18.01 9.16 -56.39
C ASN F 150 18.70 7.82 -56.11
N TYR F 151 17.97 6.73 -56.22
CA TYR F 151 18.54 5.42 -55.92
C TYR F 151 19.62 5.08 -56.95
N PRO F 152 20.72 4.45 -56.52
CA PRO F 152 21.83 4.22 -57.45
C PRO F 152 21.49 3.30 -58.62
N GLY F 153 20.55 2.36 -58.45
CA GLY F 153 20.26 1.48 -59.55
C GLY F 153 19.22 1.96 -60.55
N MET F 154 18.70 3.16 -60.39
CA MET F 154 17.69 3.65 -61.32
C MET F 154 18.35 4.07 -62.63
N ASN F 155 17.58 4.00 -63.72
CA ASN F 155 18.11 4.38 -65.02
C ASN F 155 17.87 5.85 -65.34
N HIS F 156 17.36 6.63 -64.38
CA HIS F 156 17.14 8.05 -64.61
C HIS F 156 17.13 8.77 -63.27
N ARG F 157 17.83 9.90 -63.18
CA ARG F 157 17.89 10.68 -61.96
C ARG F 157 16.90 11.84 -62.05
N VAL F 158 15.97 11.88 -61.11
CA VAL F 158 14.98 12.95 -61.01
C VAL F 158 15.44 13.95 -59.97
N GLU F 159 15.45 15.23 -60.34
CA GLU F 159 15.86 16.27 -59.40
C GLU F 159 14.74 16.54 -58.39
N ILE F 160 15.14 17.00 -57.21
CA ILE F 160 14.21 17.29 -56.12
C ILE F 160 14.40 18.73 -55.66
N THR F 161 13.31 19.48 -55.59
CA THR F 161 13.30 20.82 -55.02
C THR F 161 12.39 20.79 -53.80
N GLU F 162 12.92 21.21 -52.64
CA GLU F 162 12.17 21.20 -51.39
C GLU F 162 11.92 22.57 -50.77
N GLY F 163 10.87 22.61 -49.95
CA GLY F 163 10.47 23.74 -49.12
C GLY F 163 9.73 24.92 -49.73
N ILE F 164 9.18 24.79 -50.93
CA ILE F 164 8.43 25.91 -51.52
C ILE F 164 7.10 26.07 -50.79
N LEU F 165 6.88 27.24 -50.20
CA LEU F 165 5.68 27.54 -49.42
C LEU F 165 5.44 26.53 -48.31
N ALA F 166 6.52 26.02 -47.72
CA ALA F 166 6.42 25.01 -46.67
C ALA F 166 5.48 25.44 -45.54
N ASP F 167 5.47 26.75 -45.23
CA ASP F 167 4.63 27.24 -44.15
C ASP F 167 3.14 27.15 -44.49
N GLU F 168 2.77 27.55 -45.71
CA GLU F 168 1.35 27.46 -46.08
C GLU F 168 0.93 26.00 -46.23
N CYS F 169 1.80 25.16 -46.79
CA CYS F 169 1.46 23.76 -46.96
C CYS F 169 1.24 23.08 -45.61
N ALA F 170 2.17 23.30 -44.68
CA ALA F 170 2.02 22.69 -43.36
C ALA F 170 0.84 23.28 -42.61
N ALA F 171 0.53 24.56 -42.82
CA ALA F 171 -0.63 25.10 -42.11
C ALA F 171 -1.90 24.50 -42.65
N LEU F 172 -1.95 24.27 -43.97
CA LEU F 172 -3.12 23.66 -44.58
C LEU F 172 -3.33 22.26 -44.04
N LEU F 173 -2.23 21.50 -43.97
CA LEU F 173 -2.31 20.13 -43.47
C LEU F 173 -2.71 20.08 -42.00
N CYS F 174 -2.14 20.96 -41.18
CA CYS F 174 -2.52 21.00 -39.77
C CYS F 174 -4.00 21.38 -39.61
N ASP F 175 -4.47 22.38 -40.37
CA ASP F 175 -5.87 22.74 -40.31
C ASP F 175 -6.78 21.60 -40.76
N PHE F 176 -6.29 20.75 -41.67
CA PHE F 176 -7.12 19.63 -42.13
C PHE F 176 -7.15 18.51 -41.09
N TYR F 177 -5.98 18.12 -40.60
CA TYR F 177 -5.90 17.07 -39.58
C TYR F 177 -6.52 17.53 -38.27
N ARG F 178 -6.30 18.80 -37.90
CA ARG F 178 -6.71 19.34 -36.60
C ARG F 178 -6.00 18.60 -35.47
N MET F 179 -4.67 18.53 -35.56
CA MET F 179 -3.82 17.90 -34.57
C MET F 179 -2.47 18.62 -34.55
N PRO F 180 -2.19 19.37 -33.50
CA PRO F 180 -1.02 20.26 -33.51
C PRO F 180 0.26 19.52 -33.15
N ARG F 181 1.36 20.28 -33.13
CA ARG F 181 2.69 19.86 -32.70
C ARG F 181 3.39 18.98 -33.72
N GLN F 182 2.66 18.57 -34.77
CA GLN F 182 3.28 17.77 -35.82
C GLN F 182 4.03 18.64 -36.82
N VAL F 183 3.35 19.66 -37.34
CA VAL F 183 3.95 20.54 -38.34
C VAL F 183 5.17 21.27 -37.78
N PHE F 184 5.04 21.81 -36.56
CA PHE F 184 6.16 22.52 -35.95
C PHE F 184 7.34 21.58 -35.71
N ASN F 185 7.08 20.37 -35.22
CA ASN F 185 8.16 19.40 -35.03
C ASN F 185 8.84 19.06 -36.35
N ALA F 186 8.06 18.88 -37.42
CA ALA F 186 8.64 18.55 -38.71
C ALA F 186 9.48 19.70 -39.25
N GLN F 187 8.98 20.94 -39.11
CA GLN F 187 9.73 22.09 -39.58
C GLN F 187 11.02 22.28 -38.79
N LYS F 188 10.96 22.08 -37.48
CA LYS F 188 12.14 22.24 -36.63
C LYS F 188 13.02 20.99 -36.69
#